data_2CW9
# 
_entry.id   2CW9 
# 
_audit_conform.dict_name       mmcif_pdbx.dic 
_audit_conform.dict_version    5.399 
_audit_conform.dict_location   http://mmcif.pdb.org/dictionaries/ascii/mmcif_pdbx.dic 
# 
loop_
_database_2.database_id 
_database_2.database_code 
_database_2.pdbx_database_accession 
_database_2.pdbx_DOI 
PDB   2CW9         pdb_00002cw9 10.2210/pdb2cw9/pdb 
RCSB  RCSB024695   ?            ?                   
WWPDB D_1000024695 ?            ?                   
# 
loop_
_pdbx_audit_revision_history.ordinal 
_pdbx_audit_revision_history.data_content_type 
_pdbx_audit_revision_history.major_revision 
_pdbx_audit_revision_history.minor_revision 
_pdbx_audit_revision_history.revision_date 
1 'Structure model' 1 0 2005-12-17 
2 'Structure model' 1 1 2007-10-30 
3 'Structure model' 1 2 2011-07-13 
4 'Structure model' 1 3 2024-11-20 
# 
_pdbx_audit_revision_details.ordinal             1 
_pdbx_audit_revision_details.revision_ordinal    1 
_pdbx_audit_revision_details.data_content_type   'Structure model' 
_pdbx_audit_revision_details.provider            repository 
_pdbx_audit_revision_details.type                'Initial release' 
_pdbx_audit_revision_details.description         ? 
_pdbx_audit_revision_details.details             ? 
# 
loop_
_pdbx_audit_revision_group.ordinal 
_pdbx_audit_revision_group.revision_ordinal 
_pdbx_audit_revision_group.data_content_type 
_pdbx_audit_revision_group.group 
1 2 'Structure model' 'Version format compliance' 
2 3 'Structure model' 'Version format compliance' 
3 4 'Structure model' 'Data collection'           
4 4 'Structure model' 'Database references'       
5 4 'Structure model' 'Derived calculations'      
6 4 'Structure model' 'Structure summary'         
# 
loop_
_pdbx_audit_revision_category.ordinal 
_pdbx_audit_revision_category.revision_ordinal 
_pdbx_audit_revision_category.data_content_type 
_pdbx_audit_revision_category.category 
1 4 'Structure model' chem_comp_atom            
2 4 'Structure model' chem_comp_bond            
3 4 'Structure model' database_2                
4 4 'Structure model' pdbx_entry_details        
5 4 'Structure model' pdbx_modification_feature 
6 4 'Structure model' struct_conn               
7 4 'Structure model' struct_ref_seq_dif        
8 4 'Structure model' struct_site               
# 
loop_
_pdbx_audit_revision_item.ordinal 
_pdbx_audit_revision_item.revision_ordinal 
_pdbx_audit_revision_item.data_content_type 
_pdbx_audit_revision_item.item 
1 4 'Structure model' '_database_2.pdbx_DOI'                
2 4 'Structure model' '_database_2.pdbx_database_accession' 
3 4 'Structure model' '_struct_conn.pdbx_leaving_atom_flag' 
4 4 'Structure model' '_struct_ref_seq_dif.details'         
5 4 'Structure model' '_struct_site.pdbx_auth_asym_id'      
6 4 'Structure model' '_struct_site.pdbx_auth_comp_id'      
7 4 'Structure model' '_struct_site.pdbx_auth_seq_id'       
# 
_pdbx_database_status.status_code                     REL 
_pdbx_database_status.entry_id                        2CW9 
_pdbx_database_status.recvd_initial_deposition_date   2005-06-17 
_pdbx_database_status.deposit_site                    PDBJ 
_pdbx_database_status.process_site                    PDBJ 
_pdbx_database_status.status_code_sf                  REL 
_pdbx_database_status.status_code_mr                  ? 
_pdbx_database_status.SG_entry                        Y 
_pdbx_database_status.pdb_format_compatible           Y 
_pdbx_database_status.status_code_cs                  ? 
_pdbx_database_status.status_code_nmr_data            ? 
_pdbx_database_status.methods_development_category    ? 
# 
_pdbx_database_related.db_name        TargetDB 
_pdbx_database_related.db_id          hss001002567.1 
_pdbx_database_related.details        . 
_pdbx_database_related.content_type   unspecified 
# 
loop_
_audit_author.name 
_audit_author.pdbx_ordinal 
'Handa, N.'                                              1  
'Kishishita, S.'                                         2  
'Morita, S.'                                             3  
'Kinoshita, Y.'                                          4  
'Nagano, Y.'                                             5  
'Uda, H.'                                                6  
'Terada, T.'                                             7  
'Uchikubo, T.'                                           8  
'Takemoto, C.'                                           9  
'Jin, Z.'                                                10 
'Chrzas, J.'                                             11 
'Chen, L.'                                               12 
'Liu, Z.-J.'                                             13 
'Wang, B.-C.'                                            14 
'Shirouzu, M.'                                           15 
'Yokoyama, S.'                                           16 
'RIKEN Structural Genomics/Proteomics Initiative (RSGI)' 17 
# 
_citation.id                        primary 
_citation.title                     
'Structure of the human Tim44 C-terminal domain in complex with pentaethylene glycol: ligand-bound form.' 
_citation.journal_abbrev            'Acta Crystallogr.,Sect.D' 
_citation.journal_volume            63 
_citation.page_first                1225 
_citation.page_last                 1234 
_citation.year                      2007 
_citation.journal_id_ASTM           ABCRE6 
_citation.country                   DK 
_citation.journal_id_ISSN           0907-4449 
_citation.journal_id_CSD            0766 
_citation.book_publisher            ? 
_citation.pdbx_database_id_PubMed   18084070 
_citation.pdbx_database_id_DOI      10.1107/S0907444907051463 
# 
loop_
_citation_author.citation_id 
_citation_author.name 
_citation_author.ordinal 
_citation_author.identifier_ORCID 
primary 'Handa, N.'      1  ? 
primary 'Kishishita, S.' 2  ? 
primary 'Morita, S.'     3  ? 
primary 'Akasaka, R.'    4  ? 
primary 'Jin, Z.'        5  ? 
primary 'Chrzas, J.'     6  ? 
primary 'Chen, L.'       7  ? 
primary 'Liu, Z.J.'      8  ? 
primary 'Wang, B.C.'     9  ? 
primary 'Sugano, S.'     10 ? 
primary 'Tanaka, A.'     11 ? 
primary 'Terada, T.'     12 ? 
primary 'Shirouzu, M.'   13 ? 
primary 'Yokoyama, S.'   14 ? 
# 
loop_
_entity.id 
_entity.type 
_entity.src_method 
_entity.pdbx_description 
_entity.formula_weight 
_entity.pdbx_number_of_molecules 
_entity.pdbx_ec 
_entity.pdbx_mutation 
_entity.pdbx_fragment 
_entity.details 
1 polymer     man 'translocase of inner mitochondrial membrane' 21935.025 1   ? ? 'C-TERMINAL DOMAIN' ? 
2 non-polymer syn 'PENTAETHYLENE GLYCOL'                        238.278   2   ? ? ?                   ? 
3 water       nat water                                         18.015    151 ? ? ?                   ? 
# 
_entity_poly.entity_id                      1 
_entity_poly.type                           'polypeptide(L)' 
_entity_poly.nstd_linkage                   no 
_entity_poly.nstd_monomer                   yes 
_entity_poly.pdbx_seq_one_letter_code       
;GSSGSSGDESDNAFIRASRALTDKVTDLLGGLFSKTE(MSE)SEVLTEILRVDPAFDKDRFLKQCENDIIPNVLEA
(MSE)ISGELDILKDWCYEATYSQLAHPIQQAKALGLQFHSRILDIDNVDLA(MSE)GK(MSE)VEQGPVLIITFQAQLV
(MSE)VVRNPKGEVVEGDPDKVLR(MSE)LYVWALCRDQDELNPYAAWRLLDISASSTEQIL
;
_entity_poly.pdbx_seq_one_letter_code_can   
;GSSGSSGDESDNAFIRASRALTDKVTDLLGGLFSKTEMSEVLTEILRVDPAFDKDRFLKQCENDIIPNVLEAMISGELDI
LKDWCYEATYSQLAHPIQQAKALGLQFHSRILDIDNVDLAMGKMVEQGPVLIITFQAQLVMVVRNPKGEVVEGDPDKVLR
MLYVWALCRDQDELNPYAAWRLLDISASSTEQIL
;
_entity_poly.pdbx_strand_id                 A 
_entity_poly.pdbx_target_identifier         hss001002567.1 
# 
loop_
_pdbx_entity_nonpoly.entity_id 
_pdbx_entity_nonpoly.name 
_pdbx_entity_nonpoly.comp_id 
2 'PENTAETHYLENE GLYCOL' 1PE 
3 water                  HOH 
# 
loop_
_entity_poly_seq.entity_id 
_entity_poly_seq.num 
_entity_poly_seq.mon_id 
_entity_poly_seq.hetero 
1 1   GLY n 
1 2   SER n 
1 3   SER n 
1 4   GLY n 
1 5   SER n 
1 6   SER n 
1 7   GLY n 
1 8   ASP n 
1 9   GLU n 
1 10  SER n 
1 11  ASP n 
1 12  ASN n 
1 13  ALA n 
1 14  PHE n 
1 15  ILE n 
1 16  ARG n 
1 17  ALA n 
1 18  SER n 
1 19  ARG n 
1 20  ALA n 
1 21  LEU n 
1 22  THR n 
1 23  ASP n 
1 24  LYS n 
1 25  VAL n 
1 26  THR n 
1 27  ASP n 
1 28  LEU n 
1 29  LEU n 
1 30  GLY n 
1 31  GLY n 
1 32  LEU n 
1 33  PHE n 
1 34  SER n 
1 35  LYS n 
1 36  THR n 
1 37  GLU n 
1 38  MSE n 
1 39  SER n 
1 40  GLU n 
1 41  VAL n 
1 42  LEU n 
1 43  THR n 
1 44  GLU n 
1 45  ILE n 
1 46  LEU n 
1 47  ARG n 
1 48  VAL n 
1 49  ASP n 
1 50  PRO n 
1 51  ALA n 
1 52  PHE n 
1 53  ASP n 
1 54  LYS n 
1 55  ASP n 
1 56  ARG n 
1 57  PHE n 
1 58  LEU n 
1 59  LYS n 
1 60  GLN n 
1 61  CYS n 
1 62  GLU n 
1 63  ASN n 
1 64  ASP n 
1 65  ILE n 
1 66  ILE n 
1 67  PRO n 
1 68  ASN n 
1 69  VAL n 
1 70  LEU n 
1 71  GLU n 
1 72  ALA n 
1 73  MSE n 
1 74  ILE n 
1 75  SER n 
1 76  GLY n 
1 77  GLU n 
1 78  LEU n 
1 79  ASP n 
1 80  ILE n 
1 81  LEU n 
1 82  LYS n 
1 83  ASP n 
1 84  TRP n 
1 85  CYS n 
1 86  TYR n 
1 87  GLU n 
1 88  ALA n 
1 89  THR n 
1 90  TYR n 
1 91  SER n 
1 92  GLN n 
1 93  LEU n 
1 94  ALA n 
1 95  HIS n 
1 96  PRO n 
1 97  ILE n 
1 98  GLN n 
1 99  GLN n 
1 100 ALA n 
1 101 LYS n 
1 102 ALA n 
1 103 LEU n 
1 104 GLY n 
1 105 LEU n 
1 106 GLN n 
1 107 PHE n 
1 108 HIS n 
1 109 SER n 
1 110 ARG n 
1 111 ILE n 
1 112 LEU n 
1 113 ASP n 
1 114 ILE n 
1 115 ASP n 
1 116 ASN n 
1 117 VAL n 
1 118 ASP n 
1 119 LEU n 
1 120 ALA n 
1 121 MSE n 
1 122 GLY n 
1 123 LYS n 
1 124 MSE n 
1 125 VAL n 
1 126 GLU n 
1 127 GLN n 
1 128 GLY n 
1 129 PRO n 
1 130 VAL n 
1 131 LEU n 
1 132 ILE n 
1 133 ILE n 
1 134 THR n 
1 135 PHE n 
1 136 GLN n 
1 137 ALA n 
1 138 GLN n 
1 139 LEU n 
1 140 VAL n 
1 141 MSE n 
1 142 VAL n 
1 143 VAL n 
1 144 ARG n 
1 145 ASN n 
1 146 PRO n 
1 147 LYS n 
1 148 GLY n 
1 149 GLU n 
1 150 VAL n 
1 151 VAL n 
1 152 GLU n 
1 153 GLY n 
1 154 ASP n 
1 155 PRO n 
1 156 ASP n 
1 157 LYS n 
1 158 VAL n 
1 159 LEU n 
1 160 ARG n 
1 161 MSE n 
1 162 LEU n 
1 163 TYR n 
1 164 VAL n 
1 165 TRP n 
1 166 ALA n 
1 167 LEU n 
1 168 CYS n 
1 169 ARG n 
1 170 ASP n 
1 171 GLN n 
1 172 ASP n 
1 173 GLU n 
1 174 LEU n 
1 175 ASN n 
1 176 PRO n 
1 177 TYR n 
1 178 ALA n 
1 179 ALA n 
1 180 TRP n 
1 181 ARG n 
1 182 LEU n 
1 183 LEU n 
1 184 ASP n 
1 185 ILE n 
1 186 SER n 
1 187 ALA n 
1 188 SER n 
1 189 SER n 
1 190 THR n 
1 191 GLU n 
1 192 GLN n 
1 193 ILE n 
1 194 LEU n 
# 
_entity_src_gen.entity_id                          1 
_entity_src_gen.pdbx_src_id                        1 
_entity_src_gen.pdbx_alt_source_flag               sample 
_entity_src_gen.pdbx_seq_type                      ? 
_entity_src_gen.pdbx_beg_seq_num                   ? 
_entity_src_gen.pdbx_end_seq_num                   ? 
_entity_src_gen.gene_src_common_name               human 
_entity_src_gen.gene_src_genus                     Homo 
_entity_src_gen.pdbx_gene_src_gene                 ? 
_entity_src_gen.gene_src_species                   ? 
_entity_src_gen.gene_src_strain                    ? 
_entity_src_gen.gene_src_tissue                    ? 
_entity_src_gen.gene_src_tissue_fraction           ? 
_entity_src_gen.gene_src_details                   ? 
_entity_src_gen.pdbx_gene_src_fragment             ? 
_entity_src_gen.pdbx_gene_src_scientific_name      'Homo sapiens' 
_entity_src_gen.pdbx_gene_src_ncbi_taxonomy_id     9606 
_entity_src_gen.pdbx_gene_src_variant              ? 
_entity_src_gen.pdbx_gene_src_cell_line            ? 
_entity_src_gen.pdbx_gene_src_atcc                 ? 
_entity_src_gen.pdbx_gene_src_organ                ? 
_entity_src_gen.pdbx_gene_src_organelle            ? 
_entity_src_gen.pdbx_gene_src_cell                 ? 
_entity_src_gen.pdbx_gene_src_cellular_location    ? 
_entity_src_gen.host_org_common_name               ? 
_entity_src_gen.pdbx_host_org_scientific_name      ? 
_entity_src_gen.pdbx_host_org_ncbi_taxonomy_id     ? 
_entity_src_gen.host_org_genus                     ? 
_entity_src_gen.pdbx_host_org_gene                 ? 
_entity_src_gen.pdbx_host_org_organ                ? 
_entity_src_gen.host_org_species                   ? 
_entity_src_gen.pdbx_host_org_tissue               ? 
_entity_src_gen.pdbx_host_org_tissue_fraction      ? 
_entity_src_gen.pdbx_host_org_strain               ? 
_entity_src_gen.pdbx_host_org_variant              ? 
_entity_src_gen.pdbx_host_org_cell_line            ? 
_entity_src_gen.pdbx_host_org_atcc                 ? 
_entity_src_gen.pdbx_host_org_culture_collection   ? 
_entity_src_gen.pdbx_host_org_cell                 ? 
_entity_src_gen.pdbx_host_org_organelle            ? 
_entity_src_gen.pdbx_host_org_cellular_location    ? 
_entity_src_gen.pdbx_host_org_vector_type          ? 
_entity_src_gen.pdbx_host_org_vector               ? 
_entity_src_gen.host_org_details                   ? 
_entity_src_gen.expression_system_id               ? 
_entity_src_gen.plasmid_name                       ? 
_entity_src_gen.plasmid_details                    ? 
_entity_src_gen.pdbx_description                   'Cell free' 
# 
loop_
_chem_comp.id 
_chem_comp.type 
_chem_comp.mon_nstd_flag 
_chem_comp.name 
_chem_comp.pdbx_synonyms 
_chem_comp.formula 
_chem_comp.formula_weight 
1PE non-polymer         . 'PENTAETHYLENE GLYCOL' PEG400 'C10 H22 O6'     238.278 
ALA 'L-peptide linking' y ALANINE                ?      'C3 H7 N O2'     89.093  
ARG 'L-peptide linking' y ARGININE               ?      'C6 H15 N4 O2 1' 175.209 
ASN 'L-peptide linking' y ASPARAGINE             ?      'C4 H8 N2 O3'    132.118 
ASP 'L-peptide linking' y 'ASPARTIC ACID'        ?      'C4 H7 N O4'     133.103 
CYS 'L-peptide linking' y CYSTEINE               ?      'C3 H7 N O2 S'   121.158 
GLN 'L-peptide linking' y GLUTAMINE              ?      'C5 H10 N2 O3'   146.144 
GLU 'L-peptide linking' y 'GLUTAMIC ACID'        ?      'C5 H9 N O4'     147.129 
GLY 'peptide linking'   y GLYCINE                ?      'C2 H5 N O2'     75.067  
HIS 'L-peptide linking' y HISTIDINE              ?      'C6 H10 N3 O2 1' 156.162 
HOH non-polymer         . WATER                  ?      'H2 O'           18.015  
ILE 'L-peptide linking' y ISOLEUCINE             ?      'C6 H13 N O2'    131.173 
LEU 'L-peptide linking' y LEUCINE                ?      'C6 H13 N O2'    131.173 
LYS 'L-peptide linking' y LYSINE                 ?      'C6 H15 N2 O2 1' 147.195 
MSE 'L-peptide linking' n SELENOMETHIONINE       ?      'C5 H11 N O2 Se' 196.106 
PHE 'L-peptide linking' y PHENYLALANINE          ?      'C9 H11 N O2'    165.189 
PRO 'L-peptide linking' y PROLINE                ?      'C5 H9 N O2'     115.130 
SER 'L-peptide linking' y SERINE                 ?      'C3 H7 N O3'     105.093 
THR 'L-peptide linking' y THREONINE              ?      'C4 H9 N O3'     119.119 
TRP 'L-peptide linking' y TRYPTOPHAN             ?      'C11 H12 N2 O2'  204.225 
TYR 'L-peptide linking' y TYROSINE               ?      'C9 H11 N O3'    181.189 
VAL 'L-peptide linking' y VALINE                 ?      'C5 H11 N O2'    117.146 
# 
loop_
_pdbx_poly_seq_scheme.asym_id 
_pdbx_poly_seq_scheme.entity_id 
_pdbx_poly_seq_scheme.seq_id 
_pdbx_poly_seq_scheme.mon_id 
_pdbx_poly_seq_scheme.ndb_seq_num 
_pdbx_poly_seq_scheme.pdb_seq_num 
_pdbx_poly_seq_scheme.auth_seq_num 
_pdbx_poly_seq_scheme.pdb_mon_id 
_pdbx_poly_seq_scheme.auth_mon_id 
_pdbx_poly_seq_scheme.pdb_strand_id 
_pdbx_poly_seq_scheme.pdb_ins_code 
_pdbx_poly_seq_scheme.hetero 
A 1 1   GLY 1   259 ?   ?   ?   A . n 
A 1 2   SER 2   260 ?   ?   ?   A . n 
A 1 3   SER 3   261 ?   ?   ?   A . n 
A 1 4   GLY 4   262 ?   ?   ?   A . n 
A 1 5   SER 5   263 ?   ?   ?   A . n 
A 1 6   SER 6   264 ?   ?   ?   A . n 
A 1 7   GLY 7   265 ?   ?   ?   A . n 
A 1 8   ASP 8   266 ?   ?   ?   A . n 
A 1 9   GLU 9   267 ?   ?   ?   A . n 
A 1 10  SER 10  268 ?   ?   ?   A . n 
A 1 11  ASP 11  269 ?   ?   ?   A . n 
A 1 12  ASN 12  270 270 ASN ASN A . n 
A 1 13  ALA 13  271 271 ALA ALA A . n 
A 1 14  PHE 14  272 272 PHE PHE A . n 
A 1 15  ILE 15  273 273 ILE ILE A . n 
A 1 16  ARG 16  274 274 ARG ARG A . n 
A 1 17  ALA 17  275 275 ALA ALA A . n 
A 1 18  SER 18  276 276 SER SER A . n 
A 1 19  ARG 19  277 277 ARG ARG A . n 
A 1 20  ALA 20  278 278 ALA ALA A . n 
A 1 21  LEU 21  279 279 LEU LEU A . n 
A 1 22  THR 22  280 280 THR THR A . n 
A 1 23  ASP 23  281 281 ASP ASP A . n 
A 1 24  LYS 24  282 282 LYS LYS A . n 
A 1 25  VAL 25  283 283 VAL VAL A . n 
A 1 26  THR 26  284 284 THR THR A . n 
A 1 27  ASP 27  285 285 ASP ASP A . n 
A 1 28  LEU 28  286 286 LEU LEU A . n 
A 1 29  LEU 29  287 287 LEU LEU A . n 
A 1 30  GLY 30  288 288 GLY GLY A . n 
A 1 31  GLY 31  289 289 GLY GLY A . n 
A 1 32  LEU 32  290 290 LEU LEU A . n 
A 1 33  PHE 33  291 291 PHE PHE A . n 
A 1 34  SER 34  292 292 SER SER A . n 
A 1 35  LYS 35  293 293 LYS LYS A . n 
A 1 36  THR 36  294 294 THR THR A . n 
A 1 37  GLU 37  295 295 GLU GLU A . n 
A 1 38  MSE 38  296 296 MSE MSE A . n 
A 1 39  SER 39  297 297 SER SER A . n 
A 1 40  GLU 40  298 298 GLU GLU A . n 
A 1 41  VAL 41  299 299 VAL VAL A . n 
A 1 42  LEU 42  300 300 LEU LEU A . n 
A 1 43  THR 43  301 301 THR THR A . n 
A 1 44  GLU 44  302 302 GLU GLU A . n 
A 1 45  ILE 45  303 303 ILE ILE A . n 
A 1 46  LEU 46  304 304 LEU LEU A . n 
A 1 47  ARG 47  305 305 ARG ARG A . n 
A 1 48  VAL 48  306 306 VAL VAL A . n 
A 1 49  ASP 49  307 307 ASP ASP A . n 
A 1 50  PRO 50  308 308 PRO PRO A . n 
A 1 51  ALA 51  309 309 ALA ALA A . n 
A 1 52  PHE 52  310 310 PHE PHE A . n 
A 1 53  ASP 53  311 311 ASP ASP A . n 
A 1 54  LYS 54  312 312 LYS LYS A . n 
A 1 55  ASP 55  313 313 ASP ASP A . n 
A 1 56  ARG 56  314 314 ARG ARG A . n 
A 1 57  PHE 57  315 315 PHE PHE A . n 
A 1 58  LEU 58  316 316 LEU LEU A . n 
A 1 59  LYS 59  317 317 LYS LYS A . n 
A 1 60  GLN 60  318 318 GLN GLN A . n 
A 1 61  CYS 61  319 319 CYS CYS A . n 
A 1 62  GLU 62  320 320 GLU GLU A . n 
A 1 63  ASN 63  321 321 ASN ASN A . n 
A 1 64  ASP 64  322 322 ASP ASP A . n 
A 1 65  ILE 65  323 323 ILE ILE A . n 
A 1 66  ILE 66  324 324 ILE ILE A . n 
A 1 67  PRO 67  325 325 PRO PRO A . n 
A 1 68  ASN 68  326 326 ASN ASN A . n 
A 1 69  VAL 69  327 327 VAL VAL A . n 
A 1 70  LEU 70  328 328 LEU LEU A . n 
A 1 71  GLU 71  329 329 GLU GLU A . n 
A 1 72  ALA 72  330 330 ALA ALA A . n 
A 1 73  MSE 73  331 331 MSE MSE A . n 
A 1 74  ILE 74  332 332 ILE ILE A . n 
A 1 75  SER 75  333 333 SER SER A . n 
A 1 76  GLY 76  334 334 GLY GLY A . n 
A 1 77  GLU 77  335 335 GLU GLU A . n 
A 1 78  LEU 78  336 336 LEU LEU A . n 
A 1 79  ASP 79  337 337 ASP ASP A . n 
A 1 80  ILE 80  338 338 ILE ILE A . n 
A 1 81  LEU 81  339 339 LEU LEU A . n 
A 1 82  LYS 82  340 340 LYS LYS A . n 
A 1 83  ASP 83  341 341 ASP ASP A . n 
A 1 84  TRP 84  342 342 TRP TRP A . n 
A 1 85  CYS 85  343 343 CYS CYS A . n 
A 1 86  TYR 86  344 344 TYR TYR A . n 
A 1 87  GLU 87  345 345 GLU GLU A . n 
A 1 88  ALA 88  346 346 ALA ALA A . n 
A 1 89  THR 89  347 347 THR THR A . n 
A 1 90  TYR 90  348 348 TYR TYR A . n 
A 1 91  SER 91  349 349 SER SER A . n 
A 1 92  GLN 92  350 350 GLN GLN A . n 
A 1 93  LEU 93  351 351 LEU LEU A . n 
A 1 94  ALA 94  352 352 ALA ALA A . n 
A 1 95  HIS 95  353 353 HIS HIS A . n 
A 1 96  PRO 96  354 354 PRO PRO A . n 
A 1 97  ILE 97  355 355 ILE ILE A . n 
A 1 98  GLN 98  356 356 GLN GLN A . n 
A 1 99  GLN 99  357 357 GLN GLN A . n 
A 1 100 ALA 100 358 358 ALA ALA A . n 
A 1 101 LYS 101 359 359 LYS LYS A . n 
A 1 102 ALA 102 360 360 ALA ALA A . n 
A 1 103 LEU 103 361 361 LEU LEU A . n 
A 1 104 GLY 104 362 362 GLY GLY A . n 
A 1 105 LEU 105 363 363 LEU LEU A . n 
A 1 106 GLN 106 364 364 GLN GLN A . n 
A 1 107 PHE 107 365 365 PHE PHE A . n 
A 1 108 HIS 108 366 366 HIS HIS A . n 
A 1 109 SER 109 367 367 SER SER A . n 
A 1 110 ARG 110 368 368 ARG ARG A . n 
A 1 111 ILE 111 369 369 ILE ILE A . n 
A 1 112 LEU 112 370 370 LEU LEU A . n 
A 1 113 ASP 113 371 371 ASP ASP A . n 
A 1 114 ILE 114 372 372 ILE ILE A . n 
A 1 115 ASP 115 373 373 ASP ASP A . n 
A 1 116 ASN 116 374 374 ASN ASN A . n 
A 1 117 VAL 117 375 375 VAL VAL A . n 
A 1 118 ASP 118 376 376 ASP ASP A . n 
A 1 119 LEU 119 377 377 LEU LEU A . n 
A 1 120 ALA 120 378 378 ALA ALA A . n 
A 1 121 MSE 121 379 379 MSE MSE A . n 
A 1 122 GLY 122 380 380 GLY GLY A . n 
A 1 123 LYS 123 381 381 LYS LYS A . n 
A 1 124 MSE 124 382 382 MSE MSE A . n 
A 1 125 VAL 125 383 383 VAL VAL A . n 
A 1 126 GLU 126 384 384 GLU GLU A . n 
A 1 127 GLN 127 385 385 GLN GLN A . n 
A 1 128 GLY 128 386 386 GLY GLY A . n 
A 1 129 PRO 129 387 387 PRO PRO A . n 
A 1 130 VAL 130 388 388 VAL VAL A . n 
A 1 131 LEU 131 389 389 LEU LEU A . n 
A 1 132 ILE 132 390 390 ILE ILE A . n 
A 1 133 ILE 133 391 391 ILE ILE A . n 
A 1 134 THR 134 392 392 THR THR A . n 
A 1 135 PHE 135 393 393 PHE PHE A . n 
A 1 136 GLN 136 394 394 GLN GLN A . n 
A 1 137 ALA 137 395 395 ALA ALA A . n 
A 1 138 GLN 138 396 396 GLN GLN A . n 
A 1 139 LEU 139 397 397 LEU LEU A . n 
A 1 140 VAL 140 398 398 VAL VAL A . n 
A 1 141 MSE 141 399 399 MSE MSE A . n 
A 1 142 VAL 142 400 400 VAL VAL A . n 
A 1 143 VAL 143 401 401 VAL VAL A . n 
A 1 144 ARG 144 402 402 ARG ARG A . n 
A 1 145 ASN 145 403 403 ASN ASN A . n 
A 1 146 PRO 146 404 404 PRO PRO A . n 
A 1 147 LYS 147 405 405 LYS LYS A . n 
A 1 148 GLY 148 406 406 GLY GLY A . n 
A 1 149 GLU 149 407 407 GLU GLU A . n 
A 1 150 VAL 150 408 408 VAL VAL A . n 
A 1 151 VAL 151 409 409 VAL VAL A . n 
A 1 152 GLU 152 410 410 GLU GLU A . n 
A 1 153 GLY 153 411 411 GLY GLY A . n 
A 1 154 ASP 154 412 412 ASP ASP A . n 
A 1 155 PRO 155 413 413 PRO PRO A . n 
A 1 156 ASP 156 414 414 ASP ASP A . n 
A 1 157 LYS 157 415 415 LYS LYS A . n 
A 1 158 VAL 158 416 416 VAL VAL A . n 
A 1 159 LEU 159 417 417 LEU LEU A . n 
A 1 160 ARG 160 418 418 ARG ARG A . n 
A 1 161 MSE 161 419 419 MSE MSE A . n 
A 1 162 LEU 162 420 420 LEU LEU A . n 
A 1 163 TYR 163 421 421 TYR TYR A . n 
A 1 164 VAL 164 422 422 VAL VAL A . n 
A 1 165 TRP 165 423 423 TRP TRP A . n 
A 1 166 ALA 166 424 424 ALA ALA A . n 
A 1 167 LEU 167 425 425 LEU LEU A . n 
A 1 168 CYS 168 426 426 CYS CYS A . n 
A 1 169 ARG 169 427 427 ARG ARG A . n 
A 1 170 ASP 170 428 428 ASP ASP A . n 
A 1 171 GLN 171 429 429 GLN GLN A . n 
A 1 172 ASP 172 430 430 ASP ASP A . n 
A 1 173 GLU 173 431 431 GLU GLU A . n 
A 1 174 LEU 174 432 432 LEU LEU A . n 
A 1 175 ASN 175 433 433 ASN ASN A . n 
A 1 176 PRO 176 434 434 PRO PRO A . n 
A 1 177 TYR 177 435 435 TYR TYR A . n 
A 1 178 ALA 178 436 436 ALA ALA A . n 
A 1 179 ALA 179 437 437 ALA ALA A . n 
A 1 180 TRP 180 438 438 TRP TRP A . n 
A 1 181 ARG 181 439 439 ARG ARG A . n 
A 1 182 LEU 182 440 440 LEU LEU A . n 
A 1 183 LEU 183 441 441 LEU LEU A . n 
A 1 184 ASP 184 442 442 ASP ASP A . n 
A 1 185 ILE 185 443 443 ILE ILE A . n 
A 1 186 SER 186 444 444 SER SER A . n 
A 1 187 ALA 187 445 445 ALA ALA A . n 
A 1 188 SER 188 446 446 SER SER A . n 
A 1 189 SER 189 447 447 SER SER A . n 
A 1 190 THR 190 448 448 THR THR A . n 
A 1 191 GLU 191 449 449 GLU GLU A . n 
A 1 192 GLN 192 450 450 GLN GLN A . n 
A 1 193 ILE 193 451 451 ILE ILE A . n 
A 1 194 LEU 194 452 ?   ?   ?   A . n 
# 
loop_
_pdbx_nonpoly_scheme.asym_id 
_pdbx_nonpoly_scheme.entity_id 
_pdbx_nonpoly_scheme.mon_id 
_pdbx_nonpoly_scheme.ndb_seq_num 
_pdbx_nonpoly_scheme.pdb_seq_num 
_pdbx_nonpoly_scheme.auth_seq_num 
_pdbx_nonpoly_scheme.pdb_mon_id 
_pdbx_nonpoly_scheme.auth_mon_id 
_pdbx_nonpoly_scheme.pdb_strand_id 
_pdbx_nonpoly_scheme.pdb_ins_code 
B 2 1PE 1   1001 1   1PE 1PE A . 
C 2 1PE 1   1002 2   1PE 1PE A . 
D 3 HOH 1   1    1   HOH TIP A . 
D 3 HOH 2   2    2   HOH TIP A . 
D 3 HOH 3   3    3   HOH TIP A . 
D 3 HOH 4   4    4   HOH TIP A . 
D 3 HOH 5   5    5   HOH TIP A . 
D 3 HOH 6   6    6   HOH TIP A . 
D 3 HOH 7   7    7   HOH TIP A . 
D 3 HOH 8   8    8   HOH TIP A . 
D 3 HOH 9   9    9   HOH TIP A . 
D 3 HOH 10  10   10  HOH TIP A . 
D 3 HOH 11  11   11  HOH TIP A . 
D 3 HOH 12  12   12  HOH TIP A . 
D 3 HOH 13  13   13  HOH TIP A . 
D 3 HOH 14  14   14  HOH TIP A . 
D 3 HOH 15  15   15  HOH TIP A . 
D 3 HOH 16  16   16  HOH TIP A . 
D 3 HOH 17  17   17  HOH TIP A . 
D 3 HOH 18  18   18  HOH TIP A . 
D 3 HOH 19  19   19  HOH TIP A . 
D 3 HOH 20  20   20  HOH TIP A . 
D 3 HOH 21  21   21  HOH TIP A . 
D 3 HOH 22  22   22  HOH TIP A . 
D 3 HOH 23  23   23  HOH TIP A . 
D 3 HOH 24  24   24  HOH TIP A . 
D 3 HOH 25  25   25  HOH TIP A . 
D 3 HOH 26  26   26  HOH TIP A . 
D 3 HOH 27  27   27  HOH TIP A . 
D 3 HOH 28  28   28  HOH TIP A . 
D 3 HOH 29  29   29  HOH TIP A . 
D 3 HOH 30  30   30  HOH TIP A . 
D 3 HOH 31  31   31  HOH TIP A . 
D 3 HOH 32  32   32  HOH TIP A . 
D 3 HOH 33  33   33  HOH TIP A . 
D 3 HOH 34  34   34  HOH TIP A . 
D 3 HOH 35  35   35  HOH TIP A . 
D 3 HOH 36  36   36  HOH TIP A . 
D 3 HOH 37  37   37  HOH TIP A . 
D 3 HOH 38  38   38  HOH TIP A . 
D 3 HOH 39  39   39  HOH TIP A . 
D 3 HOH 40  40   40  HOH TIP A . 
D 3 HOH 41  41   41  HOH TIP A . 
D 3 HOH 42  42   42  HOH TIP A . 
D 3 HOH 43  43   43  HOH TIP A . 
D 3 HOH 44  44   44  HOH TIP A . 
D 3 HOH 45  45   45  HOH TIP A . 
D 3 HOH 46  46   46  HOH TIP A . 
D 3 HOH 47  47   47  HOH TIP A . 
D 3 HOH 48  48   48  HOH TIP A . 
D 3 HOH 49  49   49  HOH TIP A . 
D 3 HOH 50  50   50  HOH TIP A . 
D 3 HOH 51  51   51  HOH TIP A . 
D 3 HOH 52  52   52  HOH TIP A . 
D 3 HOH 53  53   53  HOH TIP A . 
D 3 HOH 54  54   54  HOH TIP A . 
D 3 HOH 55  55   55  HOH TIP A . 
D 3 HOH 56  56   56  HOH TIP A . 
D 3 HOH 57  57   57  HOH TIP A . 
D 3 HOH 58  58   58  HOH TIP A . 
D 3 HOH 59  59   59  HOH TIP A . 
D 3 HOH 60  60   60  HOH TIP A . 
D 3 HOH 61  61   61  HOH TIP A . 
D 3 HOH 62  62   62  HOH TIP A . 
D 3 HOH 63  63   63  HOH TIP A . 
D 3 HOH 64  64   64  HOH TIP A . 
D 3 HOH 65  65   65  HOH TIP A . 
D 3 HOH 66  66   66  HOH TIP A . 
D 3 HOH 67  67   67  HOH TIP A . 
D 3 HOH 68  68   68  HOH TIP A . 
D 3 HOH 69  69   69  HOH TIP A . 
D 3 HOH 70  70   70  HOH TIP A . 
D 3 HOH 71  71   71  HOH TIP A . 
D 3 HOH 72  72   72  HOH TIP A . 
D 3 HOH 73  73   73  HOH TIP A . 
D 3 HOH 74  74   74  HOH TIP A . 
D 3 HOH 75  75   75  HOH TIP A . 
D 3 HOH 76  76   76  HOH TIP A . 
D 3 HOH 77  77   77  HOH TIP A . 
D 3 HOH 78  78   78  HOH TIP A . 
D 3 HOH 79  79   79  HOH TIP A . 
D 3 HOH 80  80   80  HOH TIP A . 
D 3 HOH 81  81   81  HOH TIP A . 
D 3 HOH 82  82   82  HOH TIP A . 
D 3 HOH 83  83   83  HOH TIP A . 
D 3 HOH 84  84   84  HOH TIP A . 
D 3 HOH 85  85   85  HOH TIP A . 
D 3 HOH 86  86   86  HOH TIP A . 
D 3 HOH 87  87   87  HOH TIP A . 
D 3 HOH 88  88   88  HOH TIP A . 
D 3 HOH 89  89   89  HOH TIP A . 
D 3 HOH 90  90   90  HOH TIP A . 
D 3 HOH 91  91   91  HOH TIP A . 
D 3 HOH 92  92   92  HOH TIP A . 
D 3 HOH 93  93   93  HOH TIP A . 
D 3 HOH 94  94   94  HOH TIP A . 
D 3 HOH 95  95   95  HOH TIP A . 
D 3 HOH 96  96   96  HOH TIP A . 
D 3 HOH 97  97   97  HOH TIP A . 
D 3 HOH 98  98   98  HOH TIP A . 
D 3 HOH 99  99   99  HOH TIP A . 
D 3 HOH 100 100  100 HOH TIP A . 
D 3 HOH 101 101  101 HOH TIP A . 
D 3 HOH 102 102  102 HOH TIP A . 
D 3 HOH 103 103  103 HOH TIP A . 
D 3 HOH 104 104  104 HOH TIP A . 
D 3 HOH 105 105  105 HOH TIP A . 
D 3 HOH 106 106  106 HOH TIP A . 
D 3 HOH 107 107  107 HOH TIP A . 
D 3 HOH 108 108  108 HOH TIP A . 
D 3 HOH 109 109  109 HOH TIP A . 
D 3 HOH 110 110  110 HOH TIP A . 
D 3 HOH 111 111  111 HOH TIP A . 
D 3 HOH 112 112  112 HOH TIP A . 
D 3 HOH 113 113  113 HOH TIP A . 
D 3 HOH 114 114  114 HOH TIP A . 
D 3 HOH 115 115  115 HOH TIP A . 
D 3 HOH 116 116  116 HOH TIP A . 
D 3 HOH 117 117  117 HOH TIP A . 
D 3 HOH 118 118  118 HOH TIP A . 
D 3 HOH 119 119  119 HOH TIP A . 
D 3 HOH 120 120  120 HOH TIP A . 
D 3 HOH 121 121  121 HOH TIP A . 
D 3 HOH 122 122  122 HOH TIP A . 
D 3 HOH 123 123  123 HOH TIP A . 
D 3 HOH 124 124  124 HOH TIP A . 
D 3 HOH 125 125  125 HOH TIP A . 
D 3 HOH 126 126  126 HOH TIP A . 
D 3 HOH 127 127  127 HOH TIP A . 
D 3 HOH 128 128  128 HOH TIP A . 
D 3 HOH 129 129  129 HOH TIP A . 
D 3 HOH 130 130  130 HOH TIP A . 
D 3 HOH 131 131  131 HOH TIP A . 
D 3 HOH 132 132  132 HOH TIP A . 
D 3 HOH 133 133  133 HOH TIP A . 
D 3 HOH 134 134  134 HOH TIP A . 
D 3 HOH 135 135  135 HOH TIP A . 
D 3 HOH 136 136  136 HOH TIP A . 
D 3 HOH 137 137  137 HOH TIP A . 
D 3 HOH 138 138  138 HOH TIP A . 
D 3 HOH 139 139  139 HOH TIP A . 
D 3 HOH 140 140  140 HOH TIP A . 
D 3 HOH 141 141  141 HOH TIP A . 
D 3 HOH 142 142  142 HOH TIP A . 
D 3 HOH 143 143  143 HOH TIP A . 
D 3 HOH 144 144  144 HOH TIP A . 
D 3 HOH 145 145  145 HOH TIP A . 
D 3 HOH 146 147  147 HOH TIP A . 
D 3 HOH 147 148  148 HOH TIP A . 
D 3 HOH 148 149  149 HOH TIP A . 
D 3 HOH 149 150  150 HOH TIP A . 
D 3 HOH 150 151  151 HOH TIP A . 
D 3 HOH 151 152  152 HOH TIP A . 
# 
loop_
_software.name 
_software.classification 
_software.version 
_software.citation_id 
_software.pdbx_ordinal 
CNS       refinement       1.1 ? 1 
HKL-2000  'data reduction' .   ? 2 
SCALEPACK 'data scaling'   .   ? 3 
SOLVE     phasing          .   ? 4 
# 
_cell.entry_id           2CW9 
_cell.length_a           108.119 
_cell.length_b           108.119 
_cell.length_c           114.056 
_cell.angle_alpha        90.00 
_cell.angle_beta         90.00 
_cell.angle_gamma        120.00 
_cell.Z_PDB              12 
_cell.pdbx_unique_axis   ? 
_cell.length_a_esd       ? 
_cell.length_b_esd       ? 
_cell.length_c_esd       ? 
_cell.angle_alpha_esd    ? 
_cell.angle_beta_esd     ? 
_cell.angle_gamma_esd    ? 
# 
_symmetry.entry_id                         2CW9 
_symmetry.space_group_name_H-M             'P 65 2 2' 
_symmetry.pdbx_full_space_group_name_H-M   ? 
_symmetry.cell_setting                     ? 
_symmetry.Int_Tables_number                179 
_symmetry.space_group_name_Hall            ? 
# 
_exptl.entry_id          2CW9 
_exptl.method            'X-RAY DIFFRACTION' 
_exptl.crystals_number   1 
# 
_exptl_crystal.id                    1 
_exptl_crystal.density_meas          ? 
_exptl_crystal.density_Matthews      4.2 
_exptl_crystal.density_percent_sol   70.6 
_exptl_crystal.description           ? 
_exptl_crystal.F_000                 ? 
_exptl_crystal.preparation           ? 
# 
_exptl_crystal_grow.crystal_id      1 
_exptl_crystal_grow.method          'VAPOR DIFFUSION, SITTING DROP' 
_exptl_crystal_grow.temp            293 
_exptl_crystal_grow.temp_details    ? 
_exptl_crystal_grow.pH              7.5 
_exptl_crystal_grow.pdbx_details    
'PEG400, HEPES, ammonium sulfate, glycerol, pH 7.5, VAPOR DIFFUSION, SITTING DROP, temperature 293K' 
_exptl_crystal_grow.pdbx_pH_range   . 
# 
_diffrn.id                     1 
_diffrn.ambient_temp           100 
_diffrn.ambient_temp_details   ? 
_diffrn.crystal_id             1 
# 
_diffrn_detector.diffrn_id              1 
_diffrn_detector.detector               CCD 
_diffrn_detector.type                   MARRESEARCH 
_diffrn_detector.pdbx_collection_date   2005-05-23 
_diffrn_detector.details                mirrors 
# 
_diffrn_radiation.diffrn_id                        1 
_diffrn_radiation.wavelength_id                    1 
_diffrn_radiation.pdbx_monochromatic_or_laue_m_l   M 
_diffrn_radiation.monochromator                    Si 
_diffrn_radiation.pdbx_diffrn_protocol             SAD 
_diffrn_radiation.pdbx_scattering_type             x-ray 
# 
_diffrn_radiation_wavelength.id           1 
_diffrn_radiation_wavelength.wavelength   0.9792 
_diffrn_radiation_wavelength.wt           1.0 
# 
_diffrn_source.diffrn_id                   1 
_diffrn_source.source                      SYNCHROTRON 
_diffrn_source.type                        'APS BEAMLINE 22-ID' 
_diffrn_source.pdbx_synchrotron_site       APS 
_diffrn_source.pdbx_synchrotron_beamline   22-ID 
_diffrn_source.pdbx_wavelength             ? 
_diffrn_source.pdbx_wavelength_list        0.9792 
# 
_reflns.entry_id                     2CW9 
_reflns.observed_criterion_sigma_I   0 
_reflns.observed_criterion_sigma_F   ? 
_reflns.d_resolution_low             50 
_reflns.d_resolution_high            1.9 
_reflns.number_obs                   31350 
_reflns.number_all                   ? 
_reflns.percent_possible_obs         99.1 
_reflns.pdbx_Rmerge_I_obs            ? 
_reflns.pdbx_Rsym_value              0.065 
_reflns.pdbx_netI_over_sigmaI        25.6 
_reflns.B_iso_Wilson_estimate        20.5 
_reflns.pdbx_redundancy              8.2 
_reflns.R_free_details               ? 
_reflns.limit_h_max                  ? 
_reflns.limit_h_min                  ? 
_reflns.limit_k_max                  ? 
_reflns.limit_k_min                  ? 
_reflns.limit_l_max                  ? 
_reflns.limit_l_min                  ? 
_reflns.observed_criterion_F_max     ? 
_reflns.observed_criterion_F_min     ? 
_reflns.pdbx_chi_squared             ? 
_reflns.pdbx_scaling_rejects         ? 
_reflns.pdbx_diffrn_id               1 
_reflns.pdbx_ordinal                 1 
# 
_reflns_shell.d_res_high             1.9 
_reflns_shell.d_res_low              1.97 
_reflns_shell.percent_possible_all   95.7 
_reflns_shell.Rmerge_I_obs           ? 
_reflns_shell.pdbx_Rsym_value        0.313 
_reflns_shell.meanI_over_sigI_obs    3.9 
_reflns_shell.pdbx_redundancy        ? 
_reflns_shell.percent_possible_obs   ? 
_reflns_shell.number_unique_all      ? 
_reflns_shell.number_measured_all    ? 
_reflns_shell.number_measured_obs    ? 
_reflns_shell.number_unique_obs      ? 
_reflns_shell.pdbx_chi_squared       ? 
_reflns_shell.pdbx_diffrn_id         ? 
_reflns_shell.pdbx_ordinal           1 
# 
_refine.entry_id                                 2CW9 
_refine.ls_number_reflns_obs                     31278 
_refine.ls_number_reflns_all                     ? 
_refine.pdbx_ls_sigma_I                          ? 
_refine.pdbx_ls_sigma_F                          0.0 
_refine.pdbx_data_cutoff_high_absF               2021435.15 
_refine.pdbx_data_cutoff_low_absF                0.000000 
_refine.pdbx_data_cutoff_high_rms_absF           ? 
_refine.ls_d_res_low                             19.93 
_refine.ls_d_res_high                            1.90 
_refine.ls_percent_reflns_obs                    99.1 
_refine.ls_R_factor_obs                          0.218 
_refine.ls_R_factor_all                          ? 
_refine.ls_R_factor_R_work                       0.218 
_refine.ls_R_factor_R_free                       0.221 
_refine.ls_R_factor_R_free_error                 0.006 
_refine.ls_R_factor_R_free_error_details         ? 
_refine.ls_percent_reflns_R_free                 5.0 
_refine.ls_number_reflns_R_free                  1553 
_refine.ls_number_parameters                     ? 
_refine.ls_number_restraints                     ? 
_refine.occupancy_min                            ? 
_refine.occupancy_max                            ? 
_refine.correlation_coeff_Fo_to_Fc               ? 
_refine.correlation_coeff_Fo_to_Fc_free          ? 
_refine.B_iso_mean                               34.7 
_refine.aniso_B[1][1]                            -0.45 
_refine.aniso_B[2][2]                            -0.45 
_refine.aniso_B[3][3]                            0.90 
_refine.aniso_B[1][2]                            -0.25 
_refine.aniso_B[1][3]                            0.00 
_refine.aniso_B[2][3]                            0.00 
_refine.solvent_model_details                    'FLAT MODEL' 
_refine.solvent_model_param_ksol                 0.364381 
_refine.solvent_model_param_bsol                 58.40 
_refine.pdbx_solvent_vdw_probe_radii             ? 
_refine.pdbx_solvent_ion_probe_radii             ? 
_refine.pdbx_solvent_shrinkage_radii             ? 
_refine.pdbx_ls_cross_valid_method               THROUGHOUT 
_refine.details                                  ? 
_refine.pdbx_starting_model                      ? 
_refine.pdbx_method_to_determine_struct          SAD 
_refine.pdbx_isotropic_thermal_model             RESTRAINED 
_refine.pdbx_stereochemistry_target_values       ? 
_refine.pdbx_stereochem_target_val_spec_case     ? 
_refine.pdbx_R_Free_selection_details            RANDOM 
_refine.pdbx_overall_ESU_R                       ? 
_refine.pdbx_overall_ESU_R_Free                  ? 
_refine.overall_SU_ML                            ? 
_refine.overall_SU_B                             ? 
_refine.ls_redundancy_reflns_obs                 ? 
_refine.B_iso_min                                ? 
_refine.B_iso_max                                ? 
_refine.overall_SU_R_Cruickshank_DPI             ? 
_refine.overall_SU_R_free                        ? 
_refine.ls_wR_factor_R_free                      ? 
_refine.ls_wR_factor_R_work                      ? 
_refine.overall_FOM_free_R_set                   ? 
_refine.overall_FOM_work_R_set                   ? 
_refine.pdbx_refine_id                           'X-RAY DIFFRACTION' 
_refine.pdbx_diffrn_id                           1 
_refine.pdbx_TLS_residual_ADP_flag               ? 
_refine.pdbx_overall_phase_error                 ? 
_refine.pdbx_overall_SU_R_free_Cruickshank_DPI   ? 
_refine.pdbx_overall_SU_R_Blow_DPI               ? 
_refine.pdbx_overall_SU_R_free_Blow_DPI          ? 
# 
_refine_analyze.entry_id                        2CW9 
_refine_analyze.Luzzati_coordinate_error_obs    0.23 
_refine_analyze.Luzzati_sigma_a_obs             0.17 
_refine_analyze.Luzzati_d_res_low_obs           5.00 
_refine_analyze.Luzzati_coordinate_error_free   0.23 
_refine_analyze.Luzzati_sigma_a_free            0.16 
_refine_analyze.Luzzati_d_res_low_free          ? 
_refine_analyze.number_disordered_residues      ? 
_refine_analyze.occupancy_sum_hydrogen          ? 
_refine_analyze.occupancy_sum_non_hydrogen      ? 
_refine_analyze.pdbx_Luzzati_d_res_high_obs     ? 
_refine_analyze.pdbx_refine_id                  'X-RAY DIFFRACTION' 
# 
_refine_hist.pdbx_refine_id                   'X-RAY DIFFRACTION' 
_refine_hist.cycle_id                         LAST 
_refine_hist.pdbx_number_atoms_protein        1441 
_refine_hist.pdbx_number_atoms_nucleic_acid   0 
_refine_hist.pdbx_number_atoms_ligand         32 
_refine_hist.number_atoms_solvent             151 
_refine_hist.number_atoms_total               1624 
_refine_hist.d_res_high                       1.90 
_refine_hist.d_res_low                        19.93 
# 
loop_
_refine_ls_restr.type 
_refine_ls_restr.dev_ideal 
_refine_ls_restr.dev_ideal_target 
_refine_ls_restr.weight 
_refine_ls_restr.number 
_refine_ls_restr.pdbx_refine_id 
_refine_ls_restr.pdbx_restraint_function 
c_bond_d                0.005 ?    ? ? 'X-RAY DIFFRACTION' ? 
c_bond_d_na             ?     ?    ? ? 'X-RAY DIFFRACTION' ? 
c_bond_d_prot           ?     ?    ? ? 'X-RAY DIFFRACTION' ? 
c_angle_d               ?     ?    ? ? 'X-RAY DIFFRACTION' ? 
c_angle_d_na            ?     ?    ? ? 'X-RAY DIFFRACTION' ? 
c_angle_d_prot          ?     ?    ? ? 'X-RAY DIFFRACTION' ? 
c_angle_deg             1.1   ?    ? ? 'X-RAY DIFFRACTION' ? 
c_angle_deg_na          ?     ?    ? ? 'X-RAY DIFFRACTION' ? 
c_angle_deg_prot        ?     ?    ? ? 'X-RAY DIFFRACTION' ? 
c_dihedral_angle_d      21.9  ?    ? ? 'X-RAY DIFFRACTION' ? 
c_dihedral_angle_d_na   ?     ?    ? ? 'X-RAY DIFFRACTION' ? 
c_dihedral_angle_d_prot ?     ?    ? ? 'X-RAY DIFFRACTION' ? 
c_improper_angle_d      0.65  ?    ? ? 'X-RAY DIFFRACTION' ? 
c_improper_angle_d_na   ?     ?    ? ? 'X-RAY DIFFRACTION' ? 
c_improper_angle_d_prot ?     ?    ? ? 'X-RAY DIFFRACTION' ? 
c_mcbond_it             1.36  1.50 ? ? 'X-RAY DIFFRACTION' ? 
c_mcangle_it            2.05  2.00 ? ? 'X-RAY DIFFRACTION' ? 
c_scbond_it             2.47  2.00 ? ? 'X-RAY DIFFRACTION' ? 
c_scangle_it            3.81  2.50 ? ? 'X-RAY DIFFRACTION' ? 
# 
_refine_ls_shell.pdbx_total_number_of_bins_used   6 
_refine_ls_shell.d_res_high                       1.90 
_refine_ls_shell.d_res_low                        2.02 
_refine_ls_shell.number_reflns_R_work             4729 
_refine_ls_shell.R_factor_R_work                  0.263 
_refine_ls_shell.percent_reflns_obs               96.8 
_refine_ls_shell.R_factor_R_free                  0.256 
_refine_ls_shell.R_factor_R_free_error            0.016 
_refine_ls_shell.percent_reflns_R_free            4.9 
_refine_ls_shell.number_reflns_R_free             244 
_refine_ls_shell.number_reflns_obs                244 
_refine_ls_shell.redundancy_reflns_obs            ? 
_refine_ls_shell.number_reflns_all                ? 
_refine_ls_shell.R_factor_all                     ? 
_refine_ls_shell.pdbx_refine_id                   'X-RAY DIFFRACTION' 
# 
loop_
_pdbx_xplor_file.serial_no 
_pdbx_xplor_file.param_file 
_pdbx_xplor_file.topol_file 
_pdbx_xplor_file.pdbx_refine_id 
1 protein_rep.param protein.top   'X-RAY DIFFRACTION' 
2 water_rep.param   water_rep.top 'X-RAY DIFFRACTION' 
3 1pe.param         1pe.top       'X-RAY DIFFRACTION' 
# 
_struct.entry_id                  2CW9 
_struct.title                     'Crystal structure of human Tim44 C-terminal domain' 
_struct.pdbx_model_details        ? 
_struct.pdbx_CASP_flag            ? 
_struct.pdbx_model_type_details   ? 
# 
_struct_keywords.entry_id        2CW9 
_struct_keywords.pdbx_keywords   'PROTEIN TRANSPORT' 
_struct_keywords.text            
;Structure Genomics, TIM, Structural Genomics, NPPFSA, RIKEN Structural Genomics/Proteomics Initiative, RSGI, NPPSFA, National Project on Protein Structural and Functional Analyses, PROTEIN TRANSPORT
;
# 
loop_
_struct_asym.id 
_struct_asym.pdbx_blank_PDB_chainid_flag 
_struct_asym.pdbx_modified 
_struct_asym.entity_id 
_struct_asym.details 
A N N 1 ? 
B N N 2 ? 
C N N 2 ? 
D N N 3 ? 
# 
_struct_ref.id                         1 
_struct_ref.db_name                    UNP 
_struct_ref.db_code                    TIM44_HUMAN 
_struct_ref.pdbx_db_accession          O43615 
_struct_ref.entity_id                  1 
_struct_ref.pdbx_seq_one_letter_code   
;DESDNAFIRASRALTDKVTDLLGGLFSKTEMSEVLTEILRVDPAFDKDRFLKQCENDIIPNVLEAMISGELDILKDWCYE
ATYSQLAHPIQQAKALGLQFHSRILDIDNVDLAMGKMVEQGPVLIITFQAQLVMVVRNPKGEVVEGDPDKVLRMLYVWAL
CRDQDELNPYAAWRLLDISASSTEQIL
;
_struct_ref.pdbx_align_begin           266 
_struct_ref.pdbx_db_isoform            ? 
# 
_struct_ref_seq.align_id                      1 
_struct_ref_seq.ref_id                        1 
_struct_ref_seq.pdbx_PDB_id_code              2CW9 
_struct_ref_seq.pdbx_strand_id                A 
_struct_ref_seq.seq_align_beg                 8 
_struct_ref_seq.pdbx_seq_align_beg_ins_code   ? 
_struct_ref_seq.seq_align_end                 194 
_struct_ref_seq.pdbx_seq_align_end_ins_code   ? 
_struct_ref_seq.pdbx_db_accession             O43615 
_struct_ref_seq.db_align_beg                  266 
_struct_ref_seq.pdbx_db_align_beg_ins_code    ? 
_struct_ref_seq.db_align_end                  452 
_struct_ref_seq.pdbx_db_align_end_ins_code    ? 
_struct_ref_seq.pdbx_auth_seq_align_beg       266 
_struct_ref_seq.pdbx_auth_seq_align_end       452 
# 
loop_
_struct_ref_seq_dif.align_id 
_struct_ref_seq_dif.pdbx_pdb_id_code 
_struct_ref_seq_dif.mon_id 
_struct_ref_seq_dif.pdbx_pdb_strand_id 
_struct_ref_seq_dif.seq_num 
_struct_ref_seq_dif.pdbx_pdb_ins_code 
_struct_ref_seq_dif.pdbx_seq_db_name 
_struct_ref_seq_dif.pdbx_seq_db_accession_code 
_struct_ref_seq_dif.db_mon_id 
_struct_ref_seq_dif.pdbx_seq_db_seq_num 
_struct_ref_seq_dif.details 
_struct_ref_seq_dif.pdbx_auth_seq_num 
_struct_ref_seq_dif.pdbx_ordinal 
1 2CW9 GLY A 1 ? UNP O43615 ? ? 'expression tag' 259 1 
1 2CW9 SER A 2 ? UNP O43615 ? ? 'expression tag' 260 2 
1 2CW9 SER A 3 ? UNP O43615 ? ? 'expression tag' 261 3 
1 2CW9 GLY A 4 ? UNP O43615 ? ? 'expression tag' 262 4 
1 2CW9 SER A 5 ? UNP O43615 ? ? 'expression tag' 263 5 
1 2CW9 SER A 6 ? UNP O43615 ? ? 'expression tag' 264 6 
1 2CW9 GLY A 7 ? UNP O43615 ? ? 'expression tag' 265 7 
# 
_pdbx_struct_assembly.id                   1 
_pdbx_struct_assembly.details              author_defined_assembly 
_pdbx_struct_assembly.method_details       ? 
_pdbx_struct_assembly.oligomeric_details   monomeric 
_pdbx_struct_assembly.oligomeric_count     1 
# 
_pdbx_struct_assembly_gen.assembly_id       1 
_pdbx_struct_assembly_gen.oper_expression   1 
_pdbx_struct_assembly_gen.asym_id_list      A,B,C,D 
# 
_pdbx_struct_oper_list.id                   1 
_pdbx_struct_oper_list.type                 'identity operation' 
_pdbx_struct_oper_list.name                 1_555 
_pdbx_struct_oper_list.symmetry_operation   x,y,z 
_pdbx_struct_oper_list.matrix[1][1]         1.0000000000 
_pdbx_struct_oper_list.matrix[1][2]         0.0000000000 
_pdbx_struct_oper_list.matrix[1][3]         0.0000000000 
_pdbx_struct_oper_list.vector[1]            0.0000000000 
_pdbx_struct_oper_list.matrix[2][1]         0.0000000000 
_pdbx_struct_oper_list.matrix[2][2]         1.0000000000 
_pdbx_struct_oper_list.matrix[2][3]         0.0000000000 
_pdbx_struct_oper_list.vector[2]            0.0000000000 
_pdbx_struct_oper_list.matrix[3][1]         0.0000000000 
_pdbx_struct_oper_list.matrix[3][2]         0.0000000000 
_pdbx_struct_oper_list.matrix[3][3]         1.0000000000 
_pdbx_struct_oper_list.vector[3]            0.0000000000 
# 
_struct_biol.id        1 
_struct_biol.details   ? 
# 
loop_
_struct_conf.conf_type_id 
_struct_conf.id 
_struct_conf.pdbx_PDB_helix_id 
_struct_conf.beg_label_comp_id 
_struct_conf.beg_label_asym_id 
_struct_conf.beg_label_seq_id 
_struct_conf.pdbx_beg_PDB_ins_code 
_struct_conf.end_label_comp_id 
_struct_conf.end_label_asym_id 
_struct_conf.end_label_seq_id 
_struct_conf.pdbx_end_PDB_ins_code 
_struct_conf.beg_auth_comp_id 
_struct_conf.beg_auth_asym_id 
_struct_conf.beg_auth_seq_id 
_struct_conf.end_auth_comp_id 
_struct_conf.end_auth_asym_id 
_struct_conf.end_auth_seq_id 
_struct_conf.pdbx_PDB_helix_class 
_struct_conf.details 
_struct_conf.pdbx_PDB_helix_length 
HELX_P HELX_P1 1 ASN A 12  ? LEU A 29  ? ASN A 270 LEU A 287 1 ? 18 
HELX_P HELX_P2 2 PHE A 33  ? ASP A 49  ? PHE A 291 ASP A 307 1 ? 17 
HELX_P HELX_P3 3 ASP A 53  ? ASP A 64  ? ASP A 311 ASP A 322 1 ? 12 
HELX_P HELX_P4 4 ASP A 64  ? GLY A 76  ? ASP A 322 GLY A 334 1 ? 13 
HELX_P HELX_P5 5 GLU A 77  ? CYS A 85  ? GLU A 335 CYS A 343 1 ? 9  
HELX_P HELX_P6 6 TYR A 86  ? LEU A 103 ? TYR A 344 LEU A 361 1 ? 18 
HELX_P HELX_P7 7 ASN A 175 ? ALA A 178 ? ASN A 433 ALA A 436 5 ? 4  
# 
_struct_conf_type.id          HELX_P 
_struct_conf_type.criteria    ? 
_struct_conf_type.reference   ? 
# 
loop_
_struct_conn.id 
_struct_conn.conn_type_id 
_struct_conn.pdbx_leaving_atom_flag 
_struct_conn.pdbx_PDB_id 
_struct_conn.ptnr1_label_asym_id 
_struct_conn.ptnr1_label_comp_id 
_struct_conn.ptnr1_label_seq_id 
_struct_conn.ptnr1_label_atom_id 
_struct_conn.pdbx_ptnr1_label_alt_id 
_struct_conn.pdbx_ptnr1_PDB_ins_code 
_struct_conn.pdbx_ptnr1_standard_comp_id 
_struct_conn.ptnr1_symmetry 
_struct_conn.ptnr2_label_asym_id 
_struct_conn.ptnr2_label_comp_id 
_struct_conn.ptnr2_label_seq_id 
_struct_conn.ptnr2_label_atom_id 
_struct_conn.pdbx_ptnr2_label_alt_id 
_struct_conn.pdbx_ptnr2_PDB_ins_code 
_struct_conn.ptnr1_auth_asym_id 
_struct_conn.ptnr1_auth_comp_id 
_struct_conn.ptnr1_auth_seq_id 
_struct_conn.ptnr2_auth_asym_id 
_struct_conn.ptnr2_auth_comp_id 
_struct_conn.ptnr2_auth_seq_id 
_struct_conn.ptnr2_symmetry 
_struct_conn.pdbx_ptnr3_label_atom_id 
_struct_conn.pdbx_ptnr3_label_seq_id 
_struct_conn.pdbx_ptnr3_label_comp_id 
_struct_conn.pdbx_ptnr3_label_asym_id 
_struct_conn.pdbx_ptnr3_label_alt_id 
_struct_conn.pdbx_ptnr3_PDB_ins_code 
_struct_conn.details 
_struct_conn.pdbx_dist_value 
_struct_conn.pdbx_value_order 
_struct_conn.pdbx_role 
covale1  covale both ? A GLU 37  C ? ? ? 1_555 A MSE 38  N ? ? A GLU 295 A MSE 296 1_555 ? ? ? ? ? ? ? 1.330 ? ? 
covale2  covale both ? A MSE 38  C ? ? ? 1_555 A SER 39  N ? ? A MSE 296 A SER 297 1_555 ? ? ? ? ? ? ? 1.330 ? ? 
covale3  covale both ? A ALA 72  C ? ? ? 1_555 A MSE 73  N ? ? A ALA 330 A MSE 331 1_555 ? ? ? ? ? ? ? 1.330 ? ? 
covale4  covale both ? A MSE 73  C ? ? ? 1_555 A ILE 74  N ? ? A MSE 331 A ILE 332 1_555 ? ? ? ? ? ? ? 1.329 ? ? 
covale5  covale both ? A ALA 120 C ? ? ? 1_555 A MSE 121 N ? ? A ALA 378 A MSE 379 1_555 ? ? ? ? ? ? ? 1.329 ? ? 
covale6  covale both ? A MSE 121 C ? ? ? 1_555 A GLY 122 N ? ? A MSE 379 A GLY 380 1_555 ? ? ? ? ? ? ? 1.330 ? ? 
covale7  covale both ? A LYS 123 C ? ? ? 1_555 A MSE 124 N ? ? A LYS 381 A MSE 382 1_555 ? ? ? ? ? ? ? 1.332 ? ? 
covale8  covale both ? A MSE 124 C ? ? ? 1_555 A VAL 125 N ? ? A MSE 382 A VAL 383 1_555 ? ? ? ? ? ? ? 1.328 ? ? 
covale9  covale both ? A VAL 140 C ? ? ? 1_555 A MSE 141 N ? ? A VAL 398 A MSE 399 1_555 ? ? ? ? ? ? ? 1.330 ? ? 
covale10 covale both ? A MSE 141 C ? ? ? 1_555 A VAL 142 N ? ? A MSE 399 A VAL 400 1_555 ? ? ? ? ? ? ? 1.329 ? ? 
covale11 covale both ? A ARG 160 C ? ? ? 1_555 A MSE 161 N ? ? A ARG 418 A MSE 419 1_555 ? ? ? ? ? ? ? 1.329 ? ? 
covale12 covale both ? A MSE 161 C ? ? ? 1_555 A LEU 162 N ? ? A MSE 419 A LEU 420 1_555 ? ? ? ? ? ? ? 1.331 ? ? 
# 
_struct_conn_type.id          covale 
_struct_conn_type.criteria    ? 
_struct_conn_type.reference   ? 
# 
loop_
_pdbx_modification_feature.ordinal 
_pdbx_modification_feature.label_comp_id 
_pdbx_modification_feature.label_asym_id 
_pdbx_modification_feature.label_seq_id 
_pdbx_modification_feature.label_alt_id 
_pdbx_modification_feature.modified_residue_label_comp_id 
_pdbx_modification_feature.modified_residue_label_asym_id 
_pdbx_modification_feature.modified_residue_label_seq_id 
_pdbx_modification_feature.modified_residue_label_alt_id 
_pdbx_modification_feature.auth_comp_id 
_pdbx_modification_feature.auth_asym_id 
_pdbx_modification_feature.auth_seq_id 
_pdbx_modification_feature.PDB_ins_code 
_pdbx_modification_feature.symmetry 
_pdbx_modification_feature.modified_residue_auth_comp_id 
_pdbx_modification_feature.modified_residue_auth_asym_id 
_pdbx_modification_feature.modified_residue_auth_seq_id 
_pdbx_modification_feature.modified_residue_PDB_ins_code 
_pdbx_modification_feature.modified_residue_symmetry 
_pdbx_modification_feature.comp_id_linking_atom 
_pdbx_modification_feature.modified_residue_id_linking_atom 
_pdbx_modification_feature.modified_residue_id 
_pdbx_modification_feature.ref_pcm_id 
_pdbx_modification_feature.ref_comp_id 
_pdbx_modification_feature.type 
_pdbx_modification_feature.category 
1 MSE A 38  ? . . . . MSE A 296 ? 1_555 . . . . . . . MET 1 MSE Selenomethionine 'Named protein modification' 
2 MSE A 73  ? . . . . MSE A 331 ? 1_555 . . . . . . . MET 1 MSE Selenomethionine 'Named protein modification' 
3 MSE A 121 ? . . . . MSE A 379 ? 1_555 . . . . . . . MET 1 MSE Selenomethionine 'Named protein modification' 
4 MSE A 124 ? . . . . MSE A 382 ? 1_555 . . . . . . . MET 1 MSE Selenomethionine 'Named protein modification' 
5 MSE A 141 ? . . . . MSE A 399 ? 1_555 . . . . . . . MET 1 MSE Selenomethionine 'Named protein modification' 
6 MSE A 161 ? . . . . MSE A 419 ? 1_555 . . . . . . . MET 1 MSE Selenomethionine 'Named protein modification' 
# 
loop_
_struct_sheet.id 
_struct_sheet.type 
_struct_sheet.number_strands 
_struct_sheet.details 
A ? 3 ? 
B ? 4 ? 
# 
loop_
_struct_sheet_order.sheet_id 
_struct_sheet_order.range_id_1 
_struct_sheet_order.range_id_2 
_struct_sheet_order.offset 
_struct_sheet_order.sense 
A 1 2 ? anti-parallel 
A 2 3 ? anti-parallel 
B 1 2 ? anti-parallel 
B 2 3 ? anti-parallel 
B 3 4 ? anti-parallel 
# 
loop_
_struct_sheet_range.sheet_id 
_struct_sheet_range.id 
_struct_sheet_range.beg_label_comp_id 
_struct_sheet_range.beg_label_asym_id 
_struct_sheet_range.beg_label_seq_id 
_struct_sheet_range.pdbx_beg_PDB_ins_code 
_struct_sheet_range.end_label_comp_id 
_struct_sheet_range.end_label_asym_id 
_struct_sheet_range.end_label_seq_id 
_struct_sheet_range.pdbx_end_PDB_ins_code 
_struct_sheet_range.beg_auth_comp_id 
_struct_sheet_range.beg_auth_asym_id 
_struct_sheet_range.beg_auth_seq_id 
_struct_sheet_range.end_auth_comp_id 
_struct_sheet_range.end_auth_asym_id 
_struct_sheet_range.end_auth_seq_id 
A 1 GLN A 106 ? PHE A 107 ? GLN A 364 PHE A 365 
A 2 VAL A 142 ? ARG A 144 ? VAL A 400 ARG A 402 
A 3 VAL A 150 ? GLY A 153 ? VAL A 408 GLY A 411 
B 1 ARG A 110 ? VAL A 125 ? ARG A 368 VAL A 383 
B 2 GLY A 128 ? VAL A 140 ? GLY A 386 VAL A 398 
B 3 LEU A 159 ? ARG A 169 ? LEU A 417 ARG A 427 
B 4 TRP A 180 ? SER A 189 ? TRP A 438 SER A 447 
# 
loop_
_pdbx_struct_sheet_hbond.sheet_id 
_pdbx_struct_sheet_hbond.range_id_1 
_pdbx_struct_sheet_hbond.range_id_2 
_pdbx_struct_sheet_hbond.range_1_label_atom_id 
_pdbx_struct_sheet_hbond.range_1_label_comp_id 
_pdbx_struct_sheet_hbond.range_1_label_asym_id 
_pdbx_struct_sheet_hbond.range_1_label_seq_id 
_pdbx_struct_sheet_hbond.range_1_PDB_ins_code 
_pdbx_struct_sheet_hbond.range_1_auth_atom_id 
_pdbx_struct_sheet_hbond.range_1_auth_comp_id 
_pdbx_struct_sheet_hbond.range_1_auth_asym_id 
_pdbx_struct_sheet_hbond.range_1_auth_seq_id 
_pdbx_struct_sheet_hbond.range_2_label_atom_id 
_pdbx_struct_sheet_hbond.range_2_label_comp_id 
_pdbx_struct_sheet_hbond.range_2_label_asym_id 
_pdbx_struct_sheet_hbond.range_2_label_seq_id 
_pdbx_struct_sheet_hbond.range_2_PDB_ins_code 
_pdbx_struct_sheet_hbond.range_2_auth_atom_id 
_pdbx_struct_sheet_hbond.range_2_auth_comp_id 
_pdbx_struct_sheet_hbond.range_2_auth_asym_id 
_pdbx_struct_sheet_hbond.range_2_auth_seq_id 
A 1 2 N GLN A 106 ? N GLN A 364 O ARG A 144 ? O ARG A 402 
A 2 3 N VAL A 143 ? N VAL A 401 O GLU A 152 ? O GLU A 410 
B 1 2 N ASP A 115 ? N ASP A 373 O GLN A 136 ? O GLN A 394 
B 2 3 N LEU A 139 ? N LEU A 397 O LEU A 159 ? O LEU A 417 
B 3 4 N ALA A 166 ? N ALA A 424 O LEU A 183 ? O LEU A 441 
# 
loop_
_struct_site.id 
_struct_site.pdbx_evidence_code 
_struct_site.pdbx_auth_asym_id 
_struct_site.pdbx_auth_comp_id 
_struct_site.pdbx_auth_seq_id 
_struct_site.pdbx_auth_ins_code 
_struct_site.pdbx_num_residues 
_struct_site.details 
AC1 Software A 1PE 1001 ? 7 'BINDING SITE FOR RESIDUE 1PE A 1001' 
AC2 Software A 1PE 1002 ? 8 'BINDING SITE FOR RESIDUE 1PE A 1002' 
# 
loop_
_struct_site_gen.id 
_struct_site_gen.site_id 
_struct_site_gen.pdbx_num_res 
_struct_site_gen.label_comp_id 
_struct_site_gen.label_asym_id 
_struct_site_gen.label_seq_id 
_struct_site_gen.pdbx_auth_ins_code 
_struct_site_gen.auth_comp_id 
_struct_site_gen.auth_asym_id 
_struct_site_gen.auth_seq_id 
_struct_site_gen.label_atom_id 
_struct_site_gen.label_alt_id 
_struct_site_gen.symmetry 
_struct_site_gen.details 
1  AC1 7 HOH D .   ? HOH A 6    . ? 1_555  ? 
2  AC1 7 HOH D .   ? HOH A 54   . ? 1_555  ? 
3  AC1 7 HOH D .   ? HOH A 61   . ? 1_555  ? 
4  AC1 7 MSE A 73  ? MSE A 331  . ? 1_555  ? 
5  AC1 7 MSE A 161 ? MSE A 419  . ? 1_555  ? 
6  AC1 7 ALA A 187 ? ALA A 445  . ? 1_555  ? 
7  AC1 7 1PE C .   ? 1PE A 1002 . ? 1_555  ? 
8  AC2 8 HOH D .   ? HOH A 16   . ? 1_555  ? 
9  AC2 8 HOH D .   ? HOH A 103  . ? 1_555  ? 
10 AC2 8 GLY A 31  ? GLY A 289  . ? 12_555 ? 
11 AC2 8 LEU A 32  ? LEU A 290  . ? 12_555 ? 
12 AC2 8 SER A 34  ? SER A 292  . ? 12_555 ? 
13 AC2 8 PRO A 50  ? PRO A 308  . ? 5_555  ? 
14 AC2 8 GLN A 92  ? GLN A 350  . ? 1_555  ? 
15 AC2 8 1PE B .   ? 1PE A 1001 . ? 1_555  ? 
# 
_pdbx_entry_details.entry_id                   2CW9 
_pdbx_entry_details.compound_details           ? 
_pdbx_entry_details.source_details             ? 
_pdbx_entry_details.nonpolymer_details         ? 
_pdbx_entry_details.sequence_details           ? 
_pdbx_entry_details.has_ligand_of_interest     ? 
_pdbx_entry_details.has_protein_modification   Y 
# 
_pdbx_validate_torsion.id              1 
_pdbx_validate_torsion.PDB_model_num   1 
_pdbx_validate_torsion.auth_comp_id    ASP 
_pdbx_validate_torsion.auth_asym_id    A 
_pdbx_validate_torsion.auth_seq_id     322 
_pdbx_validate_torsion.PDB_ins_code    ? 
_pdbx_validate_torsion.label_alt_id    ? 
_pdbx_validate_torsion.phi             -131.10 
_pdbx_validate_torsion.psi             -63.90 
# 
_pdbx_SG_project.id                    1 
_pdbx_SG_project.project_name          'NPPSFA, National Project on Protein Structural and Functional Analyses' 
_pdbx_SG_project.full_name_of_center   'RIKEN Structural Genomics/Proteomics Initiative' 
_pdbx_SG_project.initial_of_center     RSGI 
# 
loop_
_pdbx_struct_mod_residue.id 
_pdbx_struct_mod_residue.label_asym_id 
_pdbx_struct_mod_residue.label_comp_id 
_pdbx_struct_mod_residue.label_seq_id 
_pdbx_struct_mod_residue.auth_asym_id 
_pdbx_struct_mod_residue.auth_comp_id 
_pdbx_struct_mod_residue.auth_seq_id 
_pdbx_struct_mod_residue.PDB_ins_code 
_pdbx_struct_mod_residue.parent_comp_id 
_pdbx_struct_mod_residue.details 
1 A MSE 38  A MSE 296 ? MET SELENOMETHIONINE 
2 A MSE 73  A MSE 331 ? MET SELENOMETHIONINE 
3 A MSE 121 A MSE 379 ? MET SELENOMETHIONINE 
4 A MSE 124 A MSE 382 ? MET SELENOMETHIONINE 
5 A MSE 141 A MSE 399 ? MET SELENOMETHIONINE 
6 A MSE 161 A MSE 419 ? MET SELENOMETHIONINE 
# 
_pdbx_struct_special_symmetry.id              1 
_pdbx_struct_special_symmetry.PDB_model_num   1 
_pdbx_struct_special_symmetry.auth_asym_id    A 
_pdbx_struct_special_symmetry.auth_comp_id    HOH 
_pdbx_struct_special_symmetry.auth_seq_id     1 
_pdbx_struct_special_symmetry.PDB_ins_code    ? 
_pdbx_struct_special_symmetry.label_asym_id   D 
_pdbx_struct_special_symmetry.label_comp_id   HOH 
_pdbx_struct_special_symmetry.label_seq_id    . 
# 
loop_
_pdbx_unobs_or_zero_occ_residues.id 
_pdbx_unobs_or_zero_occ_residues.PDB_model_num 
_pdbx_unobs_or_zero_occ_residues.polymer_flag 
_pdbx_unobs_or_zero_occ_residues.occupancy_flag 
_pdbx_unobs_or_zero_occ_residues.auth_asym_id 
_pdbx_unobs_or_zero_occ_residues.auth_comp_id 
_pdbx_unobs_or_zero_occ_residues.auth_seq_id 
_pdbx_unobs_or_zero_occ_residues.PDB_ins_code 
_pdbx_unobs_or_zero_occ_residues.label_asym_id 
_pdbx_unobs_or_zero_occ_residues.label_comp_id 
_pdbx_unobs_or_zero_occ_residues.label_seq_id 
1  1 Y 1 A GLY 259 ? A GLY 1   
2  1 Y 1 A SER 260 ? A SER 2   
3  1 Y 1 A SER 261 ? A SER 3   
4  1 Y 1 A GLY 262 ? A GLY 4   
5  1 Y 1 A SER 263 ? A SER 5   
6  1 Y 1 A SER 264 ? A SER 6   
7  1 Y 1 A GLY 265 ? A GLY 7   
8  1 Y 1 A ASP 266 ? A ASP 8   
9  1 Y 1 A GLU 267 ? A GLU 9   
10 1 Y 1 A SER 268 ? A SER 10  
11 1 Y 1 A ASP 269 ? A ASP 11  
12 1 Y 1 A LEU 452 ? A LEU 194 
# 
loop_
_chem_comp_atom.comp_id 
_chem_comp_atom.atom_id 
_chem_comp_atom.type_symbol 
_chem_comp_atom.pdbx_aromatic_flag 
_chem_comp_atom.pdbx_stereo_config 
_chem_comp_atom.pdbx_ordinal 
1PE OH2  O  N N 1   
1PE C12  C  N N 2   
1PE C22  C  N N 3   
1PE OH3  O  N N 4   
1PE C13  C  N N 5   
1PE C23  C  N N 6   
1PE OH4  O  N N 7   
1PE C14  C  N N 8   
1PE C24  C  N N 9   
1PE OH5  O  N N 10  
1PE C15  C  N N 11  
1PE C25  C  N N 12  
1PE OH6  O  N N 13  
1PE C16  C  N N 14  
1PE C26  C  N N 15  
1PE OH7  O  N N 16  
1PE HO2  H  N N 17  
1PE H121 H  N N 18  
1PE H122 H  N N 19  
1PE H221 H  N N 20  
1PE H222 H  N N 21  
1PE H131 H  N N 22  
1PE H132 H  N N 23  
1PE H231 H  N N 24  
1PE H232 H  N N 25  
1PE H141 H  N N 26  
1PE H142 H  N N 27  
1PE H241 H  N N 28  
1PE H242 H  N N 29  
1PE H151 H  N N 30  
1PE H152 H  N N 31  
1PE H251 H  N N 32  
1PE H252 H  N N 33  
1PE H161 H  N N 34  
1PE H162 H  N N 35  
1PE H261 H  N N 36  
1PE H262 H  N N 37  
1PE HO7  H  N N 38  
ALA N    N  N N 39  
ALA CA   C  N S 40  
ALA C    C  N N 41  
ALA O    O  N N 42  
ALA CB   C  N N 43  
ALA OXT  O  N N 44  
ALA H    H  N N 45  
ALA H2   H  N N 46  
ALA HA   H  N N 47  
ALA HB1  H  N N 48  
ALA HB2  H  N N 49  
ALA HB3  H  N N 50  
ALA HXT  H  N N 51  
ARG N    N  N N 52  
ARG CA   C  N S 53  
ARG C    C  N N 54  
ARG O    O  N N 55  
ARG CB   C  N N 56  
ARG CG   C  N N 57  
ARG CD   C  N N 58  
ARG NE   N  N N 59  
ARG CZ   C  N N 60  
ARG NH1  N  N N 61  
ARG NH2  N  N N 62  
ARG OXT  O  N N 63  
ARG H    H  N N 64  
ARG H2   H  N N 65  
ARG HA   H  N N 66  
ARG HB2  H  N N 67  
ARG HB3  H  N N 68  
ARG HG2  H  N N 69  
ARG HG3  H  N N 70  
ARG HD2  H  N N 71  
ARG HD3  H  N N 72  
ARG HE   H  N N 73  
ARG HH11 H  N N 74  
ARG HH12 H  N N 75  
ARG HH21 H  N N 76  
ARG HH22 H  N N 77  
ARG HXT  H  N N 78  
ASN N    N  N N 79  
ASN CA   C  N S 80  
ASN C    C  N N 81  
ASN O    O  N N 82  
ASN CB   C  N N 83  
ASN CG   C  N N 84  
ASN OD1  O  N N 85  
ASN ND2  N  N N 86  
ASN OXT  O  N N 87  
ASN H    H  N N 88  
ASN H2   H  N N 89  
ASN HA   H  N N 90  
ASN HB2  H  N N 91  
ASN HB3  H  N N 92  
ASN HD21 H  N N 93  
ASN HD22 H  N N 94  
ASN HXT  H  N N 95  
ASP N    N  N N 96  
ASP CA   C  N S 97  
ASP C    C  N N 98  
ASP O    O  N N 99  
ASP CB   C  N N 100 
ASP CG   C  N N 101 
ASP OD1  O  N N 102 
ASP OD2  O  N N 103 
ASP OXT  O  N N 104 
ASP H    H  N N 105 
ASP H2   H  N N 106 
ASP HA   H  N N 107 
ASP HB2  H  N N 108 
ASP HB3  H  N N 109 
ASP HD2  H  N N 110 
ASP HXT  H  N N 111 
CYS N    N  N N 112 
CYS CA   C  N R 113 
CYS C    C  N N 114 
CYS O    O  N N 115 
CYS CB   C  N N 116 
CYS SG   S  N N 117 
CYS OXT  O  N N 118 
CYS H    H  N N 119 
CYS H2   H  N N 120 
CYS HA   H  N N 121 
CYS HB2  H  N N 122 
CYS HB3  H  N N 123 
CYS HG   H  N N 124 
CYS HXT  H  N N 125 
GLN N    N  N N 126 
GLN CA   C  N S 127 
GLN C    C  N N 128 
GLN O    O  N N 129 
GLN CB   C  N N 130 
GLN CG   C  N N 131 
GLN CD   C  N N 132 
GLN OE1  O  N N 133 
GLN NE2  N  N N 134 
GLN OXT  O  N N 135 
GLN H    H  N N 136 
GLN H2   H  N N 137 
GLN HA   H  N N 138 
GLN HB2  H  N N 139 
GLN HB3  H  N N 140 
GLN HG2  H  N N 141 
GLN HG3  H  N N 142 
GLN HE21 H  N N 143 
GLN HE22 H  N N 144 
GLN HXT  H  N N 145 
GLU N    N  N N 146 
GLU CA   C  N S 147 
GLU C    C  N N 148 
GLU O    O  N N 149 
GLU CB   C  N N 150 
GLU CG   C  N N 151 
GLU CD   C  N N 152 
GLU OE1  O  N N 153 
GLU OE2  O  N N 154 
GLU OXT  O  N N 155 
GLU H    H  N N 156 
GLU H2   H  N N 157 
GLU HA   H  N N 158 
GLU HB2  H  N N 159 
GLU HB3  H  N N 160 
GLU HG2  H  N N 161 
GLU HG3  H  N N 162 
GLU HE2  H  N N 163 
GLU HXT  H  N N 164 
GLY N    N  N N 165 
GLY CA   C  N N 166 
GLY C    C  N N 167 
GLY O    O  N N 168 
GLY OXT  O  N N 169 
GLY H    H  N N 170 
GLY H2   H  N N 171 
GLY HA2  H  N N 172 
GLY HA3  H  N N 173 
GLY HXT  H  N N 174 
HIS N    N  N N 175 
HIS CA   C  N S 176 
HIS C    C  N N 177 
HIS O    O  N N 178 
HIS CB   C  N N 179 
HIS CG   C  Y N 180 
HIS ND1  N  Y N 181 
HIS CD2  C  Y N 182 
HIS CE1  C  Y N 183 
HIS NE2  N  Y N 184 
HIS OXT  O  N N 185 
HIS H    H  N N 186 
HIS H2   H  N N 187 
HIS HA   H  N N 188 
HIS HB2  H  N N 189 
HIS HB3  H  N N 190 
HIS HD1  H  N N 191 
HIS HD2  H  N N 192 
HIS HE1  H  N N 193 
HIS HE2  H  N N 194 
HIS HXT  H  N N 195 
HOH O    O  N N 196 
HOH H1   H  N N 197 
HOH H2   H  N N 198 
ILE N    N  N N 199 
ILE CA   C  N S 200 
ILE C    C  N N 201 
ILE O    O  N N 202 
ILE CB   C  N S 203 
ILE CG1  C  N N 204 
ILE CG2  C  N N 205 
ILE CD1  C  N N 206 
ILE OXT  O  N N 207 
ILE H    H  N N 208 
ILE H2   H  N N 209 
ILE HA   H  N N 210 
ILE HB   H  N N 211 
ILE HG12 H  N N 212 
ILE HG13 H  N N 213 
ILE HG21 H  N N 214 
ILE HG22 H  N N 215 
ILE HG23 H  N N 216 
ILE HD11 H  N N 217 
ILE HD12 H  N N 218 
ILE HD13 H  N N 219 
ILE HXT  H  N N 220 
LEU N    N  N N 221 
LEU CA   C  N S 222 
LEU C    C  N N 223 
LEU O    O  N N 224 
LEU CB   C  N N 225 
LEU CG   C  N N 226 
LEU CD1  C  N N 227 
LEU CD2  C  N N 228 
LEU OXT  O  N N 229 
LEU H    H  N N 230 
LEU H2   H  N N 231 
LEU HA   H  N N 232 
LEU HB2  H  N N 233 
LEU HB3  H  N N 234 
LEU HG   H  N N 235 
LEU HD11 H  N N 236 
LEU HD12 H  N N 237 
LEU HD13 H  N N 238 
LEU HD21 H  N N 239 
LEU HD22 H  N N 240 
LEU HD23 H  N N 241 
LEU HXT  H  N N 242 
LYS N    N  N N 243 
LYS CA   C  N S 244 
LYS C    C  N N 245 
LYS O    O  N N 246 
LYS CB   C  N N 247 
LYS CG   C  N N 248 
LYS CD   C  N N 249 
LYS CE   C  N N 250 
LYS NZ   N  N N 251 
LYS OXT  O  N N 252 
LYS H    H  N N 253 
LYS H2   H  N N 254 
LYS HA   H  N N 255 
LYS HB2  H  N N 256 
LYS HB3  H  N N 257 
LYS HG2  H  N N 258 
LYS HG3  H  N N 259 
LYS HD2  H  N N 260 
LYS HD3  H  N N 261 
LYS HE2  H  N N 262 
LYS HE3  H  N N 263 
LYS HZ1  H  N N 264 
LYS HZ2  H  N N 265 
LYS HZ3  H  N N 266 
LYS HXT  H  N N 267 
MSE N    N  N N 268 
MSE CA   C  N S 269 
MSE C    C  N N 270 
MSE O    O  N N 271 
MSE OXT  O  N N 272 
MSE CB   C  N N 273 
MSE CG   C  N N 274 
MSE SE   SE N N 275 
MSE CE   C  N N 276 
MSE H    H  N N 277 
MSE H2   H  N N 278 
MSE HA   H  N N 279 
MSE HXT  H  N N 280 
MSE HB2  H  N N 281 
MSE HB3  H  N N 282 
MSE HG2  H  N N 283 
MSE HG3  H  N N 284 
MSE HE1  H  N N 285 
MSE HE2  H  N N 286 
MSE HE3  H  N N 287 
PHE N    N  N N 288 
PHE CA   C  N S 289 
PHE C    C  N N 290 
PHE O    O  N N 291 
PHE CB   C  N N 292 
PHE CG   C  Y N 293 
PHE CD1  C  Y N 294 
PHE CD2  C  Y N 295 
PHE CE1  C  Y N 296 
PHE CE2  C  Y N 297 
PHE CZ   C  Y N 298 
PHE OXT  O  N N 299 
PHE H    H  N N 300 
PHE H2   H  N N 301 
PHE HA   H  N N 302 
PHE HB2  H  N N 303 
PHE HB3  H  N N 304 
PHE HD1  H  N N 305 
PHE HD2  H  N N 306 
PHE HE1  H  N N 307 
PHE HE2  H  N N 308 
PHE HZ   H  N N 309 
PHE HXT  H  N N 310 
PRO N    N  N N 311 
PRO CA   C  N S 312 
PRO C    C  N N 313 
PRO O    O  N N 314 
PRO CB   C  N N 315 
PRO CG   C  N N 316 
PRO CD   C  N N 317 
PRO OXT  O  N N 318 
PRO H    H  N N 319 
PRO HA   H  N N 320 
PRO HB2  H  N N 321 
PRO HB3  H  N N 322 
PRO HG2  H  N N 323 
PRO HG3  H  N N 324 
PRO HD2  H  N N 325 
PRO HD3  H  N N 326 
PRO HXT  H  N N 327 
SER N    N  N N 328 
SER CA   C  N S 329 
SER C    C  N N 330 
SER O    O  N N 331 
SER CB   C  N N 332 
SER OG   O  N N 333 
SER OXT  O  N N 334 
SER H    H  N N 335 
SER H2   H  N N 336 
SER HA   H  N N 337 
SER HB2  H  N N 338 
SER HB3  H  N N 339 
SER HG   H  N N 340 
SER HXT  H  N N 341 
THR N    N  N N 342 
THR CA   C  N S 343 
THR C    C  N N 344 
THR O    O  N N 345 
THR CB   C  N R 346 
THR OG1  O  N N 347 
THR CG2  C  N N 348 
THR OXT  O  N N 349 
THR H    H  N N 350 
THR H2   H  N N 351 
THR HA   H  N N 352 
THR HB   H  N N 353 
THR HG1  H  N N 354 
THR HG21 H  N N 355 
THR HG22 H  N N 356 
THR HG23 H  N N 357 
THR HXT  H  N N 358 
TRP N    N  N N 359 
TRP CA   C  N S 360 
TRP C    C  N N 361 
TRP O    O  N N 362 
TRP CB   C  N N 363 
TRP CG   C  Y N 364 
TRP CD1  C  Y N 365 
TRP CD2  C  Y N 366 
TRP NE1  N  Y N 367 
TRP CE2  C  Y N 368 
TRP CE3  C  Y N 369 
TRP CZ2  C  Y N 370 
TRP CZ3  C  Y N 371 
TRP CH2  C  Y N 372 
TRP OXT  O  N N 373 
TRP H    H  N N 374 
TRP H2   H  N N 375 
TRP HA   H  N N 376 
TRP HB2  H  N N 377 
TRP HB3  H  N N 378 
TRP HD1  H  N N 379 
TRP HE1  H  N N 380 
TRP HE3  H  N N 381 
TRP HZ2  H  N N 382 
TRP HZ3  H  N N 383 
TRP HH2  H  N N 384 
TRP HXT  H  N N 385 
TYR N    N  N N 386 
TYR CA   C  N S 387 
TYR C    C  N N 388 
TYR O    O  N N 389 
TYR CB   C  N N 390 
TYR CG   C  Y N 391 
TYR CD1  C  Y N 392 
TYR CD2  C  Y N 393 
TYR CE1  C  Y N 394 
TYR CE2  C  Y N 395 
TYR CZ   C  Y N 396 
TYR OH   O  N N 397 
TYR OXT  O  N N 398 
TYR H    H  N N 399 
TYR H2   H  N N 400 
TYR HA   H  N N 401 
TYR HB2  H  N N 402 
TYR HB3  H  N N 403 
TYR HD1  H  N N 404 
TYR HD2  H  N N 405 
TYR HE1  H  N N 406 
TYR HE2  H  N N 407 
TYR HH   H  N N 408 
TYR HXT  H  N N 409 
VAL N    N  N N 410 
VAL CA   C  N S 411 
VAL C    C  N N 412 
VAL O    O  N N 413 
VAL CB   C  N N 414 
VAL CG1  C  N N 415 
VAL CG2  C  N N 416 
VAL OXT  O  N N 417 
VAL H    H  N N 418 
VAL H2   H  N N 419 
VAL HA   H  N N 420 
VAL HB   H  N N 421 
VAL HG11 H  N N 422 
VAL HG12 H  N N 423 
VAL HG13 H  N N 424 
VAL HG21 H  N N 425 
VAL HG22 H  N N 426 
VAL HG23 H  N N 427 
VAL HXT  H  N N 428 
# 
loop_
_chem_comp_bond.comp_id 
_chem_comp_bond.atom_id_1 
_chem_comp_bond.atom_id_2 
_chem_comp_bond.value_order 
_chem_comp_bond.pdbx_aromatic_flag 
_chem_comp_bond.pdbx_stereo_config 
_chem_comp_bond.pdbx_ordinal 
1PE OH2 C12  sing N N 1   
1PE OH2 HO2  sing N N 2   
1PE C12 C22  sing N N 3   
1PE C12 H121 sing N N 4   
1PE C12 H122 sing N N 5   
1PE C22 OH3  sing N N 6   
1PE C22 H221 sing N N 7   
1PE C22 H222 sing N N 8   
1PE OH3 C23  sing N N 9   
1PE C13 C23  sing N N 10  
1PE C13 OH4  sing N N 11  
1PE C13 H131 sing N N 12  
1PE C13 H132 sing N N 13  
1PE C23 H231 sing N N 14  
1PE C23 H232 sing N N 15  
1PE OH4 C24  sing N N 16  
1PE C14 C24  sing N N 17  
1PE C14 OH5  sing N N 18  
1PE C14 H141 sing N N 19  
1PE C14 H142 sing N N 20  
1PE C24 H241 sing N N 21  
1PE C24 H242 sing N N 22  
1PE OH5 C25  sing N N 23  
1PE C15 C25  sing N N 24  
1PE C15 OH6  sing N N 25  
1PE C15 H151 sing N N 26  
1PE C15 H152 sing N N 27  
1PE C25 H251 sing N N 28  
1PE C25 H252 sing N N 29  
1PE OH6 C26  sing N N 30  
1PE C16 C26  sing N N 31  
1PE C16 OH7  sing N N 32  
1PE C16 H161 sing N N 33  
1PE C16 H162 sing N N 34  
1PE C26 H261 sing N N 35  
1PE C26 H262 sing N N 36  
1PE OH7 HO7  sing N N 37  
ALA N   CA   sing N N 38  
ALA N   H    sing N N 39  
ALA N   H2   sing N N 40  
ALA CA  C    sing N N 41  
ALA CA  CB   sing N N 42  
ALA CA  HA   sing N N 43  
ALA C   O    doub N N 44  
ALA C   OXT  sing N N 45  
ALA CB  HB1  sing N N 46  
ALA CB  HB2  sing N N 47  
ALA CB  HB3  sing N N 48  
ALA OXT HXT  sing N N 49  
ARG N   CA   sing N N 50  
ARG N   H    sing N N 51  
ARG N   H2   sing N N 52  
ARG CA  C    sing N N 53  
ARG CA  CB   sing N N 54  
ARG CA  HA   sing N N 55  
ARG C   O    doub N N 56  
ARG C   OXT  sing N N 57  
ARG CB  CG   sing N N 58  
ARG CB  HB2  sing N N 59  
ARG CB  HB3  sing N N 60  
ARG CG  CD   sing N N 61  
ARG CG  HG2  sing N N 62  
ARG CG  HG3  sing N N 63  
ARG CD  NE   sing N N 64  
ARG CD  HD2  sing N N 65  
ARG CD  HD3  sing N N 66  
ARG NE  CZ   sing N N 67  
ARG NE  HE   sing N N 68  
ARG CZ  NH1  sing N N 69  
ARG CZ  NH2  doub N N 70  
ARG NH1 HH11 sing N N 71  
ARG NH1 HH12 sing N N 72  
ARG NH2 HH21 sing N N 73  
ARG NH2 HH22 sing N N 74  
ARG OXT HXT  sing N N 75  
ASN N   CA   sing N N 76  
ASN N   H    sing N N 77  
ASN N   H2   sing N N 78  
ASN CA  C    sing N N 79  
ASN CA  CB   sing N N 80  
ASN CA  HA   sing N N 81  
ASN C   O    doub N N 82  
ASN C   OXT  sing N N 83  
ASN CB  CG   sing N N 84  
ASN CB  HB2  sing N N 85  
ASN CB  HB3  sing N N 86  
ASN CG  OD1  doub N N 87  
ASN CG  ND2  sing N N 88  
ASN ND2 HD21 sing N N 89  
ASN ND2 HD22 sing N N 90  
ASN OXT HXT  sing N N 91  
ASP N   CA   sing N N 92  
ASP N   H    sing N N 93  
ASP N   H2   sing N N 94  
ASP CA  C    sing N N 95  
ASP CA  CB   sing N N 96  
ASP CA  HA   sing N N 97  
ASP C   O    doub N N 98  
ASP C   OXT  sing N N 99  
ASP CB  CG   sing N N 100 
ASP CB  HB2  sing N N 101 
ASP CB  HB3  sing N N 102 
ASP CG  OD1  doub N N 103 
ASP CG  OD2  sing N N 104 
ASP OD2 HD2  sing N N 105 
ASP OXT HXT  sing N N 106 
CYS N   CA   sing N N 107 
CYS N   H    sing N N 108 
CYS N   H2   sing N N 109 
CYS CA  C    sing N N 110 
CYS CA  CB   sing N N 111 
CYS CA  HA   sing N N 112 
CYS C   O    doub N N 113 
CYS C   OXT  sing N N 114 
CYS CB  SG   sing N N 115 
CYS CB  HB2  sing N N 116 
CYS CB  HB3  sing N N 117 
CYS SG  HG   sing N N 118 
CYS OXT HXT  sing N N 119 
GLN N   CA   sing N N 120 
GLN N   H    sing N N 121 
GLN N   H2   sing N N 122 
GLN CA  C    sing N N 123 
GLN CA  CB   sing N N 124 
GLN CA  HA   sing N N 125 
GLN C   O    doub N N 126 
GLN C   OXT  sing N N 127 
GLN CB  CG   sing N N 128 
GLN CB  HB2  sing N N 129 
GLN CB  HB3  sing N N 130 
GLN CG  CD   sing N N 131 
GLN CG  HG2  sing N N 132 
GLN CG  HG3  sing N N 133 
GLN CD  OE1  doub N N 134 
GLN CD  NE2  sing N N 135 
GLN NE2 HE21 sing N N 136 
GLN NE2 HE22 sing N N 137 
GLN OXT HXT  sing N N 138 
GLU N   CA   sing N N 139 
GLU N   H    sing N N 140 
GLU N   H2   sing N N 141 
GLU CA  C    sing N N 142 
GLU CA  CB   sing N N 143 
GLU CA  HA   sing N N 144 
GLU C   O    doub N N 145 
GLU C   OXT  sing N N 146 
GLU CB  CG   sing N N 147 
GLU CB  HB2  sing N N 148 
GLU CB  HB3  sing N N 149 
GLU CG  CD   sing N N 150 
GLU CG  HG2  sing N N 151 
GLU CG  HG3  sing N N 152 
GLU CD  OE1  doub N N 153 
GLU CD  OE2  sing N N 154 
GLU OE2 HE2  sing N N 155 
GLU OXT HXT  sing N N 156 
GLY N   CA   sing N N 157 
GLY N   H    sing N N 158 
GLY N   H2   sing N N 159 
GLY CA  C    sing N N 160 
GLY CA  HA2  sing N N 161 
GLY CA  HA3  sing N N 162 
GLY C   O    doub N N 163 
GLY C   OXT  sing N N 164 
GLY OXT HXT  sing N N 165 
HIS N   CA   sing N N 166 
HIS N   H    sing N N 167 
HIS N   H2   sing N N 168 
HIS CA  C    sing N N 169 
HIS CA  CB   sing N N 170 
HIS CA  HA   sing N N 171 
HIS C   O    doub N N 172 
HIS C   OXT  sing N N 173 
HIS CB  CG   sing N N 174 
HIS CB  HB2  sing N N 175 
HIS CB  HB3  sing N N 176 
HIS CG  ND1  sing Y N 177 
HIS CG  CD2  doub Y N 178 
HIS ND1 CE1  doub Y N 179 
HIS ND1 HD1  sing N N 180 
HIS CD2 NE2  sing Y N 181 
HIS CD2 HD2  sing N N 182 
HIS CE1 NE2  sing Y N 183 
HIS CE1 HE1  sing N N 184 
HIS NE2 HE2  sing N N 185 
HIS OXT HXT  sing N N 186 
HOH O   H1   sing N N 187 
HOH O   H2   sing N N 188 
ILE N   CA   sing N N 189 
ILE N   H    sing N N 190 
ILE N   H2   sing N N 191 
ILE CA  C    sing N N 192 
ILE CA  CB   sing N N 193 
ILE CA  HA   sing N N 194 
ILE C   O    doub N N 195 
ILE C   OXT  sing N N 196 
ILE CB  CG1  sing N N 197 
ILE CB  CG2  sing N N 198 
ILE CB  HB   sing N N 199 
ILE CG1 CD1  sing N N 200 
ILE CG1 HG12 sing N N 201 
ILE CG1 HG13 sing N N 202 
ILE CG2 HG21 sing N N 203 
ILE CG2 HG22 sing N N 204 
ILE CG2 HG23 sing N N 205 
ILE CD1 HD11 sing N N 206 
ILE CD1 HD12 sing N N 207 
ILE CD1 HD13 sing N N 208 
ILE OXT HXT  sing N N 209 
LEU N   CA   sing N N 210 
LEU N   H    sing N N 211 
LEU N   H2   sing N N 212 
LEU CA  C    sing N N 213 
LEU CA  CB   sing N N 214 
LEU CA  HA   sing N N 215 
LEU C   O    doub N N 216 
LEU C   OXT  sing N N 217 
LEU CB  CG   sing N N 218 
LEU CB  HB2  sing N N 219 
LEU CB  HB3  sing N N 220 
LEU CG  CD1  sing N N 221 
LEU CG  CD2  sing N N 222 
LEU CG  HG   sing N N 223 
LEU CD1 HD11 sing N N 224 
LEU CD1 HD12 sing N N 225 
LEU CD1 HD13 sing N N 226 
LEU CD2 HD21 sing N N 227 
LEU CD2 HD22 sing N N 228 
LEU CD2 HD23 sing N N 229 
LEU OXT HXT  sing N N 230 
LYS N   CA   sing N N 231 
LYS N   H    sing N N 232 
LYS N   H2   sing N N 233 
LYS CA  C    sing N N 234 
LYS CA  CB   sing N N 235 
LYS CA  HA   sing N N 236 
LYS C   O    doub N N 237 
LYS C   OXT  sing N N 238 
LYS CB  CG   sing N N 239 
LYS CB  HB2  sing N N 240 
LYS CB  HB3  sing N N 241 
LYS CG  CD   sing N N 242 
LYS CG  HG2  sing N N 243 
LYS CG  HG3  sing N N 244 
LYS CD  CE   sing N N 245 
LYS CD  HD2  sing N N 246 
LYS CD  HD3  sing N N 247 
LYS CE  NZ   sing N N 248 
LYS CE  HE2  sing N N 249 
LYS CE  HE3  sing N N 250 
LYS NZ  HZ1  sing N N 251 
LYS NZ  HZ2  sing N N 252 
LYS NZ  HZ3  sing N N 253 
LYS OXT HXT  sing N N 254 
MSE N   CA   sing N N 255 
MSE N   H    sing N N 256 
MSE N   H2   sing N N 257 
MSE CA  C    sing N N 258 
MSE CA  CB   sing N N 259 
MSE CA  HA   sing N N 260 
MSE C   O    doub N N 261 
MSE C   OXT  sing N N 262 
MSE OXT HXT  sing N N 263 
MSE CB  CG   sing N N 264 
MSE CB  HB2  sing N N 265 
MSE CB  HB3  sing N N 266 
MSE CG  SE   sing N N 267 
MSE CG  HG2  sing N N 268 
MSE CG  HG3  sing N N 269 
MSE SE  CE   sing N N 270 
MSE CE  HE1  sing N N 271 
MSE CE  HE2  sing N N 272 
MSE CE  HE3  sing N N 273 
PHE N   CA   sing N N 274 
PHE N   H    sing N N 275 
PHE N   H2   sing N N 276 
PHE CA  C    sing N N 277 
PHE CA  CB   sing N N 278 
PHE CA  HA   sing N N 279 
PHE C   O    doub N N 280 
PHE C   OXT  sing N N 281 
PHE CB  CG   sing N N 282 
PHE CB  HB2  sing N N 283 
PHE CB  HB3  sing N N 284 
PHE CG  CD1  doub Y N 285 
PHE CG  CD2  sing Y N 286 
PHE CD1 CE1  sing Y N 287 
PHE CD1 HD1  sing N N 288 
PHE CD2 CE2  doub Y N 289 
PHE CD2 HD2  sing N N 290 
PHE CE1 CZ   doub Y N 291 
PHE CE1 HE1  sing N N 292 
PHE CE2 CZ   sing Y N 293 
PHE CE2 HE2  sing N N 294 
PHE CZ  HZ   sing N N 295 
PHE OXT HXT  sing N N 296 
PRO N   CA   sing N N 297 
PRO N   CD   sing N N 298 
PRO N   H    sing N N 299 
PRO CA  C    sing N N 300 
PRO CA  CB   sing N N 301 
PRO CA  HA   sing N N 302 
PRO C   O    doub N N 303 
PRO C   OXT  sing N N 304 
PRO CB  CG   sing N N 305 
PRO CB  HB2  sing N N 306 
PRO CB  HB3  sing N N 307 
PRO CG  CD   sing N N 308 
PRO CG  HG2  sing N N 309 
PRO CG  HG3  sing N N 310 
PRO CD  HD2  sing N N 311 
PRO CD  HD3  sing N N 312 
PRO OXT HXT  sing N N 313 
SER N   CA   sing N N 314 
SER N   H    sing N N 315 
SER N   H2   sing N N 316 
SER CA  C    sing N N 317 
SER CA  CB   sing N N 318 
SER CA  HA   sing N N 319 
SER C   O    doub N N 320 
SER C   OXT  sing N N 321 
SER CB  OG   sing N N 322 
SER CB  HB2  sing N N 323 
SER CB  HB3  sing N N 324 
SER OG  HG   sing N N 325 
SER OXT HXT  sing N N 326 
THR N   CA   sing N N 327 
THR N   H    sing N N 328 
THR N   H2   sing N N 329 
THR CA  C    sing N N 330 
THR CA  CB   sing N N 331 
THR CA  HA   sing N N 332 
THR C   O    doub N N 333 
THR C   OXT  sing N N 334 
THR CB  OG1  sing N N 335 
THR CB  CG2  sing N N 336 
THR CB  HB   sing N N 337 
THR OG1 HG1  sing N N 338 
THR CG2 HG21 sing N N 339 
THR CG2 HG22 sing N N 340 
THR CG2 HG23 sing N N 341 
THR OXT HXT  sing N N 342 
TRP N   CA   sing N N 343 
TRP N   H    sing N N 344 
TRP N   H2   sing N N 345 
TRP CA  C    sing N N 346 
TRP CA  CB   sing N N 347 
TRP CA  HA   sing N N 348 
TRP C   O    doub N N 349 
TRP C   OXT  sing N N 350 
TRP CB  CG   sing N N 351 
TRP CB  HB2  sing N N 352 
TRP CB  HB3  sing N N 353 
TRP CG  CD1  doub Y N 354 
TRP CG  CD2  sing Y N 355 
TRP CD1 NE1  sing Y N 356 
TRP CD1 HD1  sing N N 357 
TRP CD2 CE2  doub Y N 358 
TRP CD2 CE3  sing Y N 359 
TRP NE1 CE2  sing Y N 360 
TRP NE1 HE1  sing N N 361 
TRP CE2 CZ2  sing Y N 362 
TRP CE3 CZ3  doub Y N 363 
TRP CE3 HE3  sing N N 364 
TRP CZ2 CH2  doub Y N 365 
TRP CZ2 HZ2  sing N N 366 
TRP CZ3 CH2  sing Y N 367 
TRP CZ3 HZ3  sing N N 368 
TRP CH2 HH2  sing N N 369 
TRP OXT HXT  sing N N 370 
TYR N   CA   sing N N 371 
TYR N   H    sing N N 372 
TYR N   H2   sing N N 373 
TYR CA  C    sing N N 374 
TYR CA  CB   sing N N 375 
TYR CA  HA   sing N N 376 
TYR C   O    doub N N 377 
TYR C   OXT  sing N N 378 
TYR CB  CG   sing N N 379 
TYR CB  HB2  sing N N 380 
TYR CB  HB3  sing N N 381 
TYR CG  CD1  doub Y N 382 
TYR CG  CD2  sing Y N 383 
TYR CD1 CE1  sing Y N 384 
TYR CD1 HD1  sing N N 385 
TYR CD2 CE2  doub Y N 386 
TYR CD2 HD2  sing N N 387 
TYR CE1 CZ   doub Y N 388 
TYR CE1 HE1  sing N N 389 
TYR CE2 CZ   sing Y N 390 
TYR CE2 HE2  sing N N 391 
TYR CZ  OH   sing N N 392 
TYR OH  HH   sing N N 393 
TYR OXT HXT  sing N N 394 
VAL N   CA   sing N N 395 
VAL N   H    sing N N 396 
VAL N   H2   sing N N 397 
VAL CA  C    sing N N 398 
VAL CA  CB   sing N N 399 
VAL CA  HA   sing N N 400 
VAL C   O    doub N N 401 
VAL C   OXT  sing N N 402 
VAL CB  CG1  sing N N 403 
VAL CB  CG2  sing N N 404 
VAL CB  HB   sing N N 405 
VAL CG1 HG11 sing N N 406 
VAL CG1 HG12 sing N N 407 
VAL CG1 HG13 sing N N 408 
VAL CG2 HG21 sing N N 409 
VAL CG2 HG22 sing N N 410 
VAL CG2 HG23 sing N N 411 
VAL OXT HXT  sing N N 412 
# 
_atom_sites.entry_id                    2CW9 
_atom_sites.fract_transf_matrix[1][1]   -0.00188280 
_atom_sites.fract_transf_matrix[1][2]   0.00701189 
_atom_sites.fract_transf_matrix[1][3]   -0.00783250 
_atom_sites.fract_transf_matrix[2][1]   -0.00547203 
_atom_sites.fract_transf_matrix[2][2]   0.00894208 
_atom_sites.fract_transf_matrix[2][3]   0.00203924 
_atom_sites.fract_transf_matrix[3][1]   0.00748612 
_atom_sites.fract_transf_matrix[3][2]   0.00414518 
_atom_sites.fract_transf_matrix[3][3]   0.00191136 
_atom_sites.fract_transf_vector[1]      0.418306 
_atom_sites.fract_transf_vector[2]      0.295031 
_atom_sites.fract_transf_vector[3]      0.511601 
# 
loop_
_atom_type.symbol 
C  
N  
O  
S  
SE 
# 
loop_
_atom_site.group_PDB 
_atom_site.id 
_atom_site.type_symbol 
_atom_site.label_atom_id 
_atom_site.label_alt_id 
_atom_site.label_comp_id 
_atom_site.label_asym_id 
_atom_site.label_entity_id 
_atom_site.label_seq_id 
_atom_site.pdbx_PDB_ins_code 
_atom_site.Cartn_x 
_atom_site.Cartn_y 
_atom_site.Cartn_z 
_atom_site.occupancy 
_atom_site.B_iso_or_equiv 
_atom_site.pdbx_formal_charge 
_atom_site.auth_seq_id 
_atom_site.auth_comp_id 
_atom_site.auth_asym_id 
_atom_site.auth_atom_id 
_atom_site.pdbx_PDB_model_num 
ATOM   1    N  N   . ASN A 1 12  ? -18.107 13.531  -13.585 1.00 67.38 ? 270  ASN A N   1 
ATOM   2    C  CA  . ASN A 1 12  ? -16.993 13.727  -14.556 1.00 67.40 ? 270  ASN A CA  1 
ATOM   3    C  C   . ASN A 1 12  ? -16.683 12.427  -15.294 1.00 66.67 ? 270  ASN A C   1 
ATOM   4    O  O   . ASN A 1 12  ? -16.705 11.347  -14.705 1.00 66.69 ? 270  ASN A O   1 
ATOM   5    C  CB  . ASN A 1 12  ? -15.742 14.216  -13.824 1.00 69.05 ? 270  ASN A CB  1 
ATOM   6    C  CG  . ASN A 1 12  ? -14.583 14.475  -14.763 1.00 70.49 ? 270  ASN A CG  1 
ATOM   7    O  OD1 . ASN A 1 12  ? -14.648 15.359  -15.619 1.00 72.73 ? 270  ASN A OD1 1 
ATOM   8    N  ND2 . ASN A 1 12  ? -13.514 13.701  -14.612 1.00 70.65 ? 270  ASN A ND2 1 
ATOM   9    N  N   . ALA A 1 13  ? -16.385 12.544  -16.585 1.00 65.34 ? 271  ALA A N   1 
ATOM   10   C  CA  . ALA A 1 13  ? -16.079 11.387  -17.420 1.00 64.16 ? 271  ALA A CA  1 
ATOM   11   C  C   . ALA A 1 13  ? -14.803 10.664  -16.999 1.00 63.59 ? 271  ALA A C   1 
ATOM   12   O  O   . ALA A 1 13  ? -14.806 9.446   -16.817 1.00 63.39 ? 271  ALA A O   1 
ATOM   13   C  CB  . ALA A 1 13  ? -15.975 11.815  -18.877 1.00 64.19 ? 271  ALA A CB  1 
ATOM   14   N  N   . PHE A 1 14  ? -13.712 11.412  -16.856 1.00 62.15 ? 272  PHE A N   1 
ATOM   15   C  CA  . PHE A 1 14  ? -12.434 10.824  -16.468 1.00 61.10 ? 272  PHE A CA  1 
ATOM   16   C  C   . PHE A 1 14  ? -12.526 10.107  -15.125 1.00 59.91 ? 272  PHE A C   1 
ATOM   17   O  O   . PHE A 1 14  ? -11.982 9.017   -14.955 1.00 59.42 ? 272  PHE A O   1 
ATOM   18   C  CB  . PHE A 1 14  ? -11.345 11.899  -16.393 1.00 60.78 ? 272  PHE A CB  1 
ATOM   19   C  CG  . PHE A 1 14  ? -9.980  11.353  -16.079 1.00 60.85 ? 272  PHE A CG  1 
ATOM   20   C  CD1 . PHE A 1 14  ? -9.308  10.555  -17.001 1.00 60.47 ? 272  PHE A CD1 1 
ATOM   21   C  CD2 . PHE A 1 14  ? -9.380  11.604  -14.849 1.00 61.15 ? 272  PHE A CD2 1 
ATOM   22   C  CE1 . PHE A 1 14  ? -8.057  10.015  -16.702 1.00 61.22 ? 272  PHE A CE1 1 
ATOM   23   C  CE2 . PHE A 1 14  ? -8.131  11.066  -14.539 1.00 61.00 ? 272  PHE A CE2 1 
ATOM   24   C  CZ  . PHE A 1 14  ? -7.469  10.270  -15.468 1.00 60.71 ? 272  PHE A CZ  1 
ATOM   25   N  N   . ILE A 1 15  ? -13.213 10.730  -14.174 1.00 58.83 ? 273  ILE A N   1 
ATOM   26   C  CA  . ILE A 1 15  ? -13.376 10.154  -12.846 1.00 58.01 ? 273  ILE A CA  1 
ATOM   27   C  C   . ILE A 1 15  ? -14.056 8.788   -12.916 1.00 57.31 ? 273  ILE A C   1 
ATOM   28   O  O   . ILE A 1 15  ? -13.714 7.878   -12.160 1.00 56.08 ? 273  ILE A O   1 
ATOM   29   C  CB  . ILE A 1 15  ? -14.209 11.086  -11.937 1.00 58.21 ? 273  ILE A CB  1 
ATOM   30   C  CG1 . ILE A 1 15  ? -13.533 12.457  -11.837 1.00 58.83 ? 273  ILE A CG1 1 
ATOM   31   C  CG2 . ILE A 1 15  ? -14.364 10.467  -10.555 1.00 58.72 ? 273  ILE A CG2 1 
ATOM   32   C  CD1 . ILE A 1 15  ? -12.117 12.420  -11.296 1.00 58.51 ? 273  ILE A CD1 1 
ATOM   33   N  N   . ARG A 1 16  ? -15.016 8.647   -13.825 1.00 56.08 ? 274  ARG A N   1 
ATOM   34   C  CA  . ARG A 1 16  ? -15.732 7.385   -13.978 1.00 55.62 ? 274  ARG A CA  1 
ATOM   35   C  C   . ARG A 1 16  ? -14.830 6.290   -14.541 1.00 53.81 ? 274  ARG A C   1 
ATOM   36   O  O   . ARG A 1 16  ? -14.897 5.139   -14.110 1.00 53.15 ? 274  ARG A O   1 
ATOM   37   C  CB  . ARG A 1 16  ? -16.954 7.561   -14.887 1.00 57.44 ? 274  ARG A CB  1 
ATOM   38   C  CG  . ARG A 1 16  ? -18.048 8.442   -14.299 1.00 60.40 ? 274  ARG A CG  1 
ATOM   39   C  CD  . ARG A 1 16  ? -19.370 8.245   -15.037 1.00 64.10 ? 274  ARG A CD  1 
ATOM   40   N  NE  . ARG A 1 16  ? -19.302 8.658   -16.437 1.00 66.66 ? 274  ARG A NE  1 
ATOM   41   C  CZ  . ARG A 1 16  ? -19.278 9.924   -16.845 1.00 68.49 ? 274  ARG A CZ  1 
ATOM   42   N  NH1 . ARG A 1 16  ? -19.319 10.911  -15.959 1.00 69.11 ? 274  ARG A NH1 1 
ATOM   43   N  NH2 . ARG A 1 16  ? -19.213 10.204  -18.141 1.00 69.03 ? 274  ARG A NH2 1 
ATOM   44   N  N   . ALA A 1 17  ? -13.985 6.656   -15.500 1.00 51.24 ? 275  ALA A N   1 
ATOM   45   C  CA  . ALA A 1 17  ? -13.072 5.703   -16.122 1.00 49.46 ? 275  ALA A CA  1 
ATOM   46   C  C   . ALA A 1 17  ? -12.076 5.124   -15.116 1.00 48.49 ? 275  ALA A C   1 
ATOM   47   O  O   . ALA A 1 17  ? -11.797 3.923   -15.133 1.00 46.29 ? 275  ALA A O   1 
ATOM   48   C  CB  . ALA A 1 17  ? -12.326 6.370   -17.268 1.00 49.56 ? 275  ALA A CB  1 
ATOM   49   N  N   . SER A 1 18  ? -11.537 5.974   -14.246 1.00 47.09 ? 276  SER A N   1 
ATOM   50   C  CA  . SER A 1 18  ? -10.580 5.512   -13.245 1.00 46.34 ? 276  SER A CA  1 
ATOM   51   C  C   . SER A 1 18  ? -11.285 4.616   -12.232 1.00 45.79 ? 276  SER A C   1 
ATOM   52   O  O   . SER A 1 18  ? -10.712 3.636   -11.751 1.00 44.69 ? 276  SER A O   1 
ATOM   53   C  CB  . SER A 1 18  ? -9.923  6.700   -12.532 1.00 46.59 ? 276  SER A CB  1 
ATOM   54   O  OG  . SER A 1 18  ? -10.867 7.452   -11.792 1.00 47.50 ? 276  SER A OG  1 
ATOM   55   N  N   . ARG A 1 19  ? -12.532 4.953   -11.917 1.00 44.82 ? 277  ARG A N   1 
ATOM   56   C  CA  . ARG A 1 19  ? -13.317 4.169   -10.971 1.00 45.87 ? 277  ARG A CA  1 
ATOM   57   C  C   . ARG A 1 19  ? -13.624 2.805   -11.585 1.00 44.67 ? 277  ARG A C   1 
ATOM   58   O  O   . ARG A 1 19  ? -13.687 1.793   -10.885 1.00 43.90 ? 277  ARG A O   1 
ATOM   59   C  CB  . ARG A 1 19  ? -14.626 4.890   -10.639 1.00 48.81 ? 277  ARG A CB  1 
ATOM   60   C  CG  . ARG A 1 19  ? -15.443 4.223   -9.540  1.00 53.68 ? 277  ARG A CG  1 
ATOM   61   C  CD  . ARG A 1 19  ? -16.816 4.872   -9.392  1.00 58.65 ? 277  ARG A CD  1 
ATOM   62   N  NE  . ARG A 1 19  ? -16.733 6.307   -9.127  1.00 62.69 ? 277  ARG A NE  1 
ATOM   63   C  CZ  . ARG A 1 19  ? -16.226 6.840   -8.019  1.00 64.57 ? 277  ARG A CZ  1 
ATOM   64   N  NH1 . ARG A 1 19  ? -16.194 8.159   -7.871  1.00 65.80 ? 277  ARG A NH1 1 
ATOM   65   N  NH2 . ARG A 1 19  ? -15.755 6.059   -7.055  1.00 65.99 ? 277  ARG A NH2 1 
ATOM   66   N  N   . ALA A 1 20  ? -13.812 2.788   -12.902 1.00 43.00 ? 278  ALA A N   1 
ATOM   67   C  CA  . ALA A 1 20  ? -14.110 1.554   -13.619 1.00 41.90 ? 278  ALA A CA  1 
ATOM   68   C  C   . ALA A 1 20  ? -12.913 0.608   -13.601 1.00 40.87 ? 278  ALA A C   1 
ATOM   69   O  O   . ALA A 1 20  ? -13.076 -0.612  -13.533 1.00 40.80 ? 278  ALA A O   1 
ATOM   70   C  CB  . ALA A 1 20  ? -14.510 1.869   -15.053 1.00 42.42 ? 278  ALA A CB  1 
ATOM   71   N  N   . LEU A 1 21  ? -11.712 1.173   -13.663 1.00 39.07 ? 279  LEU A N   1 
ATOM   72   C  CA  . LEU A 1 21  ? -10.495 0.372   -13.644 1.00 38.62 ? 279  LEU A CA  1 
ATOM   73   C  C   . LEU A 1 21  ? -10.318 -0.309  -12.289 1.00 37.38 ? 279  LEU A C   1 
ATOM   74   O  O   . LEU A 1 21  ? -9.903  -1.465  -12.217 1.00 37.80 ? 279  LEU A O   1 
ATOM   75   C  CB  . LEU A 1 21  ? -9.273  1.247   -13.942 1.00 39.44 ? 279  LEU A CB  1 
ATOM   76   C  CG  . LEU A 1 21  ? -7.907  0.558   -13.846 1.00 40.46 ? 279  LEU A CG  1 
ATOM   77   C  CD1 . LEU A 1 21  ? -7.843  -0.618  -14.813 1.00 41.03 ? 279  LEU A CD1 1 
ATOM   78   C  CD2 . LEU A 1 21  ? -6.808  1.563   -14.155 1.00 42.30 ? 279  LEU A CD2 1 
ATOM   79   N  N   . THR A 1 22  ? -10.628 0.413   -11.217 1.00 36.08 ? 280  THR A N   1 
ATOM   80   C  CA  . THR A 1 22  ? -10.509 -0.140  -9.872  1.00 34.47 ? 280  THR A CA  1 
ATOM   81   C  C   . THR A 1 22  ? -11.486 -1.297  -9.666  1.00 34.41 ? 280  THR A C   1 
ATOM   82   O  O   . THR A 1 22  ? -11.138 -2.312  -9.059  1.00 32.05 ? 280  THR A O   1 
ATOM   83   C  CB  . THR A 1 22  ? -10.765 0.946   -8.799  1.00 34.11 ? 280  THR A CB  1 
ATOM   84   O  OG1 . THR A 1 22  ? -9.654  1.850   -8.768  1.00 32.96 ? 280  THR A OG1 1 
ATOM   85   C  CG2 . THR A 1 22  ? -10.941 0.318   -7.419  1.00 34.12 ? 280  THR A CG2 1 
ATOM   86   N  N   . ASP A 1 23  ? -12.706 -1.148  -10.174 1.00 34.45 ? 281  ASP A N   1 
ATOM   87   C  CA  . ASP A 1 23  ? -13.705 -2.200  -10.029 1.00 35.86 ? 281  ASP A CA  1 
ATOM   88   C  C   . ASP A 1 23  ? -13.294 -3.474  -10.770 1.00 35.12 ? 281  ASP A C   1 
ATOM   89   O  O   . ASP A 1 23  ? -13.611 -4.579  -10.332 1.00 34.92 ? 281  ASP A O   1 
ATOM   90   C  CB  . ASP A 1 23  ? -15.073 -1.727  -10.534 1.00 38.67 ? 281  ASP A CB  1 
ATOM   91   C  CG  . ASP A 1 23  ? -15.647 -0.598  -9.695  1.00 42.34 ? 281  ASP A CG  1 
ATOM   92   O  OD1 . ASP A 1 23  ? -15.574 -0.678  -8.449  1.00 42.90 ? 281  ASP A OD1 1 
ATOM   93   O  OD2 . ASP A 1 23  ? -16.186 0.366   -10.281 1.00 44.36 ? 281  ASP A OD2 1 
ATOM   94   N  N   . LYS A 1 24  ? -12.592 -3.321  -11.889 1.00 33.77 ? 282  LYS A N   1 
ATOM   95   C  CA  . LYS A 1 24  ? -12.149 -4.481  -12.660 1.00 34.42 ? 282  LYS A CA  1 
ATOM   96   C  C   . LYS A 1 24  ? -11.055 -5.248  -11.924 1.00 33.11 ? 282  LYS A C   1 
ATOM   97   O  O   . LYS A 1 24  ? -10.993 -6.477  -11.995 1.00 31.98 ? 282  LYS A O   1 
ATOM   98   C  CB  . LYS A 1 24  ? -11.642 -4.053  -14.040 1.00 36.66 ? 282  LYS A CB  1 
ATOM   99   C  CG  . LYS A 1 24  ? -12.726 -3.516  -14.959 1.00 40.85 ? 282  LYS A CG  1 
ATOM   100  C  CD  . LYS A 1 24  ? -12.176 -3.260  -16.356 1.00 45.25 ? 282  LYS A CD  1 
ATOM   101  C  CE  . LYS A 1 24  ? -13.213 -2.603  -17.251 1.00 47.86 ? 282  LYS A CE  1 
ATOM   102  N  NZ  . LYS A 1 24  ? -14.447 -3.424  -17.380 1.00 51.19 ? 282  LYS A NZ  1 
ATOM   103  N  N   . VAL A 1 25  ? -10.191 -4.523  -11.221 1.00 31.14 ? 283  VAL A N   1 
ATOM   104  C  CA  . VAL A 1 25  ? -9.121  -5.158  -10.461 1.00 29.99 ? 283  VAL A CA  1 
ATOM   105  C  C   . VAL A 1 25  ? -9.734  -5.944  -9.305  1.00 29.06 ? 283  VAL A C   1 
ATOM   106  O  O   . VAL A 1 25  ? -9.272  -7.037  -8.966  1.00 28.27 ? 283  VAL A O   1 
ATOM   107  C  CB  . VAL A 1 25  ? -8.134  -4.114  -9.895  1.00 31.12 ? 283  VAL A CB  1 
ATOM   108  C  CG1 . VAL A 1 25  ? -7.080  -4.802  -9.046  1.00 30.77 ? 283  VAL A CG1 1 
ATOM   109  C  CG2 . VAL A 1 25  ? -7.476  -3.353  -11.036 1.00 33.01 ? 283  VAL A CG2 1 
ATOM   110  N  N   . THR A 1 26  ? -10.778 -5.389  -8.699  1.00 28.48 ? 284  THR A N   1 
ATOM   111  C  CA  . THR A 1 26  ? -11.449 -6.069  -7.597  1.00 29.16 ? 284  THR A CA  1 
ATOM   112  C  C   . THR A 1 26  ? -12.123 -7.347  -8.099  1.00 28.79 ? 284  THR A C   1 
ATOM   113  O  O   . THR A 1 26  ? -12.223 -8.329  -7.364  1.00 29.92 ? 284  THR A O   1 
ATOM   114  C  CB  . THR A 1 26  ? -12.495 -5.150  -6.922  1.00 32.01 ? 284  THR A CB  1 
ATOM   115  O  OG1 . THR A 1 26  ? -11.816 -4.112  -6.202  1.00 34.34 ? 284  THR A OG1 1 
ATOM   116  C  CG2 . THR A 1 26  ? -13.359 -5.939  -5.950  1.00 31.11 ? 284  THR A CG2 1 
ATOM   117  N  N   . ASP A 1 27  ? -12.578 -7.338  -9.352  1.00 26.97 ? 285  ASP A N   1 
ATOM   118  C  CA  . ASP A 1 27  ? -13.209 -8.523  -9.932  1.00 28.31 ? 285  ASP A CA  1 
ATOM   119  C  C   . ASP A 1 27  ? -12.174 -9.625  -10.142 1.00 26.62 ? 285  ASP A C   1 
ATOM   120  O  O   . ASP A 1 27  ? -12.436 -10.793 -9.859  1.00 27.04 ? 285  ASP A O   1 
ATOM   121  C  CB  . ASP A 1 27  ? -13.858 -8.210  -11.286 1.00 29.60 ? 285  ASP A CB  1 
ATOM   122  C  CG  . ASP A 1 27  ? -15.126 -7.383  -11.160 1.00 34.95 ? 285  ASP A CG  1 
ATOM   123  O  OD1 . ASP A 1 27  ? -15.828 -7.506  -10.132 1.00 37.33 ? 285  ASP A OD1 1 
ATOM   124  O  OD2 . ASP A 1 27  ? -15.430 -6.624  -12.103 1.00 37.59 ? 285  ASP A OD2 1 
ATOM   125  N  N   . LEU A 1 28  ? -11.002 -9.253  -10.643 1.00 26.14 ? 286  LEU A N   1 
ATOM   126  C  CA  . LEU A 1 28  ? -9.942  -10.228 -10.893 1.00 26.74 ? 286  LEU A CA  1 
ATOM   127  C  C   . LEU A 1 28  ? -9.388  -10.836 -9.607  1.00 27.02 ? 286  LEU A C   1 
ATOM   128  O  O   . LEU A 1 28  ? -8.797  -11.917 -9.626  1.00 25.45 ? 286  LEU A O   1 
ATOM   129  C  CB  . LEU A 1 28  ? -8.807  -9.581  -11.689 1.00 29.00 ? 286  LEU A CB  1 
ATOM   130  C  CG  . LEU A 1 28  ? -9.172  -9.129  -13.105 1.00 31.66 ? 286  LEU A CG  1 
ATOM   131  C  CD1 . LEU A 1 28  ? -7.971  -8.458  -13.750 1.00 35.13 ? 286  LEU A CD1 1 
ATOM   132  C  CD2 . LEU A 1 28  ? -9.623  -10.334 -13.929 1.00 31.87 ? 286  LEU A CD2 1 
ATOM   133  N  N   . LEU A 1 29  ? -9.575  -10.140 -8.490  1.00 24.52 ? 287  LEU A N   1 
ATOM   134  C  CA  . LEU A 1 29  ? -9.093  -10.642 -7.213  1.00 28.04 ? 287  LEU A CA  1 
ATOM   135  C  C   . LEU A 1 29  ? -10.188 -11.417 -6.472  1.00 28.58 ? 287  LEU A C   1 
ATOM   136  O  O   . LEU A 1 29  ? -9.980  -11.879 -5.354  1.00 33.03 ? 287  LEU A O   1 
ATOM   137  C  CB  . LEU A 1 29  ? -8.585  -9.478  -6.350  1.00 29.09 ? 287  LEU A CB  1 
ATOM   138  C  CG  . LEU A 1 29  ? -7.345  -8.751  -6.891  1.00 30.31 ? 287  LEU A CG  1 
ATOM   139  C  CD1 . LEU A 1 29  ? -7.002  -7.545  -6.020  1.00 31.59 ? 287  LEU A CD1 1 
ATOM   140  C  CD2 . LEU A 1 29  ? -6.178  -9.726  -6.936  1.00 32.05 ? 287  LEU A CD2 1 
ATOM   141  N  N   . GLY A 1 30  ? -11.345 -11.573 -7.111  1.00 28.43 ? 288  GLY A N   1 
ATOM   142  C  CA  . GLY A 1 30  ? -12.450 -12.284 -6.485  1.00 27.24 ? 288  GLY A CA  1 
ATOM   143  C  C   . GLY A 1 30  ? -12.720 -13.684 -7.014  1.00 25.57 ? 288  GLY A C   1 
ATOM   144  O  O   . GLY A 1 30  ? -13.498 -13.857 -7.952  1.00 28.16 ? 288  GLY A O   1 
ATOM   145  N  N   . GLY A 1 31  ? -12.094 -14.684 -6.399  1.00 23.67 ? 289  GLY A N   1 
ATOM   146  C  CA  . GLY A 1 31  ? -12.287 -16.063 -6.821  1.00 23.37 ? 289  GLY A CA  1 
ATOM   147  C  C   . GLY A 1 31  ? -13.598 -16.679 -6.347  1.00 23.47 ? 289  GLY A C   1 
ATOM   148  O  O   . GLY A 1 31  ? -14.417 -16.014 -5.706  1.00 20.14 ? 289  GLY A O   1 
ATOM   149  N  N   . LEU A 1 32  ? -13.785 -17.961 -6.650  1.00 20.58 ? 290  LEU A N   1 
ATOM   150  C  CA  . LEU A 1 32  ? -15.001 -18.686 -6.286  1.00 21.07 ? 290  LEU A CA  1 
ATOM   151  C  C   . LEU A 1 32  ? -15.260 -18.749 -4.780  1.00 20.94 ? 290  LEU A C   1 
ATOM   152  O  O   . LEU A 1 32  ? -16.407 -18.869 -4.351  1.00 20.55 ? 290  LEU A O   1 
ATOM   153  C  CB  . LEU A 1 32  ? -14.946 -20.120 -6.833  1.00 20.80 ? 290  LEU A CB  1 
ATOM   154  C  CG  . LEU A 1 32  ? -14.783 -20.324 -8.346  1.00 20.34 ? 290  LEU A CG  1 
ATOM   155  C  CD1 . LEU A 1 32  ? -14.516 -21.798 -8.631  1.00 21.26 ? 290  LEU A CD1 1 
ATOM   156  C  CD2 . LEU A 1 32  ? -16.028 -19.856 -9.075  1.00 20.97 ? 290  LEU A CD2 1 
ATOM   157  N  N   . PHE A 1 33  ? -14.200 -18.666 -3.985  1.00 20.94 ? 291  PHE A N   1 
ATOM   158  C  CA  . PHE A 1 33  ? -14.335 -18.754 -2.535  1.00 22.65 ? 291  PHE A CA  1 
ATOM   159  C  C   . PHE A 1 33  ? -14.129 -17.417 -1.823  1.00 22.39 ? 291  PHE A C   1 
ATOM   160  O  O   . PHE A 1 33  ? -13.999 -17.378 -0.600  1.00 21.62 ? 291  PHE A O   1 
ATOM   161  C  CB  . PHE A 1 33  ? -13.335 -19.784 -1.995  1.00 20.96 ? 291  PHE A CB  1 
ATOM   162  C  CG  . PHE A 1 33  ? -13.265 -21.052 -2.816  1.00 23.57 ? 291  PHE A CG  1 
ATOM   163  C  CD1 . PHE A 1 33  ? -12.192 -21.282 -3.679  1.00 22.68 ? 291  PHE A CD1 1 
ATOM   164  C  CD2 . PHE A 1 33  ? -14.279 -22.002 -2.746  1.00 23.96 ? 291  PHE A CD2 1 
ATOM   165  C  CE1 . PHE A 1 33  ? -12.132 -22.443 -4.464  1.00 23.61 ? 291  PHE A CE1 1 
ATOM   166  C  CE2 . PHE A 1 33  ? -14.230 -23.168 -3.529  1.00 24.88 ? 291  PHE A CE2 1 
ATOM   167  C  CZ  . PHE A 1 33  ? -13.150 -23.384 -4.390  1.00 22.16 ? 291  PHE A CZ  1 
ATOM   168  N  N   . SER A 1 34  ? -14.124 -16.324 -2.581  1.00 22.09 ? 292  SER A N   1 
ATOM   169  C  CA  . SER A 1 34  ? -13.889 -15.008 -1.999  1.00 22.23 ? 292  SER A CA  1 
ATOM   170  C  C   . SER A 1 34  ? -14.941 -14.527 -0.995  1.00 23.01 ? 292  SER A C   1 
ATOM   171  O  O   . SER A 1 34  ? -14.605 -13.826 -0.040  1.00 21.27 ? 292  SER A O   1 
ATOM   172  C  CB  . SER A 1 34  ? -13.695 -13.964 -3.111  1.00 22.17 ? 292  SER A CB  1 
ATOM   173  O  OG  . SER A 1 34  ? -14.785 -13.940 -4.014  1.00 22.67 ? 292  SER A OG  1 
ATOM   174  N  N   . LYS A 1 35  ? -16.203 -14.902 -1.197  1.00 21.82 ? 293  LYS A N   1 
ATOM   175  C  CA  . LYS A 1 35  ? -17.267 -14.483 -0.277  1.00 23.13 ? 293  LYS A CA  1 
ATOM   176  C  C   . LYS A 1 35  ? -17.144 -15.147 1.098   1.00 22.11 ? 293  LYS A C   1 
ATOM   177  O  O   . LYS A 1 35  ? -17.284 -14.479 2.131   1.00 19.54 ? 293  LYS A O   1 
ATOM   178  C  CB  . LYS A 1 35  ? -18.638 -14.780 -0.892  1.00 26.04 ? 293  LYS A CB  1 
ATOM   179  C  CG  . LYS A 1 35  ? -19.207 -13.638 -1.737  1.00 33.76 ? 293  LYS A CG  1 
ATOM   180  C  CD  . LYS A 1 35  ? -18.173 -13.039 -2.666  1.00 37.81 ? 293  LYS A CD  1 
ATOM   181  C  CE  . LYS A 1 35  ? -18.706 -11.797 -3.375  1.00 42.62 ? 293  LYS A CE  1 
ATOM   182  N  NZ  . LYS A 1 35  ? -19.853 -12.099 -4.273  1.00 45.34 ? 293  LYS A NZ  1 
ATOM   183  N  N   . THR A 1 36  ? -16.875 -16.452 1.116   1.00 20.50 ? 294  THR A N   1 
ATOM   184  C  CA  . THR A 1 36  ? -16.719 -17.173 2.379   1.00 21.38 ? 294  THR A CA  1 
ATOM   185  C  C   . THR A 1 36  ? -15.385 -16.845 3.052   1.00 21.95 ? 294  THR A C   1 
ATOM   186  O  O   . THR A 1 36  ? -15.305 -16.771 4.278   1.00 21.62 ? 294  THR A O   1 
ATOM   187  C  CB  . THR A 1 36  ? -16.814 -18.713 2.183   1.00 21.75 ? 294  THR A CB  1 
ATOM   188  O  OG1 . THR A 1 36  ? -15.892 -19.139 1.164   1.00 20.02 ? 294  THR A OG1 1 
ATOM   189  C  CG2 . THR A 1 36  ? -18.223 -19.106 1.789   1.00 19.89 ? 294  THR A CG2 1 
ATOM   190  N  N   . GLU A 1 37  ? -14.333 -16.644 2.262   1.00 21.61 ? 295  GLU A N   1 
ATOM   191  C  CA  . GLU A 1 37  ? -13.032 -16.322 2.846   1.00 22.02 ? 295  GLU A CA  1 
ATOM   192  C  C   . GLU A 1 37  ? -13.034 -14.943 3.507   1.00 21.08 ? 295  GLU A C   1 
ATOM   193  O  O   . GLU A 1 37  ? -12.393 -14.747 4.541   1.00 19.61 ? 295  GLU A O   1 
ATOM   194  C  CB  . GLU A 1 37  ? -11.928 -16.413 1.786   1.00 23.05 ? 295  GLU A CB  1 
ATOM   195  C  CG  . GLU A 1 37  ? -11.792 -17.815 1.219   1.00 28.31 ? 295  GLU A CG  1 
ATOM   196  C  CD  . GLU A 1 37  ? -10.525 -18.025 0.414   1.00 33.16 ? 295  GLU A CD  1 
ATOM   197  O  OE1 . GLU A 1 37  ? -10.023 -17.050 -0.182  1.00 36.40 ? 295  GLU A OE1 1 
ATOM   198  O  OE2 . GLU A 1 37  ? -10.044 -19.179 0.366   1.00 36.38 ? 295  GLU A OE2 1 
HETATM 199  N  N   . MSE A 1 38  ? -13.755 -13.992 2.919   1.00 20.48 ? 296  MSE A N   1 
HETATM 200  C  CA  . MSE A 1 38  ? -13.836 -12.648 3.499   1.00 21.85 ? 296  MSE A CA  1 
HETATM 201  C  C   . MSE A 1 38  ? -14.630 -12.704 4.813   1.00 21.71 ? 296  MSE A C   1 
HETATM 202  O  O   . MSE A 1 38  ? -14.248 -12.088 5.811   1.00 21.27 ? 296  MSE A O   1 
HETATM 203  C  CB  . MSE A 1 38  ? -14.522 -11.679 2.527   1.00 20.83 ? 296  MSE A CB  1 
HETATM 204  C  CG  . MSE A 1 38  ? -14.793 -10.282 3.113   1.00 22.97 ? 296  MSE A CG  1 
HETATM 205  SE SE  . MSE A 1 38  ? -13.200 -9.263  3.600   1.00 23.34 ? 296  MSE A SE  1 
HETATM 206  C  CE  . MSE A 1 38  ? -12.810 -8.534  1.856   1.00 23.71 ? 296  MSE A CE  1 
ATOM   207  N  N   . SER A 1 39  ? -15.728 -13.454 4.804   1.00 21.48 ? 297  SER A N   1 
ATOM   208  C  CA  . SER A 1 39  ? -16.573 -13.600 5.987   1.00 22.03 ? 297  SER A CA  1 
ATOM   209  C  C   . SER A 1 39  ? -15.793 -14.268 7.132   1.00 22.38 ? 297  SER A C   1 
ATOM   210  O  O   . SER A 1 39  ? -15.945 -13.895 8.298   1.00 21.24 ? 297  SER A O   1 
ATOM   211  C  CB  . SER A 1 39  ? -17.818 -14.423 5.629   1.00 23.47 ? 297  SER A CB  1 
ATOM   212  O  OG  . SER A 1 39  ? -18.770 -14.427 6.682   1.00 26.15 ? 297  SER A OG  1 
ATOM   213  N  N   . GLU A 1 40  ? -14.952 -15.244 6.794   1.00 19.95 ? 298  GLU A N   1 
ATOM   214  C  CA  . GLU A 1 40  ? -14.146 -15.950 7.795   1.00 21.51 ? 298  GLU A CA  1 
ATOM   215  C  C   . GLU A 1 40  ? -13.067 -15.047 8.402   1.00 21.22 ? 298  GLU A C   1 
ATOM   216  O  O   . GLU A 1 40  ? -12.749 -15.155 9.588   1.00 20.39 ? 298  GLU A O   1 
ATOM   217  C  CB  . GLU A 1 40  ? -13.503 -17.198 7.164   1.00 24.82 ? 298  GLU A CB  1 
ATOM   218  C  CG  . GLU A 1 40  ? -14.533 -18.182 6.608   1.00 31.20 ? 298  GLU A CG  1 
ATOM   219  C  CD  . GLU A 1 40  ? -13.916 -19.386 5.908   1.00 35.09 ? 298  GLU A CD  1 
ATOM   220  O  OE1 . GLU A 1 40  ? -13.024 -19.193 5.057   1.00 36.42 ? 298  GLU A OE1 1 
ATOM   221  O  OE2 . GLU A 1 40  ? -14.340 -20.526 6.199   1.00 36.91 ? 298  GLU A OE2 1 
ATOM   222  N  N   . VAL A 1 41  ? -12.500 -14.158 7.592   1.00 19.93 ? 299  VAL A N   1 
ATOM   223  C  CA  . VAL A 1 41  ? -11.481 -13.235 8.086   1.00 20.84 ? 299  VAL A CA  1 
ATOM   224  C  C   . VAL A 1 41  ? -12.125 -12.183 9.002   1.00 21.04 ? 299  VAL A C   1 
ATOM   225  O  O   . VAL A 1 41  ? -11.545 -11.793 10.019  1.00 21.42 ? 299  VAL A O   1 
ATOM   226  C  CB  . VAL A 1 41  ? -10.758 -12.529 6.911   1.00 23.27 ? 299  VAL A CB  1 
ATOM   227  C  CG1 . VAL A 1 41  ? -9.810  -11.465 7.438   1.00 25.17 ? 299  VAL A CG1 1 
ATOM   228  C  CG2 . VAL A 1 41  ? -9.983  -13.555 6.099   1.00 24.14 ? 299  VAL A CG2 1 
ATOM   229  N  N   . LEU A 1 42  ? -13.321 -11.725 8.642   1.00 19.53 ? 300  LEU A N   1 
ATOM   230  C  CA  . LEU A 1 42  ? -14.026 -10.740 9.464   1.00 21.14 ? 300  LEU A CA  1 
ATOM   231  C  C   . LEU A 1 42  ? -14.359 -11.342 10.829  1.00 22.79 ? 300  LEU A C   1 
ATOM   232  O  O   . LEU A 1 42  ? -14.328 -10.651 11.848  1.00 21.92 ? 300  LEU A O   1 
ATOM   233  C  CB  . LEU A 1 42  ? -15.314 -10.286 8.778   1.00 23.92 ? 300  LEU A CB  1 
ATOM   234  C  CG  . LEU A 1 42  ? -15.149 -9.289  7.629   1.00 27.95 ? 300  LEU A CG  1 
ATOM   235  C  CD1 . LEU A 1 42  ? -16.465 -9.154  6.887   1.00 28.24 ? 300  LEU A CD1 1 
ATOM   236  C  CD2 . LEU A 1 42  ? -14.694 -7.949  8.178   1.00 29.00 ? 300  LEU A CD2 1 
ATOM   237  N  N   . THR A 1 43  ? -14.674 -12.631 10.847  1.00 22.17 ? 301  THR A N   1 
ATOM   238  C  CA  . THR A 1 43  ? -14.993 -13.311 12.097  1.00 22.62 ? 301  THR A CA  1 
ATOM   239  C  C   . THR A 1 43  ? -13.805 -13.223 13.061  1.00 24.37 ? 301  THR A C   1 
ATOM   240  O  O   . THR A 1 43  ? -13.979 -12.975 14.261  1.00 23.91 ? 301  THR A O   1 
ATOM   241  C  CB  . THR A 1 43  ? -15.348 -14.794 11.841  1.00 22.46 ? 301  THR A CB  1 
ATOM   242  O  OG1 . THR A 1 43  ? -16.575 -14.867 11.102  1.00 20.61 ? 301  THR A OG1 1 
ATOM   243  C  CG2 . THR A 1 43  ? -15.497 -15.549 13.157  1.00 24.65 ? 301  THR A CG2 1 
ATOM   244  N  N   . GLU A 1 44  ? -12.600 -13.421 12.530  1.00 23.77 ? 302  GLU A N   1 
ATOM   245  C  CA  . GLU A 1 44  ? -11.383 -13.363 13.332  1.00 25.20 ? 302  GLU A CA  1 
ATOM   246  C  C   . GLU A 1 44  ? -11.073 -11.953 13.833  1.00 24.17 ? 302  GLU A C   1 
ATOM   247  O  O   . GLU A 1 44  ? -10.646 -11.776 14.972  1.00 22.35 ? 302  GLU A O   1 
ATOM   248  C  CB  . GLU A 1 44  ? -10.197 -13.896 12.527  1.00 29.76 ? 302  GLU A CB  1 
ATOM   249  C  CG  . GLU A 1 44  ? -9.754  -15.273 12.952  1.00 38.52 ? 302  GLU A CG  1 
ATOM   250  C  CD  . GLU A 1 44  ? -9.265  -15.293 14.389  1.00 41.68 ? 302  GLU A CD  1 
ATOM   251  O  OE1 . GLU A 1 44  ? -8.229  -14.651 14.683  1.00 44.16 ? 302  GLU A OE1 1 
ATOM   252  O  OE2 . GLU A 1 44  ? -9.924  -15.944 15.227  1.00 46.28 ? 302  GLU A OE2 1 
ATOM   253  N  N   . ILE A 1 45  ? -11.282 -10.955 12.978  1.00 21.57 ? 303  ILE A N   1 
ATOM   254  C  CA  . ILE A 1 45  ? -11.044 -9.563  13.348  1.00 20.84 ? 303  ILE A CA  1 
ATOM   255  C  C   . ILE A 1 45  ? -12.049 -9.133  14.429  1.00 22.46 ? 303  ILE A C   1 
ATOM   256  O  O   . ILE A 1 45  ? -11.676 -8.512  15.430  1.00 21.58 ? 303  ILE A O   1 
ATOM   257  C  CB  . ILE A 1 45  ? -11.195 -8.628  12.117  1.00 20.03 ? 303  ILE A CB  1 
ATOM   258  C  CG1 . ILE A 1 45  ? -10.086 -8.926  11.096  1.00 19.18 ? 303  ILE A CG1 1 
ATOM   259  C  CG2 . ILE A 1 45  ? -11.152 -7.160  12.561  1.00 20.29 ? 303  ILE A CG2 1 
ATOM   260  C  CD1 . ILE A 1 45  ? -10.298 -8.266  9.742   1.00 21.17 ? 303  ILE A CD1 1 
ATOM   261  N  N   . LEU A 1 46  ? -13.318 -9.476  14.220  1.00 20.57 ? 304  LEU A N   1 
ATOM   262  C  CA  . LEU A 1 46  ? -14.397 -9.129  15.150  1.00 21.95 ? 304  LEU A CA  1 
ATOM   263  C  C   . LEU A 1 46  ? -14.242 -9.747  16.540  1.00 22.66 ? 304  LEU A C   1 
ATOM   264  O  O   . LEU A 1 46  ? -14.809 -9.250  17.522  1.00 22.14 ? 304  LEU A O   1 
ATOM   265  C  CB  . LEU A 1 46  ? -15.746 -9.558  14.558  1.00 22.30 ? 304  LEU A CB  1 
ATOM   266  C  CG  . LEU A 1 46  ? -16.251 -8.760  13.351  1.00 23.46 ? 304  LEU A CG  1 
ATOM   267  C  CD1 . LEU A 1 46  ? -17.448 -9.464  12.727  1.00 23.76 ? 304  LEU A CD1 1 
ATOM   268  C  CD2 . LEU A 1 46  ? -16.627 -7.347  13.800  1.00 22.27 ? 304  LEU A CD2 1 
ATOM   269  N  N   . ARG A 1 47  ? -13.489 -10.835 16.627  1.00 22.12 ? 305  ARG A N   1 
ATOM   270  C  CA  . ARG A 1 47  ? -13.292 -11.493 17.911  1.00 25.48 ? 305  ARG A CA  1 
ATOM   271  C  C   . ARG A 1 47  ? -12.491 -10.578 18.841  1.00 26.42 ? 305  ARG A C   1 
ATOM   272  O  O   . ARG A 1 47  ? -12.724 -10.546 20.056  1.00 25.73 ? 305  ARG A O   1 
ATOM   273  C  CB  . ARG A 1 47  ? -12.564 -12.822 17.708  1.00 28.18 ? 305  ARG A CB  1 
ATOM   274  C  CG  . ARG A 1 47  ? -12.651 -13.763 18.896  1.00 35.09 ? 305  ARG A CG  1 
ATOM   275  C  CD  . ARG A 1 47  ? -12.084 -15.128 18.545  1.00 40.33 ? 305  ARG A CD  1 
ATOM   276  N  NE  . ARG A 1 47  ? -12.787 -15.748 17.420  1.00 44.27 ? 305  ARG A NE  1 
ATOM   277  C  CZ  . ARG A 1 47  ? -14.038 -16.203 17.463  1.00 46.02 ? 305  ARG A CZ  1 
ATOM   278  N  NH1 . ARG A 1 47  ? -14.749 -16.117 18.582  1.00 44.86 ? 305  ARG A NH1 1 
ATOM   279  N  NH2 . ARG A 1 47  ? -14.579 -16.748 16.381  1.00 45.67 ? 305  ARG A NH2 1 
ATOM   280  N  N   . VAL A 1 48  ? -11.559 -9.827  18.258  1.00 24.35 ? 306  VAL A N   1 
ATOM   281  C  CA  . VAL A 1 48  ? -10.719 -8.905  19.017  1.00 26.21 ? 306  VAL A CA  1 
ATOM   282  C  C   . VAL A 1 48  ? -11.243 -7.467  18.966  1.00 26.69 ? 306  VAL A C   1 
ATOM   283  O  O   . VAL A 1 48  ? -11.108 -6.723  19.940  1.00 28.32 ? 306  VAL A O   1 
ATOM   284  C  CB  . VAL A 1 48  ? -9.256  -8.941  18.504  1.00 26.83 ? 306  VAL A CB  1 
ATOM   285  C  CG1 . VAL A 1 48  ? -8.422  -7.879  19.207  1.00 31.11 ? 306  VAL A CG1 1 
ATOM   286  C  CG2 . VAL A 1 48  ? -8.655  -10.317 18.764  1.00 27.45 ? 306  VAL A CG2 1 
ATOM   287  N  N   . ASP A 1 49  ? -11.841 -7.082  17.839  1.00 25.08 ? 307  ASP A N   1 
ATOM   288  C  CA  . ASP A 1 49  ? -12.392 -5.734  17.667  1.00 25.35 ? 307  ASP A CA  1 
ATOM   289  C  C   . ASP A 1 49  ? -13.841 -5.807  17.178  1.00 25.78 ? 307  ASP A C   1 
ATOM   290  O  O   . ASP A 1 49  ? -14.123 -5.624  15.989  1.00 24.45 ? 307  ASP A O   1 
ATOM   291  C  CB  . ASP A 1 49  ? -11.540 -4.936  16.669  1.00 26.27 ? 307  ASP A CB  1 
ATOM   292  C  CG  . ASP A 1 49  ? -12.059 -3.521  16.451  1.00 29.19 ? 307  ASP A CG  1 
ATOM   293  O  OD1 . ASP A 1 49  ? -12.854 -3.035  17.287  1.00 28.12 ? 307  ASP A OD1 1 
ATOM   294  O  OD2 . ASP A 1 49  ? -11.663 -2.889  15.448  1.00 29.13 ? 307  ASP A OD2 1 
ATOM   295  N  N   . PRO A 1 50  ? -14.781 -6.066  18.104  1.00 25.91 ? 308  PRO A N   1 
ATOM   296  C  CA  . PRO A 1 50  ? -16.223 -6.182  17.845  1.00 26.20 ? 308  PRO A CA  1 
ATOM   297  C  C   . PRO A 1 50  ? -16.838 -5.005  17.087  1.00 26.98 ? 308  PRO A C   1 
ATOM   298  O  O   . PRO A 1 50  ? -17.838 -5.166  16.384  1.00 25.84 ? 308  PRO A O   1 
ATOM   299  C  CB  . PRO A 1 50  ? -16.820 -6.314  19.250  1.00 27.04 ? 308  PRO A CB  1 
ATOM   300  C  CG  . PRO A 1 50  ? -15.720 -6.925  20.049  1.00 28.76 ? 308  PRO A CG  1 
ATOM   301  C  CD  . PRO A 1 50  ? -14.495 -6.213  19.545  1.00 27.06 ? 308  PRO A CD  1 
ATOM   302  N  N   . ALA A 1 51  ? -16.245 -3.824  17.235  1.00 24.89 ? 309  ALA A N   1 
ATOM   303  C  CA  . ALA A 1 51  ? -16.762 -2.624  16.581  1.00 26.38 ? 309  ALA A CA  1 
ATOM   304  C  C   . ALA A 1 51  ? -16.185 -2.351  15.190  1.00 27.14 ? 309  ALA A C   1 
ATOM   305  O  O   . ALA A 1 51  ? -16.467 -1.309  14.598  1.00 25.76 ? 309  ALA A O   1 
ATOM   306  C  CB  . ALA A 1 51  ? -16.527 -1.408  17.485  1.00 28.24 ? 309  ALA A CB  1 
ATOM   307  N  N   . PHE A 1 52  ? -15.382 -3.276  14.665  1.00 25.79 ? 310  PHE A N   1 
ATOM   308  C  CA  . PHE A 1 52  ? -14.777 -3.086  13.345  1.00 25.78 ? 310  PHE A CA  1 
ATOM   309  C  C   . PHE A 1 52  ? -15.796 -2.766  12.251  1.00 27.12 ? 310  PHE A C   1 
ATOM   310  O  O   . PHE A 1 52  ? -16.852 -3.397  12.166  1.00 26.39 ? 310  PHE A O   1 
ATOM   311  C  CB  . PHE A 1 52  ? -13.982 -4.332  12.935  1.00 24.56 ? 310  PHE A CB  1 
ATOM   312  C  CG  . PHE A 1 52  ? -13.208 -4.166  11.649  1.00 24.72 ? 310  PHE A CG  1 
ATOM   313  C  CD1 . PHE A 1 52  ? -12.045 -3.401  11.613  1.00 25.10 ? 310  PHE A CD1 1 
ATOM   314  C  CD2 . PHE A 1 52  ? -13.640 -4.782  10.477  1.00 24.79 ? 310  PHE A CD2 1 
ATOM   315  C  CE1 . PHE A 1 52  ? -11.315 -3.252  10.426  1.00 24.75 ? 310  PHE A CE1 1 
ATOM   316  C  CE2 . PHE A 1 52  ? -12.921 -4.642  9.283   1.00 26.37 ? 310  PHE A CE2 1 
ATOM   317  C  CZ  . PHE A 1 52  ? -11.755 -3.874  9.261   1.00 24.89 ? 310  PHE A CZ  1 
ATOM   318  N  N   . ASP A 1 53  ? -15.460 -1.791  11.409  1.00 27.07 ? 311  ASP A N   1 
ATOM   319  C  CA  . ASP A 1 53  ? -16.323 -1.387  10.303  1.00 29.20 ? 311  ASP A CA  1 
ATOM   320  C  C   . ASP A 1 53  ? -15.489 -1.181  9.035   1.00 28.69 ? 311  ASP A C   1 
ATOM   321  O  O   . ASP A 1 53  ? -14.526 -0.420  9.036   1.00 26.32 ? 311  ASP A O   1 
ATOM   322  C  CB  . ASP A 1 53  ? -17.068 -0.098  10.660  1.00 31.51 ? 311  ASP A CB  1 
ATOM   323  C  CG  . ASP A 1 53  ? -17.956 0.392   9.531   1.00 35.18 ? 311  ASP A CG  1 
ATOM   324  O  OD1 . ASP A 1 53  ? -17.501 1.236   8.731   1.00 35.19 ? 311  ASP A OD1 1 
ATOM   325  O  OD2 . ASP A 1 53  ? -19.109 -0.077  9.439   1.00 36.84 ? 311  ASP A OD2 1 
ATOM   326  N  N   . LYS A 1 54  ? -15.869 -1.870  7.961   1.00 29.87 ? 312  LYS A N   1 
ATOM   327  C  CA  . LYS A 1 54  ? -15.155 -1.791  6.688   1.00 30.46 ? 312  LYS A CA  1 
ATOM   328  C  C   . LYS A 1 54  ? -14.959 -0.376  6.139   1.00 31.07 ? 312  LYS A C   1 
ATOM   329  O  O   . LYS A 1 54  ? -13.869 -0.029  5.685   1.00 29.37 ? 312  LYS A O   1 
ATOM   330  C  CB  . LYS A 1 54  ? -15.866 -2.651  5.637   1.00 33.02 ? 312  LYS A CB  1 
ATOM   331  C  CG  . LYS A 1 54  ? -15.811 -4.151  5.924   1.00 36.73 ? 312  LYS A CG  1 
ATOM   332  C  CD  . LYS A 1 54  ? -16.586 -4.950  4.884   1.00 39.32 ? 312  LYS A CD  1 
ATOM   333  C  CE  . LYS A 1 54  ? -16.512 -6.441  5.165   1.00 41.67 ? 312  LYS A CE  1 
ATOM   334  N  NZ  . LYS A 1 54  ? -17.289 -7.251  4.180   1.00 43.94 ? 312  LYS A NZ  1 
ATOM   335  N  N   . ASP A 1 55  ? -16.006 0.444   6.171   1.00 30.54 ? 313  ASP A N   1 
ATOM   336  C  CA  . ASP A 1 55  ? -15.894 1.805   5.657   1.00 31.59 ? 313  ASP A CA  1 
ATOM   337  C  C   . ASP A 1 55  ? -14.961 2.683   6.491   1.00 29.99 ? 313  ASP A C   1 
ATOM   338  O  O   . ASP A 1 55  ? -14.194 3.467   5.938   1.00 28.54 ? 313  ASP A O   1 
ATOM   339  C  CB  . ASP A 1 55  ? -17.278 2.456   5.548   1.00 35.70 ? 313  ASP A CB  1 
ATOM   340  C  CG  . ASP A 1 55  ? -18.163 1.772   4.518   1.00 39.73 ? 313  ASP A CG  1 
ATOM   341  O  OD1 . ASP A 1 55  ? -17.682 1.518   3.391   1.00 40.16 ? 313  ASP A OD1 1 
ATOM   342  O  OD2 . ASP A 1 55  ? -19.340 1.495   4.831   1.00 43.70 ? 313  ASP A OD2 1 
ATOM   343  N  N   . ARG A 1 56  ? -15.021 2.564   7.815   1.00 30.16 ? 314  ARG A N   1 
ATOM   344  C  CA  . ARG A 1 56  ? -14.133 3.358   8.661   1.00 30.15 ? 314  ARG A CA  1 
ATOM   345  C  C   . ARG A 1 56  ? -12.694 2.905   8.440   1.00 28.11 ? 314  ARG A C   1 
ATOM   346  O  O   . ARG A 1 56  ? -11.762 3.711   8.489   1.00 26.97 ? 314  ARG A O   1 
ATOM   347  C  CB  . ARG A 1 56  ? -14.487 3.209   10.143  1.00 33.36 ? 314  ARG A CB  1 
ATOM   348  C  CG  . ARG A 1 56  ? -15.746 3.960   10.568  1.00 39.39 ? 314  ARG A CG  1 
ATOM   349  C  CD  . ARG A 1 56  ? -15.645 4.401   12.023  1.00 43.76 ? 314  ARG A CD  1 
ATOM   350  N  NE  . ARG A 1 56  ? -15.399 3.278   12.922  1.00 48.34 ? 314  ARG A NE  1 
ATOM   351  C  CZ  . ARG A 1 56  ? -16.294 2.336   13.207  1.00 51.38 ? 314  ARG A CZ  1 
ATOM   352  N  NH1 . ARG A 1 56  ? -17.506 2.384   12.664  1.00 52.22 ? 314  ARG A NH1 1 
ATOM   353  N  NH2 . ARG A 1 56  ? -15.978 1.346   14.033  1.00 51.47 ? 314  ARG A NH2 1 
ATOM   354  N  N   . PHE A 1 57  ? -12.519 1.609   8.199   1.00 25.27 ? 315  PHE A N   1 
ATOM   355  C  CA  . PHE A 1 57  ? -11.192 1.051   7.956   1.00 24.41 ? 315  PHE A CA  1 
ATOM   356  C  C   . PHE A 1 57  ? -10.592 1.668   6.697   1.00 23.08 ? 315  PHE A C   1 
ATOM   357  O  O   . PHE A 1 57  ? -9.433  2.079   6.694   1.00 22.78 ? 315  PHE A O   1 
ATOM   358  C  CB  . PHE A 1 57  ? -11.273 -0.468  7.781   1.00 22.67 ? 315  PHE A CB  1 
ATOM   359  C  CG  . PHE A 1 57  ? -9.975  -1.095  7.342   1.00 24.46 ? 315  PHE A CG  1 
ATOM   360  C  CD1 . PHE A 1 57  ? -8.883  -1.150  8.205   1.00 23.31 ? 315  PHE A CD1 1 
ATOM   361  C  CD2 . PHE A 1 57  ? -9.840  -1.622  6.059   1.00 23.28 ? 315  PHE A CD2 1 
ATOM   362  C  CE1 . PHE A 1 57  ? -7.672  -1.724  7.796   1.00 24.85 ? 315  PHE A CE1 1 
ATOM   363  C  CE2 . PHE A 1 57  ? -8.635  -2.199  5.643   1.00 25.16 ? 315  PHE A CE2 1 
ATOM   364  C  CZ  . PHE A 1 57  ? -7.552  -2.249  6.515   1.00 22.51 ? 315  PHE A CZ  1 
ATOM   365  N  N   . LEU A 1 58  ? -11.380 1.732   5.628   1.00 23.92 ? 316  LEU A N   1 
ATOM   366  C  CA  . LEU A 1 58  ? -10.893 2.304   4.373   1.00 24.65 ? 316  LEU A CA  1 
ATOM   367  C  C   . LEU A 1 58  ? -10.561 3.790   4.517   1.00 26.19 ? 316  LEU A C   1 
ATOM   368  O  O   . LEU A 1 58  ? -9.685  4.309   3.814   1.00 25.01 ? 316  LEU A O   1 
ATOM   369  C  CB  . LEU A 1 58  ? -11.916 2.089   3.249   1.00 23.15 ? 316  LEU A CB  1 
ATOM   370  C  CG  . LEU A 1 58  ? -12.034 0.649   2.738   1.00 25.75 ? 316  LEU A CG  1 
ATOM   371  C  CD1 . LEU A 1 58  ? -13.141 0.543   1.702   1.00 25.62 ? 316  LEU A CD1 1 
ATOM   372  C  CD2 . LEU A 1 58  ? -10.697 0.211   2.138   1.00 25.62 ? 316  LEU A CD2 1 
ATOM   373  N  N   . LYS A 1 59  ? -11.255 4.474   5.421   1.00 27.16 ? 317  LYS A N   1 
ATOM   374  C  CA  . LYS A 1 59  ? -10.981 5.892   5.655   1.00 29.59 ? 317  LYS A CA  1 
ATOM   375  C  C   . LYS A 1 59  ? -9.629  6.021   6.351   1.00 28.18 ? 317  LYS A C   1 
ATOM   376  O  O   . LYS A 1 59  ? -8.851  6.928   6.060   1.00 27.44 ? 317  LYS A O   1 
ATOM   377  C  CB  . LYS A 1 59  ? -12.070 6.527   6.529   1.00 32.84 ? 317  LYS A CB  1 
ATOM   378  C  CG  . LYS A 1 59  ? -13.428 6.633   5.855   1.00 39.90 ? 317  LYS A CG  1 
ATOM   379  C  CD  . LYS A 1 59  ? -13.377 7.497   4.597   1.00 45.22 ? 317  LYS A CD  1 
ATOM   380  C  CE  . LYS A 1 59  ? -12.919 8.919   4.904   1.00 48.66 ? 317  LYS A CE  1 
ATOM   381  N  NZ  . LYS A 1 59  ? -13.011 9.803   3.706   1.00 50.94 ? 317  LYS A NZ  1 
ATOM   382  N  N   . GLN A 1 60  ? -9.349  5.111   7.277   1.00 28.04 ? 318  GLN A N   1 
ATOM   383  C  CA  . GLN A 1 60  ? -8.074  5.137   7.979   1.00 29.25 ? 318  GLN A CA  1 
ATOM   384  C  C   . GLN A 1 60  ? -6.929  4.828   7.011   1.00 27.38 ? 318  GLN A C   1 
ATOM   385  O  O   . GLN A 1 60  ? -5.828  5.360   7.157   1.00 26.99 ? 318  GLN A O   1 
ATOM   386  C  CB  . GLN A 1 60  ? -8.066  4.132   9.132   1.00 32.19 ? 318  GLN A CB  1 
ATOM   387  C  CG  . GLN A 1 60  ? -6.671  3.874   9.683   1.00 36.78 ? 318  GLN A CG  1 
ATOM   388  C  CD  . GLN A 1 60  ? -6.672  2.985   10.907  1.00 41.00 ? 318  GLN A CD  1 
ATOM   389  O  OE1 . GLN A 1 60  ? -7.424  2.011   10.987  1.00 43.78 ? 318  GLN A OE1 1 
ATOM   390  N  NE2 . GLN A 1 60  ? -5.811  3.305   11.867  1.00 43.46 ? 318  GLN A NE2 1 
ATOM   391  N  N   . CYS A 1 61  ? -7.187  3.968   6.031   1.00 25.16 ? 319  CYS A N   1 
ATOM   392  C  CA  . CYS A 1 61  ? -6.168  3.625   5.039   1.00 25.21 ? 319  CYS A CA  1 
ATOM   393  C  C   . CYS A 1 61  ? -5.825  4.856   4.192   1.00 26.61 ? 319  CYS A C   1 
ATOM   394  O  O   . CYS A 1 61  ? -4.656  5.142   3.934   1.00 25.41 ? 319  CYS A O   1 
ATOM   395  C  CB  . CYS A 1 61  ? -6.663  2.507   4.109   1.00 24.10 ? 319  CYS A CB  1 
ATOM   396  S  SG  . CYS A 1 61  ? -6.738  0.837   4.830   1.00 24.92 ? 319  CYS A SG  1 
ATOM   397  N  N   . GLU A 1 62  ? -6.848  5.585   3.763   1.00 26.59 ? 320  GLU A N   1 
ATOM   398  C  CA  . GLU A 1 62  ? -6.617  6.755   2.928   1.00 28.11 ? 320  GLU A CA  1 
ATOM   399  C  C   . GLU A 1 62  ? -6.005  7.945   3.661   1.00 28.04 ? 320  GLU A C   1 
ATOM   400  O  O   . GLU A 1 62  ? -5.171  8.656   3.101   1.00 26.68 ? 320  GLU A O   1 
ATOM   401  C  CB  . GLU A 1 62  ? -7.916  7.201   2.254   1.00 29.82 ? 320  GLU A CB  1 
ATOM   402  C  CG  . GLU A 1 62  ? -7.692  8.269   1.190   1.00 34.08 ? 320  GLU A CG  1 
ATOM   403  C  CD  . GLU A 1 62  ? -8.954  8.631   0.434   1.00 37.79 ? 320  GLU A CD  1 
ATOM   404  O  OE1 . GLU A 1 62  ? -9.932  7.856   0.498   1.00 39.14 ? 320  GLU A OE1 1 
ATOM   405  O  OE2 . GLU A 1 62  ? -8.959  9.688   -0.237  1.00 39.57 ? 320  GLU A OE2 1 
ATOM   406  N  N   . ASN A 1 63  ? -6.406  8.155   4.911   1.00 28.86 ? 321  ASN A N   1 
ATOM   407  C  CA  . ASN A 1 63  ? -5.903  9.290   5.681   1.00 30.68 ? 321  ASN A CA  1 
ATOM   408  C  C   . ASN A 1 63  ? -4.660  9.042   6.527   1.00 29.84 ? 321  ASN A C   1 
ATOM   409  O  O   . ASN A 1 63  ? -3.996  9.996   6.934   1.00 28.96 ? 321  ASN A O   1 
ATOM   410  C  CB  . ASN A 1 63  ? -7.006  9.839   6.594   1.00 34.28 ? 321  ASN A CB  1 
ATOM   411  C  CG  . ASN A 1 63  ? -8.229  10.291  5.826   1.00 38.30 ? 321  ASN A CG  1 
ATOM   412  O  OD1 . ASN A 1 63  ? -8.118  10.964  4.798   1.00 42.37 ? 321  ASN A OD1 1 
ATOM   413  N  ND2 . ASN A 1 63  ? -9.409  9.934   6.326   1.00 40.13 ? 321  ASN A ND2 1 
ATOM   414  N  N   . ASP A 1 64  ? -4.329  7.781   6.783   1.00 27.72 ? 322  ASP A N   1 
ATOM   415  C  CA  . ASP A 1 64  ? -3.179  7.476   7.630   1.00 28.38 ? 322  ASP A CA  1 
ATOM   416  C  C   . ASP A 1 64  ? -2.179  6.446   7.098   1.00 27.40 ? 322  ASP A C   1 
ATOM   417  O  O   . ASP A 1 64  ? -1.019  6.771   6.833   1.00 25.74 ? 322  ASP A O   1 
ATOM   418  C  CB  . ASP A 1 64  ? -3.695  7.048   9.015   1.00 31.65 ? 322  ASP A CB  1 
ATOM   419  C  CG  . ASP A 1 64  ? -2.587  6.594   9.950   1.00 34.75 ? 322  ASP A CG  1 
ATOM   420  O  OD1 . ASP A 1 64  ? -1.527  7.247   9.989   1.00 39.65 ? 322  ASP A OD1 1 
ATOM   421  O  OD2 . ASP A 1 64  ? -2.786  5.588   10.664  1.00 36.56 ? 322  ASP A OD2 1 
ATOM   422  N  N   . ILE A 1 65  ? -2.629  5.208   6.929   1.00 23.79 ? 323  ILE A N   1 
ATOM   423  C  CA  . ILE A 1 65  ? -1.749  4.138   6.473   1.00 23.95 ? 323  ILE A CA  1 
ATOM   424  C  C   . ILE A 1 65  ? -1.068  4.352   5.119   1.00 22.81 ? 323  ILE A C   1 
ATOM   425  O  O   . ILE A 1 65  ? 0.158   4.323   5.035   1.00 23.82 ? 323  ILE A O   1 
ATOM   426  C  CB  . ILE A 1 65  ? -2.502  2.790   6.451   1.00 25.62 ? 323  ILE A CB  1 
ATOM   427  C  CG1 . ILE A 1 65  ? -3.130  2.535   7.827   1.00 26.73 ? 323  ILE A CG1 1 
ATOM   428  C  CG2 . ILE A 1 65  ? -1.537  1.659   6.104   1.00 26.13 ? 323  ILE A CG2 1 
ATOM   429  C  CD1 . ILE A 1 65  ? -3.843  1.192   7.955   1.00 27.55 ? 323  ILE A CD1 1 
ATOM   430  N  N   . ILE A 1 66  ? -1.850  4.572   4.068   1.00 22.98 ? 324  ILE A N   1 
ATOM   431  C  CA  . ILE A 1 66  ? -1.277  4.756   2.733   1.00 23.62 ? 324  ILE A CA  1 
ATOM   432  C  C   . ILE A 1 66  ? -0.295  5.931   2.606   1.00 23.89 ? 324  ILE A C   1 
ATOM   433  O  O   . ILE A 1 66  ? 0.834   5.748   2.150   1.00 23.15 ? 324  ILE A O   1 
ATOM   434  C  CB  . ILE A 1 66  ? -2.393  4.886   1.660   1.00 22.51 ? 324  ILE A CB  1 
ATOM   435  C  CG1 . ILE A 1 66  ? -3.191  3.577   1.589   1.00 23.47 ? 324  ILE A CG1 1 
ATOM   436  C  CG2 . ILE A 1 66  ? -1.780  5.196   0.296   1.00 22.71 ? 324  ILE A CG2 1 
ATOM   437  C  CD1 . ILE A 1 66  ? -4.439  3.638   0.728   1.00 22.86 ? 324  ILE A CD1 1 
ATOM   438  N  N   . PRO A 1 67  ? -0.702  7.147   3.018   1.00 26.17 ? 325  PRO A N   1 
ATOM   439  C  CA  . PRO A 1 67  ? 0.189   8.314   2.922   1.00 26.33 ? 325  PRO A CA  1 
ATOM   440  C  C   . PRO A 1 67  ? 1.521   8.148   3.664   1.00 27.16 ? 325  PRO A C   1 
ATOM   441  O  O   . PRO A 1 67  ? 2.588   8.439   3.116   1.00 25.41 ? 325  PRO A O   1 
ATOM   442  C  CB  . PRO A 1 67  ? -0.652  9.448   3.518   1.00 29.21 ? 325  PRO A CB  1 
ATOM   443  C  CG  . PRO A 1 67  ? -2.057  9.016   3.250   1.00 30.14 ? 325  PRO A CG  1 
ATOM   444  C  CD  . PRO A 1 67  ? -2.016  7.538   3.559   1.00 26.47 ? 325  PRO A CD  1 
ATOM   445  N  N   . ASN A 1 68  ? 1.462   7.685   4.912   1.00 26.19 ? 326  ASN A N   1 
ATOM   446  C  CA  . ASN A 1 68  ? 2.679   7.506   5.704   1.00 25.41 ? 326  ASN A CA  1 
ATOM   447  C  C   . ASN A 1 68  ? 3.618   6.420   5.172   1.00 25.40 ? 326  ASN A C   1 
ATOM   448  O  O   . ASN A 1 68  ? 4.836   6.612   5.112   1.00 23.77 ? 326  ASN A O   1 
ATOM   449  C  CB  . ASN A 1 68  ? 2.327   7.204   7.168   1.00 26.56 ? 326  ASN A CB  1 
ATOM   450  C  CG  . ASN A 1 68  ? 1.883   8.445   7.929   1.00 31.32 ? 326  ASN A CG  1 
ATOM   451  O  OD1 . ASN A 1 68  ? 2.609   9.437   7.992   1.00 31.80 ? 326  ASN A OD1 1 
ATOM   452  N  ND2 . ASN A 1 68  ? 0.689   8.393   8.513   1.00 29.52 ? 326  ASN A ND2 1 
ATOM   453  N  N   . VAL A 1 69  ? 3.057   5.280   4.789   1.00 24.19 ? 327  VAL A N   1 
ATOM   454  C  CA  . VAL A 1 69  ? 3.872   4.181   4.273   1.00 22.74 ? 327  VAL A CA  1 
ATOM   455  C  C   . VAL A 1 69  ? 4.461   4.461   2.885   1.00 21.48 ? 327  VAL A C   1 
ATOM   456  O  O   . VAL A 1 69  ? 5.655   4.252   2.663   1.00 22.67 ? 327  VAL A O   1 
ATOM   457  C  CB  . VAL A 1 69  ? 3.057   2.866   4.238   1.00 24.15 ? 327  VAL A CB  1 
ATOM   458  C  CG1 . VAL A 1 69  ? 3.867   1.750   3.586   1.00 22.82 ? 327  VAL A CG1 1 
ATOM   459  C  CG2 . VAL A 1 69  ? 2.678   2.464   5.663   1.00 23.48 ? 327  VAL A CG2 1 
ATOM   460  N  N   . LEU A 1 70  ? 3.628   4.935   1.962   1.00 21.24 ? 328  LEU A N   1 
ATOM   461  C  CA  . LEU A 1 70  ? 4.062   5.241   0.599   1.00 23.40 ? 328  LEU A CA  1 
ATOM   462  C  C   . LEU A 1 70  ? 5.157   6.307   0.616   1.00 25.11 ? 328  LEU A C   1 
ATOM   463  O  O   . LEU A 1 70  ? 6.138   6.222   -0.123  1.00 24.73 ? 328  LEU A O   1 
ATOM   464  C  CB  . LEU A 1 70  ? 2.879   5.746   -0.235  1.00 24.24 ? 328  LEU A CB  1 
ATOM   465  C  CG  . LEU A 1 70  ? 2.651   5.207   -1.654  1.00 30.98 ? 328  LEU A CG  1 
ATOM   466  C  CD1 . LEU A 1 70  ? 1.813   6.213   -2.441  1.00 28.55 ? 328  LEU A CD1 1 
ATOM   467  C  CD2 . LEU A 1 70  ? 3.970   4.957   -2.357  1.00 29.41 ? 328  LEU A CD2 1 
ATOM   468  N  N   . GLU A 1 71  ? 4.980   7.319   1.461   1.00 25.62 ? 329  GLU A N   1 
ATOM   469  C  CA  . GLU A 1 71  ? 5.959   8.399   1.583   1.00 26.95 ? 329  GLU A CA  1 
ATOM   470  C  C   . GLU A 1 71  ? 7.304   7.869   2.077   1.00 26.09 ? 329  GLU A C   1 
ATOM   471  O  O   . GLU A 1 71  ? 8.358   8.230   1.551   1.00 25.70 ? 329  GLU A O   1 
ATOM   472  C  CB  . GLU A 1 71  ? 5.445   9.462   2.557   1.00 30.90 ? 329  GLU A CB  1 
ATOM   473  C  CG  . GLU A 1 71  ? 6.404   10.618  2.778   1.00 40.08 ? 329  GLU A CG  1 
ATOM   474  C  CD  . GLU A 1 71  ? 6.539   11.489  1.548   1.00 45.00 ? 329  GLU A CD  1 
ATOM   475  O  OE1 . GLU A 1 71  ? 5.505   12.027  1.093   1.00 49.35 ? 329  GLU A OE1 1 
ATOM   476  O  OE2 . GLU A 1 71  ? 7.672   11.637  1.036   1.00 49.02 ? 329  GLU A OE2 1 
ATOM   477  N  N   . ALA A 1 72  ? 7.264   7.013   3.093   1.00 26.10 ? 330  ALA A N   1 
ATOM   478  C  CA  . ALA A 1 72  ? 8.481   6.440   3.653   1.00 26.90 ? 330  ALA A CA  1 
ATOM   479  C  C   . ALA A 1 72  ? 9.202   5.586   2.613   1.00 27.41 ? 330  ALA A C   1 
ATOM   480  O  O   . ALA A 1 72  ? 10.432  5.598   2.531   1.00 27.04 ? 330  ALA A O   1 
ATOM   481  C  CB  . ALA A 1 72  ? 8.147   5.602   4.885   1.00 24.56 ? 330  ALA A CB  1 
HETATM 482  N  N   . MSE A 1 73  ? 8.426   4.856   1.816   1.00 27.21 ? 331  MSE A N   1 
HETATM 483  C  CA  . MSE A 1 73  ? 8.973   3.993   0.773   1.00 28.15 ? 331  MSE A CA  1 
HETATM 484  C  C   . MSE A 1 73  ? 9.760   4.769   -0.283  1.00 29.31 ? 331  MSE A C   1 
HETATM 485  O  O   . MSE A 1 73  ? 10.899  4.423   -0.600  1.00 29.12 ? 331  MSE A O   1 
HETATM 486  C  CB  . MSE A 1 73  ? 7.844   3.221   0.072   1.00 28.84 ? 331  MSE A CB  1 
HETATM 487  C  CG  . MSE A 1 73  ? 7.195   2.110   0.894   1.00 32.20 ? 331  MSE A CG  1 
HETATM 488  SE SE  . MSE A 1 73  ? 5.824   1.164   -0.131  1.00 37.61 ? 331  MSE A SE  1 
HETATM 489  C  CE  . MSE A 1 73  ? 6.861   0.849   -1.707  1.00 22.81 ? 331  MSE A CE  1 
ATOM   490  N  N   . ILE A 1 74  ? 9.155   5.818   -0.832  1.00 28.77 ? 332  ILE A N   1 
ATOM   491  C  CA  . ILE A 1 74  ? 9.820   6.594   -1.872  1.00 29.46 ? 332  ILE A CA  1 
ATOM   492  C  C   . ILE A 1 74  ? 10.861  7.591   -1.366  1.00 30.52 ? 332  ILE A C   1 
ATOM   493  O  O   . ILE A 1 74  ? 11.679  8.083   -2.141  1.00 31.19 ? 332  ILE A O   1 
ATOM   494  C  CB  . ILE A 1 74  ? 8.790   7.329   -2.761  1.00 28.12 ? 332  ILE A CB  1 
ATOM   495  C  CG1 . ILE A 1 74  ? 8.073   8.421   -1.971  1.00 29.37 ? 332  ILE A CG1 1 
ATOM   496  C  CG2 . ILE A 1 74  ? 7.773   6.335   -3.291  1.00 30.46 ? 332  ILE A CG2 1 
ATOM   497  C  CD1 . ILE A 1 74  ? 7.134   9.257   -2.824  1.00 29.02 ? 332  ILE A CD1 1 
ATOM   498  N  N   . SER A 1 75  ? 10.847  7.878   -0.069  1.00 31.41 ? 333  SER A N   1 
ATOM   499  C  CA  . SER A 1 75  ? 11.810  8.813   0.500   1.00 32.39 ? 333  SER A CA  1 
ATOM   500  C  C   . SER A 1 75  ? 12.987  8.091   1.144   1.00 32.65 ? 333  SER A C   1 
ATOM   501  O  O   . SER A 1 75  ? 13.902  8.722   1.672   1.00 31.86 ? 333  SER A O   1 
ATOM   502  C  CB  . SER A 1 75  ? 11.128  9.713   1.530   1.00 33.62 ? 333  SER A CB  1 
ATOM   503  O  OG  . SER A 1 75  ? 10.145  10.520  0.907   1.00 36.05 ? 333  SER A OG  1 
ATOM   504  N  N   . GLY A 1 76  ? 12.959  6.764   1.100   1.00 32.27 ? 334  GLY A N   1 
ATOM   505  C  CA  . GLY A 1 76  ? 14.038  5.979   1.673   1.00 32.01 ? 334  GLY A CA  1 
ATOM   506  C  C   . GLY A 1 76  ? 14.188  6.116   3.176   1.00 32.55 ? 334  GLY A C   1 
ATOM   507  O  O   . GLY A 1 76  ? 15.304  6.052   3.695   1.00 30.75 ? 334  GLY A O   1 
ATOM   508  N  N   . GLU A 1 77  ? 13.070  6.300   3.876   1.00 32.46 ? 335  GLU A N   1 
ATOM   509  C  CA  . GLU A 1 77  ? 13.077  6.439   5.332   1.00 32.19 ? 335  GLU A CA  1 
ATOM   510  C  C   . GLU A 1 77  ? 12.965  5.050   5.955   1.00 31.92 ? 335  GLU A C   1 
ATOM   511  O  O   . GLU A 1 77  ? 11.864  4.561   6.218   1.00 28.57 ? 335  GLU A O   1 
ATOM   512  C  CB  . GLU A 1 77  ? 11.900  7.316   5.775   1.00 35.82 ? 335  GLU A CB  1 
ATOM   513  C  CG  . GLU A 1 77  ? 11.854  8.658   5.066   1.00 41.64 ? 335  GLU A CG  1 
ATOM   514  C  CD  . GLU A 1 77  ? 10.677  9.516   5.489   1.00 47.15 ? 335  GLU A CD  1 
ATOM   515  O  OE1 . GLU A 1 77  ? 9.515   9.079   5.319   1.00 49.69 ? 335  GLU A OE1 1 
ATOM   516  O  OE2 . GLU A 1 77  ? 10.916  10.637  5.989   1.00 50.70 ? 335  GLU A OE2 1 
ATOM   517  N  N   . LEU A 1 78  ? 14.114  4.425   6.195   1.00 30.56 ? 336  LEU A N   1 
ATOM   518  C  CA  . LEU A 1 78  ? 14.164  3.076   6.744   1.00 30.37 ? 336  LEU A CA  1 
ATOM   519  C  C   . LEU A 1 78  ? 13.618  2.883   8.156   1.00 30.84 ? 336  LEU A C   1 
ATOM   520  O  O   . LEU A 1 78  ? 12.964  1.875   8.426   1.00 29.73 ? 336  LEU A O   1 
ATOM   521  C  CB  . LEU A 1 78  ? 15.599  2.536   6.662   1.00 29.99 ? 336  LEU A CB  1 
ATOM   522  C  CG  . LEU A 1 78  ? 16.125  2.369   5.227   1.00 31.16 ? 336  LEU A CG  1 
ATOM   523  C  CD1 . LEU A 1 78  ? 17.577  1.919   5.250   1.00 31.96 ? 336  LEU A CD1 1 
ATOM   524  C  CD2 . LEU A 1 78  ? 15.263  1.359   4.478   1.00 29.70 ? 336  LEU A CD2 1 
ATOM   525  N  N   . ASP A 1 79  ? 13.883  3.824   9.060   1.00 31.25 ? 337  ASP A N   1 
ATOM   526  C  CA  . ASP A 1 79  ? 13.391  3.684   10.431  1.00 33.01 ? 337  ASP A CA  1 
ATOM   527  C  C   . ASP A 1 79  ? 11.866  3.710   10.494  1.00 31.41 ? 337  ASP A C   1 
ATOM   528  O  O   . ASP A 1 79  ? 11.255  2.946   11.242  1.00 30.81 ? 337  ASP A O   1 
ATOM   529  C  CB  . ASP A 1 79  ? 13.967  4.780   11.338  1.00 36.73 ? 337  ASP A CB  1 
ATOM   530  C  CG  . ASP A 1 79  ? 15.463  4.636   11.554  1.00 41.77 ? 337  ASP A CG  1 
ATOM   531  O  OD1 . ASP A 1 79  ? 15.934  3.489   11.713  1.00 44.86 ? 337  ASP A OD1 1 
ATOM   532  O  OD2 . ASP A 1 79  ? 16.168  5.669   11.577  1.00 44.85 ? 337  ASP A OD2 1 
ATOM   533  N  N   . ILE A 1 80  ? 11.251  4.589   9.710   1.00 29.79 ? 338  ILE A N   1 
ATOM   534  C  CA  . ILE A 1 80  ? 9.796   4.688   9.681   1.00 30.27 ? 338  ILE A CA  1 
ATOM   535  C  C   . ILE A 1 80  ? 9.205   3.431   9.044   1.00 29.99 ? 338  ILE A C   1 
ATOM   536  O  O   . ILE A 1 80  ? 8.217   2.879   9.526   1.00 28.30 ? 338  ILE A O   1 
ATOM   537  C  CB  . ILE A 1 80  ? 9.339   5.921   8.872   1.00 31.62 ? 338  ILE A CB  1 
ATOM   538  C  CG1 . ILE A 1 80  ? 9.787   7.202   9.583   1.00 33.19 ? 338  ILE A CG1 1 
ATOM   539  C  CG2 . ILE A 1 80  ? 7.825   5.904   8.703   1.00 30.48 ? 338  ILE A CG2 1 
ATOM   540  C  CD1 . ILE A 1 80  ? 9.425   8.473   8.843   1.00 35.03 ? 338  ILE A CD1 1 
ATOM   541  N  N   . LEU A 1 81  ? 9.828   2.984   7.959   1.00 28.72 ? 339  LEU A N   1 
ATOM   542  C  CA  . LEU A 1 81  ? 9.380   1.799   7.238   1.00 29.43 ? 339  LEU A CA  1 
ATOM   543  C  C   . LEU A 1 81  ? 9.417   0.551   8.123   1.00 27.70 ? 339  LEU A C   1 
ATOM   544  O  O   . LEU A 1 81  ? 8.501   -0.269  8.093   1.00 27.58 ? 339  LEU A O   1 
ATOM   545  C  CB  . LEU A 1 81  ? 10.266  1.599   6.005   1.00 29.90 ? 339  LEU A CB  1 
ATOM   546  C  CG  . LEU A 1 81  ? 9.776   0.725   4.853   1.00 33.38 ? 339  LEU A CG  1 
ATOM   547  C  CD1 . LEU A 1 81  ? 8.411   1.207   4.368   1.00 30.96 ? 339  LEU A CD1 1 
ATOM   548  C  CD2 . LEU A 1 81  ? 10.799  0.789   3.718   1.00 32.82 ? 339  LEU A CD2 1 
ATOM   549  N  N   . LYS A 1 82  ? 10.475  0.412   8.918   1.00 27.75 ? 340  LYS A N   1 
ATOM   550  C  CA  . LYS A 1 82  ? 10.618  -0.746  9.796   1.00 27.74 ? 340  LYS A CA  1 
ATOM   551  C  C   . LYS A 1 82  ? 9.500   -0.839  10.834  1.00 27.64 ? 340  LYS A C   1 
ATOM   552  O  O   . LYS A 1 82  ? 9.151   -1.930  11.283  1.00 26.51 ? 340  LYS A O   1 
ATOM   553  C  CB  . LYS A 1 82  ? 11.975  -0.715  10.503  1.00 29.13 ? 340  LYS A CB  1 
ATOM   554  C  CG  . LYS A 1 82  ? 12.245  -1.953  11.344  1.00 31.75 ? 340  LYS A CG  1 
ATOM   555  C  CD  . LYS A 1 82  ? 13.647  -1.958  11.926  1.00 36.66 ? 340  LYS A CD  1 
ATOM   556  C  CE  . LYS A 1 82  ? 13.895  -3.239  12.708  1.00 40.09 ? 340  LYS A CE  1 
ATOM   557  N  NZ  . LYS A 1 82  ? 15.314  -3.371  13.146  1.00 44.64 ? 340  LYS A NZ  1 
ATOM   558  N  N   . ASP A 1 83  ? 8.948   0.308   11.213  1.00 27.11 ? 341  ASP A N   1 
ATOM   559  C  CA  . ASP A 1 83  ? 7.864   0.353   12.194  1.00 29.23 ? 341  ASP A CA  1 
ATOM   560  C  C   . ASP A 1 83  ? 6.513   -0.017  11.577  1.00 26.72 ? 341  ASP A C   1 
ATOM   561  O  O   . ASP A 1 83  ? 5.606   -0.459  12.277  1.00 27.07 ? 341  ASP A O   1 
ATOM   562  C  CB  . ASP A 1 83  ? 7.756   1.756   12.802  1.00 33.46 ? 341  ASP A CB  1 
ATOM   563  C  CG  . ASP A 1 83  ? 8.762   1.997   13.918  1.00 40.11 ? 341  ASP A CG  1 
ATOM   564  O  OD1 . ASP A 1 83  ? 8.870   3.156   14.372  1.00 43.98 ? 341  ASP A OD1 1 
ATOM   565  O  OD2 . ASP A 1 83  ? 9.435   1.038   14.350  1.00 42.05 ? 341  ASP A OD2 1 
ATOM   566  N  N   . TRP A 1 84  ? 6.388   0.163   10.265  1.00 25.13 ? 342  TRP A N   1 
ATOM   567  C  CA  . TRP A 1 84  ? 5.140   -0.117  9.555   1.00 24.31 ? 342  TRP A CA  1 
ATOM   568  C  C   . TRP A 1 84  ? 5.034   -1.467  8.848   1.00 24.03 ? 342  TRP A C   1 
ATOM   569  O  O   . TRP A 1 84  ? 3.949   -1.829  8.393   1.00 24.30 ? 342  TRP A O   1 
ATOM   570  C  CB  . TRP A 1 84  ? 4.881   0.965   8.499   1.00 24.16 ? 342  TRP A CB  1 
ATOM   571  C  CG  . TRP A 1 84  ? 4.302   2.248   9.010   1.00 26.83 ? 342  TRP A CG  1 
ATOM   572  C  CD1 . TRP A 1 84  ? 4.973   3.417   9.262   1.00 27.70 ? 342  TRP A CD1 1 
ATOM   573  C  CD2 . TRP A 1 84  ? 2.920   2.512   9.275   1.00 26.28 ? 342  TRP A CD2 1 
ATOM   574  N  NE1 . TRP A 1 84  ? 4.086   4.393   9.661   1.00 27.97 ? 342  TRP A NE1 1 
ATOM   575  C  CE2 . TRP A 1 84  ? 2.821   3.864   9.679   1.00 27.50 ? 342  TRP A CE2 1 
ATOM   576  C  CE3 . TRP A 1 84  ? 1.753   1.737   9.210   1.00 26.61 ? 342  TRP A CE3 1 
ATOM   577  C  CZ2 . TRP A 1 84  ? 1.598   4.457   10.013  1.00 28.17 ? 342  TRP A CZ2 1 
ATOM   578  C  CZ3 . TRP A 1 84  ? 0.538   2.326   9.543   1.00 27.05 ? 342  TRP A CZ3 1 
ATOM   579  C  CH2 . TRP A 1 84  ? 0.471   3.676   9.940   1.00 28.31 ? 342  TRP A CH2 1 
ATOM   580  N  N   . CYS A 1 85  ? 6.140   -2.201  8.743   1.00 24.42 ? 343  CYS A N   1 
ATOM   581  C  CA  . CYS A 1 85  ? 6.144   -3.485  8.031   1.00 24.00 ? 343  CYS A CA  1 
ATOM   582  C  C   . CYS A 1 85  ? 6.464   -4.715  8.875   1.00 24.40 ? 343  CYS A C   1 
ATOM   583  O  O   . CYS A 1 85  ? 7.057   -4.615  9.947   1.00 24.93 ? 343  CYS A O   1 
ATOM   584  C  CB  . CYS A 1 85  ? 7.174   -3.456  6.892   1.00 21.54 ? 343  CYS A CB  1 
ATOM   585  S  SG  . CYS A 1 85  ? 7.037   -2.117  5.702   1.00 23.71 ? 343  CYS A SG  1 
ATOM   586  N  N   . TYR A 1 86  ? 6.068   -5.877  8.364   1.00 24.87 ? 344  TYR A N   1 
ATOM   587  C  CA  . TYR A 1 86  ? 6.368   -7.146  9.016   1.00 25.16 ? 344  TYR A CA  1 
ATOM   588  C  C   . TYR A 1 86  ? 7.833   -7.421  8.661   1.00 26.11 ? 344  TYR A C   1 
ATOM   589  O  O   . TYR A 1 86  ? 8.354   -6.859  7.696   1.00 23.30 ? 344  TYR A O   1 
ATOM   590  C  CB  . TYR A 1 86  ? 5.444   -8.248  8.489   1.00 26.70 ? 344  TYR A CB  1 
ATOM   591  C  CG  . TYR A 1 86  ? 4.147   -8.319  9.262   1.00 27.51 ? 344  TYR A CG  1 
ATOM   592  C  CD1 . TYR A 1 86  ? 4.018   -9.168  10.361  1.00 29.18 ? 344  TYR A CD1 1 
ATOM   593  C  CD2 . TYR A 1 86  ? 3.085   -7.464  8.962   1.00 27.12 ? 344  TYR A CD2 1 
ATOM   594  C  CE1 . TYR A 1 86  ? 2.870   -9.158  11.149  1.00 29.98 ? 344  TYR A CE1 1 
ATOM   595  C  CE2 . TYR A 1 86  ? 1.931   -7.445  9.745   1.00 28.25 ? 344  TYR A CE2 1 
ATOM   596  C  CZ  . TYR A 1 86  ? 1.833   -8.294  10.840  1.00 30.55 ? 344  TYR A CZ  1 
ATOM   597  O  OH  . TYR A 1 86  ? 0.718   -8.258  11.644  1.00 32.80 ? 344  TYR A OH  1 
ATOM   598  N  N   . GLU A 1 87  ? 8.492   -8.277  9.434   1.00 26.68 ? 345  GLU A N   1 
ATOM   599  C  CA  . GLU A 1 87  ? 9.910   -8.565  9.229   1.00 29.99 ? 345  GLU A CA  1 
ATOM   600  C  C   . GLU A 1 87  ? 10.380  -8.916  7.813   1.00 27.99 ? 345  GLU A C   1 
ATOM   601  O  O   . GLU A 1 87  ? 11.268  -8.256  7.271   1.00 26.82 ? 345  GLU A O   1 
ATOM   602  C  CB  . GLU A 1 87  ? 10.359  -9.669  10.193  1.00 34.27 ? 345  GLU A CB  1 
ATOM   603  C  CG  . GLU A 1 87  ? 11.859  -9.921  10.166  1.00 42.71 ? 345  GLU A CG  1 
ATOM   604  C  CD  . GLU A 1 87  ? 12.283  -11.047 11.093  1.00 46.45 ? 345  GLU A CD  1 
ATOM   605  O  OE1 . GLU A 1 87  ? 12.040  -10.938 12.314  1.00 48.81 ? 345  GLU A OE1 1 
ATOM   606  O  OE2 . GLU A 1 87  ? 12.857  -12.041 10.597  1.00 50.79 ? 345  GLU A OE2 1 
ATOM   607  N  N   . ALA A 1 88  ? 9.803   -9.961  7.227   1.00 25.50 ? 346  ALA A N   1 
ATOM   608  C  CA  . ALA A 1 88  ? 10.188  -10.396 5.885   1.00 24.94 ? 346  ALA A CA  1 
ATOM   609  C  C   . ALA A 1 88  ? 9.885   -9.330  4.840   1.00 23.44 ? 346  ALA A C   1 
ATOM   610  O  O   . ALA A 1 88  ? 10.610  -9.181  3.852   1.00 21.97 ? 346  ALA A O   1 
ATOM   611  C  CB  . ALA A 1 88  ? 9.461   -11.693 5.534   1.00 26.32 ? 346  ALA A CB  1 
ATOM   612  N  N   . THR A 1 89  ? 8.806   -8.596  5.071   1.00 22.21 ? 347  THR A N   1 
ATOM   613  C  CA  . THR A 1 89  ? 8.373   -7.534  4.172   1.00 21.67 ? 347  THR A CA  1 
ATOM   614  C  C   . THR A 1 89  ? 9.407   -6.406  4.160   1.00 23.35 ? 347  THR A C   1 
ATOM   615  O  O   . THR A 1 89  ? 9.815   -5.929  3.094   1.00 20.99 ? 347  THR A O   1 
ATOM   616  C  CB  . THR A 1 89  ? 7.009   -6.986  4.631   1.00 22.95 ? 347  THR A CB  1 
ATOM   617  O  OG1 . THR A 1 89  ? 6.100   -8.086  4.811   1.00 19.00 ? 347  THR A OG1 1 
ATOM   618  C  CG2 . THR A 1 89  ? 6.443   -6.008  3.598   1.00 20.78 ? 347  THR A CG2 1 
ATOM   619  N  N   . TYR A 1 90  ? 9.829   -5.985  5.350   1.00 22.70 ? 348  TYR A N   1 
ATOM   620  C  CA  . TYR A 1 90  ? 10.828  -4.925  5.477   1.00 24.18 ? 348  TYR A CA  1 
ATOM   621  C  C   . TYR A 1 90  ? 12.136  -5.305  4.783   1.00 23.62 ? 348  TYR A C   1 
ATOM   622  O  O   . TYR A 1 90  ? 12.736  -4.484  4.093   1.00 24.10 ? 348  TYR A O   1 
ATOM   623  C  CB  . TYR A 1 90  ? 11.104  -4.623  6.957   1.00 25.75 ? 348  TYR A CB  1 
ATOM   624  C  CG  . TYR A 1 90  ? 12.241  -3.643  7.187   1.00 26.85 ? 348  TYR A CG  1 
ATOM   625  C  CD1 . TYR A 1 90  ? 12.085  -2.281  6.916   1.00 27.83 ? 348  TYR A CD1 1 
ATOM   626  C  CD2 . TYR A 1 90  ? 13.482  -4.083  7.654   1.00 27.88 ? 348  TYR A CD2 1 
ATOM   627  C  CE1 . TYR A 1 90  ? 13.138  -1.380  7.104   1.00 28.63 ? 348  TYR A CE1 1 
ATOM   628  C  CE2 . TYR A 1 90  ? 14.545  -3.188  7.845   1.00 28.34 ? 348  TYR A CE2 1 
ATOM   629  C  CZ  . TYR A 1 90  ? 14.364  -1.841  7.568   1.00 28.79 ? 348  TYR A CZ  1 
ATOM   630  O  OH  . TYR A 1 90  ? 15.406  -0.952  7.757   1.00 30.36 ? 348  TYR A OH  1 
ATOM   631  N  N   . SER A 1 91  ? 12.581  -6.546  4.965   1.00 24.91 ? 349  SER A N   1 
ATOM   632  C  CA  . SER A 1 91  ? 13.831  -6.991  4.343   1.00 26.77 ? 349  SER A CA  1 
ATOM   633  C  C   . SER A 1 91  ? 13.835  -6.809  2.827   1.00 25.49 ? 349  SER A C   1 
ATOM   634  O  O   . SER A 1 91  ? 14.830  -6.361  2.255   1.00 26.63 ? 349  SER A O   1 
ATOM   635  C  CB  . SER A 1 91  ? 14.110  -8.458  4.679   1.00 28.34 ? 349  SER A CB  1 
ATOM   636  O  OG  . SER A 1 91  ? 14.347  -8.617  6.063   1.00 34.00 ? 349  SER A OG  1 
ATOM   637  N  N   . GLN A 1 92  ? 12.725  -7.149  2.176   1.00 24.74 ? 350  GLN A N   1 
ATOM   638  C  CA  . GLN A 1 92  ? 12.634  -7.017  0.722   1.00 22.84 ? 350  GLN A CA  1 
ATOM   639  C  C   . GLN A 1 92  ? 12.670  -5.563  0.251   1.00 23.58 ? 350  GLN A C   1 
ATOM   640  O  O   . GLN A 1 92  ? 13.357  -5.240  -0.716  1.00 21.56 ? 350  GLN A O   1 
ATOM   641  C  CB  . GLN A 1 92  ? 11.364  -7.696  0.194   1.00 22.98 ? 350  GLN A CB  1 
ATOM   642  C  CG  . GLN A 1 92  ? 11.358  -9.227  0.306   1.00 23.34 ? 350  GLN A CG  1 
ATOM   643  C  CD  . GLN A 1 92  ? 12.519  -9.882  -0.437  1.00 23.46 ? 350  GLN A CD  1 
ATOM   644  O  OE1 . GLN A 1 92  ? 12.723  -9.644  -1.625  1.00 20.56 ? 350  GLN A OE1 1 
ATOM   645  N  NE2 . GLN A 1 92  ? 13.273  -10.721 0.264   1.00 23.28 ? 350  GLN A NE2 1 
ATOM   646  N  N   . LEU A 1 93  ? 11.929  -4.692  0.933   1.00 21.07 ? 351  LEU A N   1 
ATOM   647  C  CA  . LEU A 1 93  ? 11.880  -3.276  0.571   1.00 22.59 ? 351  LEU A CA  1 
ATOM   648  C  C   . LEU A 1 93  ? 13.169  -2.520  0.910   1.00 22.97 ? 351  LEU A C   1 
ATOM   649  O  O   . LEU A 1 93  ? 13.593  -1.630  0.167   1.00 24.33 ? 351  LEU A O   1 
ATOM   650  C  CB  . LEU A 1 93  ? 10.698  -2.592  1.277   1.00 21.74 ? 351  LEU A CB  1 
ATOM   651  C  CG  . LEU A 1 93  ? 9.290   -3.066  0.892   1.00 22.42 ? 351  LEU A CG  1 
ATOM   652  C  CD1 . LEU A 1 93  ? 8.250   -2.388  1.779   1.00 24.00 ? 351  LEU A CD1 1 
ATOM   653  C  CD2 . LEU A 1 93  ? 9.030   -2.744  -0.573  1.00 20.62 ? 351  LEU A CD2 1 
ATOM   654  N  N   . ALA A 1 94  ? 13.784  -2.883  2.030   1.00 23.79 ? 352  ALA A N   1 
ATOM   655  C  CA  . ALA A 1 94  ? 14.999  -2.226  2.508   1.00 25.79 ? 352  ALA A CA  1 
ATOM   656  C  C   . ALA A 1 94  ? 16.259  -2.417  1.665   1.00 28.02 ? 352  ALA A C   1 
ATOM   657  O  O   . ALA A 1 94  ? 17.001  -1.462  1.434   1.00 27.64 ? 352  ALA A O   1 
ATOM   658  C  CB  . ALA A 1 94  ? 15.282  -2.658  3.944   1.00 22.59 ? 352  ALA A CB  1 
ATOM   659  N  N   . HIS A 1 95  ? 16.505  -3.644  1.216   1.00 30.02 ? 353  HIS A N   1 
ATOM   660  C  CA  . HIS A 1 95  ? 17.703  -3.939  0.433   1.00 31.63 ? 353  HIS A CA  1 
ATOM   661  C  C   . HIS A 1 95  ? 18.032  -2.932  -0.674  1.00 30.36 ? 353  HIS A C   1 
ATOM   662  O  O   . HIS A 1 95  ? 19.132  -2.388  -0.700  1.00 31.33 ? 353  HIS A O   1 
ATOM   663  C  CB  . HIS A 1 95  ? 17.616  -5.361  -0.133  1.00 37.10 ? 353  HIS A CB  1 
ATOM   664  C  CG  . HIS A 1 95  ? 17.809  -6.428  0.901   1.00 43.34 ? 353  HIS A CG  1 
ATOM   665  N  ND1 . HIS A 1 95  ? 17.752  -6.170  2.254   1.00 46.29 ? 353  HIS A ND1 1 
ATOM   666  C  CD2 . HIS A 1 95  ? 18.044  -7.756  0.781   1.00 46.76 ? 353  HIS A CD2 1 
ATOM   667  C  CE1 . HIS A 1 95  ? 17.943  -7.293  2.923   1.00 47.77 ? 353  HIS A CE1 1 
ATOM   668  N  NE2 . HIS A 1 95  ? 18.123  -8.271  2.054   1.00 48.17 ? 353  HIS A NE2 1 
ATOM   669  N  N   . PRO A 1 96  ? 17.091  -2.666  -1.594  1.00 29.48 ? 354  PRO A N   1 
ATOM   670  C  CA  . PRO A 1 96  ? 17.361  -1.706  -2.672  1.00 30.45 ? 354  PRO A CA  1 
ATOM   671  C  C   . PRO A 1 96  ? 17.711  -0.313  -2.137  1.00 31.00 ? 354  PRO A C   1 
ATOM   672  O  O   . PRO A 1 96  ? 18.589  0.371   -2.670  1.00 30.71 ? 354  PRO A O   1 
ATOM   673  C  CB  . PRO A 1 96  ? 16.054  -1.692  -3.463  1.00 32.23 ? 354  PRO A CB  1 
ATOM   674  C  CG  . PRO A 1 96  ? 15.473  -3.052  -3.197  1.00 32.01 ? 354  PRO A CG  1 
ATOM   675  C  CD  . PRO A 1 96  ? 15.746  -3.250  -1.739  1.00 30.63 ? 354  PRO A CD  1 
ATOM   676  N  N   . ILE A 1 97  ? 17.009  0.104   -1.087  1.00 29.37 ? 355  ILE A N   1 
ATOM   677  C  CA  . ILE A 1 97  ? 17.249  1.412   -0.485  1.00 29.82 ? 355  ILE A CA  1 
ATOM   678  C  C   . ILE A 1 97  ? 18.646  1.456   0.134   1.00 30.51 ? 355  ILE A C   1 
ATOM   679  O  O   . ILE A 1 97  ? 19.367  2.444   -0.015  1.00 30.14 ? 355  ILE A O   1 
ATOM   680  C  CB  . ILE A 1 97  ? 16.191  1.728   0.603   1.00 28.29 ? 355  ILE A CB  1 
ATOM   681  C  CG1 . ILE A 1 97  ? 14.799  1.807   -0.036  1.00 27.94 ? 355  ILE A CG1 1 
ATOM   682  C  CG2 . ILE A 1 97  ? 16.529  3.044   1.297   1.00 26.92 ? 355  ILE A CG2 1 
ATOM   683  C  CD1 . ILE A 1 97  ? 13.656  1.925   0.965   1.00 26.08 ? 355  ILE A CD1 1 
ATOM   684  N  N   . GLN A 1 98  ? 19.023  0.381   0.822   1.00 30.65 ? 356  GLN A N   1 
ATOM   685  C  CA  . GLN A 1 98  ? 20.335  0.295   1.453   1.00 32.47 ? 356  GLN A CA  1 
ATOM   686  C  C   . GLN A 1 98  ? 21.459  0.368   0.421   1.00 33.11 ? 356  GLN A C   1 
ATOM   687  O  O   . GLN A 1 98  ? 22.532  0.907   0.701   1.00 33.25 ? 356  GLN A O   1 
ATOM   688  C  CB  . GLN A 1 98  ? 20.439  -1.000  2.264   1.00 33.96 ? 356  GLN A CB  1 
ATOM   689  C  CG  . GLN A 1 98  ? 19.648  -0.965  3.566   1.00 36.93 ? 356  GLN A CG  1 
ATOM   690  C  CD  . GLN A 1 98  ? 19.472  -2.335  4.195   1.00 40.68 ? 356  GLN A CD  1 
ATOM   691  O  OE1 . GLN A 1 98  ? 19.114  -2.449  5.368   1.00 44.81 ? 356  GLN A OE1 1 
ATOM   692  N  NE2 . GLN A 1 98  ? 19.705  -3.382  3.414   1.00 40.55 ? 356  GLN A NE2 1 
ATOM   693  N  N   . GLN A 1 99  ? 21.214  -0.172  -0.770  1.00 32.39 ? 357  GLN A N   1 
ATOM   694  C  CA  . GLN A 1 99  ? 22.212  -0.137  -1.839  1.00 33.09 ? 357  GLN A CA  1 
ATOM   695  C  C   . GLN A 1 99  ? 22.392  1.301   -2.314  1.00 33.54 ? 357  GLN A C   1 
ATOM   696  O  O   . GLN A 1 99  ? 23.513  1.756   -2.547  1.00 32.79 ? 357  GLN A O   1 
ATOM   697  C  CB  . GLN A 1 99  ? 21.772  -0.999  -3.025  1.00 34.74 ? 357  GLN A CB  1 
ATOM   698  C  CG  . GLN A 1 99  ? 21.920  -2.495  -2.820  1.00 37.22 ? 357  GLN A CG  1 
ATOM   699  C  CD  . GLN A 1 99  ? 21.394  -3.288  -4.003  1.00 39.59 ? 357  GLN A CD  1 
ATOM   700  O  OE1 . GLN A 1 99  ? 20.194  -3.301  -4.269  1.00 41.72 ? 357  GLN A OE1 1 
ATOM   701  N  NE2 . GLN A 1 99  ? 22.294  -3.945  -4.728  1.00 41.48 ? 357  GLN A NE2 1 
ATOM   702  N  N   . ALA A 1 100 ? 21.278  2.009   -2.459  1.00 31.89 ? 358  ALA A N   1 
ATOM   703  C  CA  . ALA A 1 100 ? 21.299  3.395   -2.903  1.00 32.57 ? 358  ALA A CA  1 
ATOM   704  C  C   . ALA A 1 100 ? 22.028  4.292   -1.905  1.00 33.35 ? 358  ALA A C   1 
ATOM   705  O  O   . ALA A 1 100 ? 22.808  5.158   -2.297  1.00 34.78 ? 358  ALA A O   1 
ATOM   706  C  CB  . ALA A 1 100 ? 19.873  3.896   -3.114  1.00 31.88 ? 358  ALA A CB  1 
ATOM   707  N  N   . LYS A 1 101 ? 21.775  4.086   -0.615  1.00 34.09 ? 359  LYS A N   1 
ATOM   708  C  CA  . LYS A 1 101 ? 22.418  4.890   0.418   1.00 36.48 ? 359  LYS A CA  1 
ATOM   709  C  C   . LYS A 1 101 ? 23.930  4.671   0.446   1.00 38.88 ? 359  LYS A C   1 
ATOM   710  O  O   . LYS A 1 101 ? 24.692  5.591   0.755   1.00 38.40 ? 359  LYS A O   1 
ATOM   711  C  CB  . LYS A 1 101 ? 21.821  4.572   1.794   1.00 37.51 ? 359  LYS A CB  1 
ATOM   712  C  CG  . LYS A 1 101 ? 20.388  5.073   1.986   1.00 41.26 ? 359  LYS A CG  1 
ATOM   713  C  CD  . LYS A 1 101 ? 19.863  4.718   3.374   1.00 43.72 ? 359  LYS A CD  1 
ATOM   714  C  CE  . LYS A 1 101 ? 18.437  5.215   3.593   1.00 46.22 ? 359  LYS A CE  1 
ATOM   715  N  NZ  . LYS A 1 101 ? 18.322  6.707   3.585   1.00 46.59 ? 359  LYS A NZ  1 
ATOM   716  N  N   . ALA A 1 102 ? 24.360  3.455   0.118   1.00 38.67 ? 360  ALA A N   1 
ATOM   717  C  CA  . ALA A 1 102 ? 25.781  3.126   0.102   1.00 39.96 ? 360  ALA A CA  1 
ATOM   718  C  C   . ALA A 1 102 ? 26.501  3.926   -0.982  1.00 40.40 ? 360  ALA A C   1 
ATOM   719  O  O   . ALA A 1 102 ? 27.694  4.203   -0.870  1.00 40.76 ? 360  ALA A O   1 
ATOM   720  C  CB  . ALA A 1 102 ? 25.972  1.629   -0.131  1.00 39.15 ? 360  ALA A CB  1 
ATOM   721  N  N   . LEU A 1 103 ? 25.771  4.288   -2.034  1.00 41.63 ? 361  LEU A N   1 
ATOM   722  C  CA  . LEU A 1 103 ? 26.335  5.071   -3.128  1.00 42.40 ? 361  LEU A CA  1 
ATOM   723  C  C   . LEU A 1 103 ? 26.086  6.560   -2.890  1.00 42.60 ? 361  LEU A C   1 
ATOM   724  O  O   . LEU A 1 103 ? 26.375  7.391   -3.748  1.00 43.22 ? 361  LEU A O   1 
ATOM   725  C  CB  . LEU A 1 103 ? 25.716  4.658   -4.468  1.00 44.09 ? 361  LEU A CB  1 
ATOM   726  C  CG  . LEU A 1 103 ? 26.130  3.330   -5.114  1.00 44.83 ? 361  LEU A CG  1 
ATOM   727  C  CD1 . LEU A 1 103 ? 27.636  3.309   -5.315  1.00 46.02 ? 361  LEU A CD1 1 
ATOM   728  C  CD2 . LEU A 1 103 ? 25.704  2.172   -4.248  1.00 47.43 ? 361  LEU A CD2 1 
ATOM   729  N  N   . GLY A 1 104 ? 25.539  6.883   -1.721  1.00 42.12 ? 362  GLY A N   1 
ATOM   730  C  CA  . GLY A 1 104 ? 25.259  8.268   -1.383  1.00 41.69 ? 362  GLY A CA  1 
ATOM   731  C  C   . GLY A 1 104 ? 24.198  8.937   -2.242  1.00 41.43 ? 362  GLY A C   1 
ATOM   732  O  O   . GLY A 1 104 ? 24.218  10.156  -2.412  1.00 41.96 ? 362  GLY A O   1 
ATOM   733  N  N   . LEU A 1 105 ? 23.266  8.153   -2.778  1.00 39.40 ? 363  LEU A N   1 
ATOM   734  C  CA  . LEU A 1 105 ? 22.209  8.704   -3.623  1.00 39.17 ? 363  LEU A CA  1 
ATOM   735  C  C   . LEU A 1 105 ? 21.143  9.429   -2.799  1.00 39.24 ? 363  LEU A C   1 
ATOM   736  O  O   . LEU A 1 105 ? 20.966  9.154   -1.612  1.00 38.40 ? 363  LEU A O   1 
ATOM   737  C  CB  . LEU A 1 105 ? 21.563  7.595   -4.461  1.00 38.44 ? 363  LEU A CB  1 
ATOM   738  C  CG  . LEU A 1 105 ? 22.499  6.838   -5.411  1.00 38.49 ? 363  LEU A CG  1 
ATOM   739  C  CD1 . LEU A 1 105 ? 21.701  5.813   -6.200  1.00 37.15 ? 363  LEU A CD1 1 
ATOM   740  C  CD2 . LEU A 1 105 ? 23.185  7.813   -6.357  1.00 37.84 ? 363  LEU A CD2 1 
ATOM   741  N  N   . GLN A 1 106 ? 20.437  10.354  -3.443  1.00 39.50 ? 364  GLN A N   1 
ATOM   742  C  CA  . GLN A 1 106 ? 19.400  11.148  -2.787  1.00 41.02 ? 364  GLN A CA  1 
ATOM   743  C  C   . GLN A 1 106 ? 18.011  10.874  -3.353  1.00 39.00 ? 364  GLN A C   1 
ATOM   744  O  O   . GLN A 1 106 ? 17.827  10.820  -4.568  1.00 39.18 ? 364  GLN A O   1 
ATOM   745  C  CB  . GLN A 1 106 ? 19.714  12.638  -2.942  1.00 43.65 ? 364  GLN A CB  1 
ATOM   746  C  CG  . GLN A 1 106 ? 21.041  13.074  -2.340  1.00 50.19 ? 364  GLN A CG  1 
ATOM   747  C  CD  . GLN A 1 106 ? 21.022  13.080  -0.825  1.00 54.14 ? 364  GLN A CD  1 
ATOM   748  O  OE1 . GLN A 1 106 ? 22.035  13.359  -0.182  1.00 57.69 ? 364  GLN A OE1 1 
ATOM   749  N  NE2 . GLN A 1 106 ? 19.865  12.779  -0.243  1.00 57.73 ? 364  GLN A NE2 1 
ATOM   750  N  N   . PHE A 1 107 ? 17.035  10.713  -2.464  1.00 38.15 ? 365  PHE A N   1 
ATOM   751  C  CA  . PHE A 1 107 ? 15.655  10.454  -2.864  1.00 36.83 ? 365  PHE A CA  1 
ATOM   752  C  C   . PHE A 1 107 ? 14.880  11.771  -2.939  1.00 36.23 ? 365  PHE A C   1 
ATOM   753  O  O   . PHE A 1 107 ? 14.663  12.424  -1.920  1.00 36.41 ? 365  PHE A O   1 
ATOM   754  C  CB  . PHE A 1 107 ? 14.990  9.517   -1.850  1.00 38.47 ? 365  PHE A CB  1 
ATOM   755  C  CG  . PHE A 1 107 ? 15.654  8.172   -1.745  1.00 39.98 ? 365  PHE A CG  1 
ATOM   756  C  CD1 . PHE A 1 107 ? 15.470  7.211   -2.735  1.00 40.88 ? 365  PHE A CD1 1 
ATOM   757  C  CD2 . PHE A 1 107 ? 16.497  7.880   -0.676  1.00 40.92 ? 365  PHE A CD2 1 
ATOM   758  C  CE1 . PHE A 1 107 ? 16.121  5.978   -2.665  1.00 42.62 ? 365  PHE A CE1 1 
ATOM   759  C  CE2 . PHE A 1 107 ? 17.152  6.652   -0.596  1.00 40.40 ? 365  PHE A CE2 1 
ATOM   760  C  CZ  . PHE A 1 107 ? 16.964  5.699   -1.592  1.00 41.54 ? 365  PHE A CZ  1 
ATOM   761  N  N   . HIS A 1 108 ? 14.465  12.153  -4.144  1.00 35.75 ? 366  HIS A N   1 
ATOM   762  C  CA  . HIS A 1 108 ? 13.718  13.396  -4.343  1.00 35.97 ? 366  HIS A CA  1 
ATOM   763  C  C   . HIS A 1 108 ? 12.278  13.161  -4.796  1.00 34.54 ? 366  HIS A C   1 
ATOM   764  O  O   . HIS A 1 108 ? 11.593  14.102  -5.204  1.00 33.71 ? 366  HIS A O   1 
ATOM   765  C  CB  . HIS A 1 108 ? 14.416  14.278  -5.389  1.00 38.70 ? 366  HIS A CB  1 
ATOM   766  C  CG  . HIS A 1 108 ? 15.693  14.900  -4.915  1.00 41.25 ? 366  HIS A CG  1 
ATOM   767  N  ND1 . HIS A 1 108 ? 16.808  14.160  -4.584  1.00 44.09 ? 366  HIS A ND1 1 
ATOM   768  C  CD2 . HIS A 1 108 ? 16.037  16.197  -4.735  1.00 42.76 ? 366  HIS A CD2 1 
ATOM   769  C  CE1 . HIS A 1 108 ? 17.784  14.974  -4.222  1.00 42.75 ? 366  HIS A CE1 1 
ATOM   770  N  NE2 . HIS A 1 108 ? 17.341  16.215  -4.305  1.00 43.46 ? 366  HIS A NE2 1 
ATOM   771  N  N   . SER A 1 109 ? 11.817  11.914  -4.724  1.00 31.70 ? 367  SER A N   1 
ATOM   772  C  CA  . SER A 1 109 ? 10.465  11.563  -5.153  1.00 29.24 ? 367  SER A CA  1 
ATOM   773  C  C   . SER A 1 109 ? 9.348   12.163  -4.294  1.00 27.42 ? 367  SER A C   1 
ATOM   774  O  O   . SER A 1 109 ? 9.511   12.350  -3.090  1.00 26.36 ? 367  SER A O   1 
ATOM   775  C  CB  . SER A 1 109 ? 10.324  10.039  -5.197  1.00 30.93 ? 367  SER A CB  1 
ATOM   776  O  OG  . SER A 1 109 ? 11.344  9.470   -6.004  1.00 28.20 ? 367  SER A OG  1 
ATOM   777  N  N   . ARG A 1 110 ? 8.212   12.453  -4.926  1.00 27.32 ? 368  ARG A N   1 
ATOM   778  C  CA  . ARG A 1 110 ? 7.058   13.036  -4.239  1.00 27.46 ? 368  ARG A CA  1 
ATOM   779  C  C   . ARG A 1 110 ? 5.730   12.486  -4.747  1.00 27.03 ? 368  ARG A C   1 
ATOM   780  O  O   . ARG A 1 110 ? 5.604   12.106  -5.912  1.00 26.86 ? 368  ARG A O   1 
ATOM   781  C  CB  . ARG A 1 110 ? 7.029   14.560  -4.419  1.00 27.99 ? 368  ARG A CB  1 
ATOM   782  C  CG  . ARG A 1 110 ? 8.111   15.335  -3.696  1.00 31.41 ? 368  ARG A CG  1 
ATOM   783  C  CD  . ARG A 1 110 ? 7.980   16.826  -4.008  1.00 34.22 ? 368  ARG A CD  1 
ATOM   784  N  NE  . ARG A 1 110 ? 9.021   17.626  -3.367  1.00 37.04 ? 368  ARG A NE  1 
ATOM   785  C  CZ  . ARG A 1 110 ? 9.062   17.899  -2.067  1.00 38.74 ? 368  ARG A CZ  1 
ATOM   786  N  NH1 . ARG A 1 110 ? 8.115   17.441  -1.259  1.00 39.01 ? 368  ARG A NH1 1 
ATOM   787  N  NH2 . ARG A 1 110 ? 10.055  18.627  -1.571  1.00 40.67 ? 368  ARG A NH2 1 
ATOM   788  N  N   . ILE A 1 111 ? 4.739   12.471  -3.862  1.00 25.24 ? 369  ILE A N   1 
ATOM   789  C  CA  . ILE A 1 111 ? 3.396   12.002  -4.189  1.00 25.25 ? 369  ILE A CA  1 
ATOM   790  C  C   . ILE A 1 111 ? 2.537   13.190  -4.626  1.00 26.06 ? 369  ILE A C   1 
ATOM   791  O  O   . ILE A 1 111 ? 2.518   14.229  -3.959  1.00 26.41 ? 369  ILE A O   1 
ATOM   792  C  CB  . ILE A 1 111 ? 2.727   11.347  -2.960  1.00 26.36 ? 369  ILE A CB  1 
ATOM   793  C  CG1 . ILE A 1 111 ? 3.535   10.123  -2.518  1.00 27.69 ? 369  ILE A CG1 1 
ATOM   794  C  CG2 . ILE A 1 111 ? 1.281   10.984  -3.282  1.00 24.60 ? 369  ILE A CG2 1 
ATOM   795  C  CD1 . ILE A 1 111 ? 3.104   9.550   -1.179  1.00 29.62 ? 369  ILE A CD1 1 
ATOM   796  N  N   . LEU A 1 112 ? 1.828   13.032  -5.741  1.00 26.74 ? 370  LEU A N   1 
ATOM   797  C  CA  . LEU A 1 112 ? 0.959   14.085  -6.259  1.00 26.74 ? 370  LEU A CA  1 
ATOM   798  C  C   . LEU A 1 112 ? -0.480  13.911  -5.777  1.00 28.21 ? 370  LEU A C   1 
ATOM   799  O  O   . LEU A 1 112 ? -1.139  14.885  -5.413  1.00 26.55 ? 370  LEU A O   1 
ATOM   800  C  CB  . LEU A 1 112 ? 0.974   14.085  -7.791  1.00 26.08 ? 370  LEU A CB  1 
ATOM   801  C  CG  . LEU A 1 112 ? 0.084   15.135  -8.472  1.00 29.52 ? 370  LEU A CG  1 
ATOM   802  C  CD1 . LEU A 1 112 ? 0.658   16.530  -8.230  1.00 27.15 ? 370  LEU A CD1 1 
ATOM   803  C  CD2 . LEU A 1 112 ? 0.006   14.856  -9.968  1.00 29.07 ? 370  LEU A CD2 1 
ATOM   804  N  N   . ASP A 1 113 ? -0.966  12.671  -5.780  1.00 27.41 ? 371  ASP A N   1 
ATOM   805  C  CA  . ASP A 1 113 ? -2.334  12.396  -5.355  1.00 28.10 ? 371  ASP A CA  1 
ATOM   806  C  C   . ASP A 1 113 ? -2.588  10.910  -5.097  1.00 28.67 ? 371  ASP A C   1 
ATOM   807  O  O   . ASP A 1 113 ? -1.902  10.049  -5.648  1.00 27.07 ? 371  ASP A O   1 
ATOM   808  C  CB  . ASP A 1 113 ? -3.315  12.903  -6.417  1.00 31.00 ? 371  ASP A CB  1 
ATOM   809  C  CG  . ASP A 1 113 ? -4.760  12.806  -5.972  1.00 34.54 ? 371  ASP A CG  1 
ATOM   810  O  OD1 . ASP A 1 113 ? -5.087  13.346  -4.895  1.00 36.06 ? 371  ASP A OD1 1 
ATOM   811  O  OD2 . ASP A 1 113 ? -5.570  12.193  -6.700  1.00 37.93 ? 371  ASP A OD2 1 
ATOM   812  N  N   . ILE A 1 114 ? -3.582  10.636  -4.254  1.00 27.59 ? 372  ILE A N   1 
ATOM   813  C  CA  . ILE A 1 114 ? -3.988  9.280   -3.886  1.00 27.73 ? 372  ILE A CA  1 
ATOM   814  C  C   . ILE A 1 114 ? -5.515  9.210   -3.935  1.00 29.54 ? 372  ILE A C   1 
ATOM   815  O  O   . ILE A 1 114 ? -6.195  10.061  -3.360  1.00 28.46 ? 372  ILE A O   1 
ATOM   816  C  CB  . ILE A 1 114 ? -3.526  8.932   -2.440  1.00 28.37 ? 372  ILE A CB  1 
ATOM   817  C  CG1 . ILE A 1 114 ? -2.003  8.803   -2.392  1.00 27.95 ? 372  ILE A CG1 1 
ATOM   818  C  CG2 . ILE A 1 114 ? -4.194  7.645   -1.960  1.00 28.14 ? 372  ILE A CG2 1 
ATOM   819  C  CD1 . ILE A 1 114 ? -1.442  8.666   -0.984  1.00 28.86 ? 372  ILE A CD1 1 
ATOM   820  N  N   . ASP A 1 115 ? -6.061  8.214   -4.630  1.00 28.93 ? 373  ASP A N   1 
ATOM   821  C  CA  . ASP A 1 115 ? -7.513  8.070   -4.697  1.00 29.98 ? 373  ASP A CA  1 
ATOM   822  C  C   . ASP A 1 115 ? -7.967  6.659   -5.065  1.00 29.62 ? 373  ASP A C   1 
ATOM   823  O  O   . ASP A 1 115 ? -7.148  5.750   -5.218  1.00 28.08 ? 373  ASP A O   1 
ATOM   824  C  CB  . ASP A 1 115 ? -8.115  9.088   -5.675  1.00 33.54 ? 373  ASP A CB  1 
ATOM   825  C  CG  . ASP A 1 115 ? -7.784  8.789   -7.128  1.00 38.28 ? 373  ASP A CG  1 
ATOM   826  O  OD1 . ASP A 1 115 ? -8.278  9.533   -8.004  1.00 40.19 ? 373  ASP A OD1 1 
ATOM   827  O  OD2 . ASP A 1 115 ? -7.042  7.820   -7.399  1.00 41.26 ? 373  ASP A OD2 1 
ATOM   828  N  N   . ASN A 1 116 ? -9.281  6.484   -5.189  1.00 28.38 ? 374  ASN A N   1 
ATOM   829  C  CA  . ASN A 1 116 ? -9.873  5.195   -5.537  1.00 28.81 ? 374  ASN A CA  1 
ATOM   830  C  C   . ASN A 1 116 ? -9.501  4.059   -4.572  1.00 28.03 ? 374  ASN A C   1 
ATOM   831  O  O   . ASN A 1 116 ? -9.210  2.941   -5.008  1.00 26.91 ? 374  ASN A O   1 
ATOM   832  C  CB  . ASN A 1 116 ? -9.482  4.800   -6.968  1.00 30.73 ? 374  ASN A CB  1 
ATOM   833  C  CG  . ASN A 1 116 ? -10.129 5.687   -8.024  1.00 35.14 ? 374  ASN A CG  1 
ATOM   834  O  OD1 . ASN A 1 116 ? -9.461  6.506   -8.664  1.00 36.86 ? 374  ASN A OD1 1 
ATOM   835  N  ND2 . ASN A 1 116 ? -11.435 5.528   -8.211  1.00 33.66 ? 374  ASN A ND2 1 
ATOM   836  N  N   . VAL A 1 117 ? -9.518  4.343   -3.269  1.00 26.51 ? 375  VAL A N   1 
ATOM   837  C  CA  . VAL A 1 117 ? -9.197  3.340   -2.245  1.00 25.37 ? 375  VAL A CA  1 
ATOM   838  C  C   . VAL A 1 117 ? -10.369 2.355   -2.107  1.00 26.56 ? 375  VAL A C   1 
ATOM   839  O  O   . VAL A 1 117 ? -11.510 2.778   -1.915  1.00 25.42 ? 375  VAL A O   1 
ATOM   840  C  CB  . VAL A 1 117 ? -8.933  4.017   -0.872  1.00 26.64 ? 375  VAL A CB  1 
ATOM   841  C  CG1 . VAL A 1 117 ? -8.549  2.973   0.169   1.00 26.82 ? 375  VAL A CG1 1 
ATOM   842  C  CG2 . VAL A 1 117 ? -7.823  5.053   -1.008  1.00 25.67 ? 375  VAL A CG2 1 
ATOM   843  N  N   . ASP A 1 118 ? -10.091 1.051   -2.186  1.00 24.51 ? 376  ASP A N   1 
ATOM   844  C  CA  . ASP A 1 118 ? -11.155 0.045   -2.098  1.00 25.41 ? 376  ASP A CA  1 
ATOM   845  C  C   . ASP A 1 118 ? -10.705 -1.283  -1.460  1.00 25.74 ? 376  ASP A C   1 
ATOM   846  O  O   . ASP A 1 118 ? -9.511  -1.587  -1.414  1.00 22.92 ? 376  ASP A O   1 
ATOM   847  C  CB  . ASP A 1 118 ? -11.704 -0.198  -3.511  1.00 30.72 ? 376  ASP A CB  1 
ATOM   848  C  CG  . ASP A 1 118 ? -12.992 -0.995  -3.519  1.00 35.22 ? 376  ASP A CG  1 
ATOM   849  O  OD1 . ASP A 1 118 ? -13.860 -0.748  -2.653  1.00 36.27 ? 376  ASP A OD1 1 
ATOM   850  O  OD2 . ASP A 1 118 ? -13.140 -1.860  -4.413  1.00 41.84 ? 376  ASP A OD2 1 
ATOM   851  N  N   . LEU A 1 119 ? -11.664 -2.062  -0.956  1.00 23.08 ? 377  LEU A N   1 
ATOM   852  C  CA  . LEU A 1 119 ? -11.368 -3.365  -0.340  1.00 24.94 ? 377  LEU A CA  1 
ATOM   853  C  C   . LEU A 1 119 ? -11.582 -4.452  -1.396  1.00 24.49 ? 377  LEU A C   1 
ATOM   854  O  O   . LEU A 1 119 ? -12.682 -4.593  -1.923  1.00 24.99 ? 377  LEU A O   1 
ATOM   855  C  CB  . LEU A 1 119 ? -12.291 -3.614  0.862   1.00 24.50 ? 377  LEU A CB  1 
ATOM   856  C  CG  . LEU A 1 119 ? -12.113 -4.928  1.638   1.00 25.11 ? 377  LEU A CG  1 
ATOM   857  C  CD1 . LEU A 1 119 ? -10.670 -5.062  2.111   1.00 24.73 ? 377  LEU A CD1 1 
ATOM   858  C  CD2 . LEU A 1 119 ? -13.068 -4.959  2.830   1.00 23.82 ? 377  LEU A CD2 1 
ATOM   859  N  N   . ALA A 1 120 ? -10.536 -5.218  -1.696  1.00 25.21 ? 378  ALA A N   1 
ATOM   860  C  CA  . ALA A 1 120 ? -10.610 -6.258  -2.728  1.00 26.44 ? 378  ALA A CA  1 
ATOM   861  C  C   . ALA A 1 120 ? -10.890 -7.685  -2.255  1.00 27.11 ? 378  ALA A C   1 
ATOM   862  O  O   . ALA A 1 120 ? -11.721 -8.379  -2.842  1.00 28.92 ? 378  ALA A O   1 
ATOM   863  C  CB  . ALA A 1 120 ? -9.328  -6.240  -3.567  1.00 25.22 ? 378  ALA A CB  1 
HETATM 864  N  N   . MSE A 1 121 ? -10.185 -8.142  -1.225  1.00 26.82 ? 379  MSE A N   1 
HETATM 865  C  CA  . MSE A 1 121 ? -10.401 -9.496  -0.715  1.00 27.26 ? 379  MSE A CA  1 
HETATM 866  C  C   . MSE A 1 121 ? -9.808  -9.681  0.675   1.00 26.13 ? 379  MSE A C   1 
HETATM 867  O  O   . MSE A 1 121 ? -9.186  -8.765  1.222   1.00 25.44 ? 379  MSE A O   1 
HETATM 868  C  CB  . MSE A 1 121 ? -9.814  -10.555 -1.677  1.00 30.11 ? 379  MSE A CB  1 
HETATM 869  C  CG  . MSE A 1 121 ? -8.301  -10.511 -1.887  1.00 30.94 ? 379  MSE A CG  1 
HETATM 870  SE SE  . MSE A 1 121 ? -7.536  -12.048 -2.903  1.00 32.36 ? 379  MSE A SE  1 
HETATM 871  C  CE  . MSE A 1 121 ? -7.105  -13.193 -1.403  1.00 33.24 ? 379  MSE A CE  1 
ATOM   872  N  N   . GLY A 1 122 ? -10.017 -10.865 1.243   1.00 25.95 ? 380  GLY A N   1 
ATOM   873  C  CA  . GLY A 1 122 ? -9.493  -11.167 2.564   1.00 28.03 ? 380  GLY A CA  1 
ATOM   874  C  C   . GLY A 1 122 ? -8.919  -12.572 2.633   1.00 30.19 ? 380  GLY A C   1 
ATOM   875  O  O   . GLY A 1 122 ? -9.333  -13.451 1.876   1.00 32.02 ? 380  GLY A O   1 
ATOM   876  N  N   . LYS A 1 123 ? -7.958  -12.783 3.529   1.00 30.59 ? 381  LYS A N   1 
ATOM   877  C  CA  . LYS A 1 123 ? -7.332  -14.096 3.695   1.00 33.17 ? 381  LYS A CA  1 
ATOM   878  C  C   . LYS A 1 123 ? -6.660  -14.233 5.060   1.00 31.53 ? 381  LYS A C   1 
ATOM   879  O  O   . LYS A 1 123 ? -6.290  -13.240 5.682   1.00 28.05 ? 381  LYS A O   1 
ATOM   880  C  CB  . LYS A 1 123 ? -6.287  -14.332 2.599   1.00 35.48 ? 381  LYS A CB  1 
ATOM   881  C  CG  . LYS A 1 123 ? -5.039  -13.464 2.726   1.00 40.75 ? 381  LYS A CG  1 
ATOM   882  C  CD  . LYS A 1 123 ? -4.002  -13.792 1.649   1.00 44.91 ? 381  LYS A CD  1 
ATOM   883  C  CE  . LYS A 1 123 ? -2.737  -12.957 1.828   1.00 46.61 ? 381  LYS A CE  1 
ATOM   884  N  NZ  . LYS A 1 123 ? -1.721  -13.204 0.767   1.00 48.19 ? 381  LYS A NZ  1 
HETATM 885  N  N   . MSE A 1 124 ? -6.498  -15.474 5.515   1.00 33.36 ? 382  MSE A N   1 
HETATM 886  C  CA  . MSE A 1 124 ? -5.851  -15.751 6.797   1.00 33.86 ? 382  MSE A CA  1 
HETATM 887  C  C   . MSE A 1 124 ? -4.413  -16.219 6.577   1.00 34.85 ? 382  MSE A C   1 
HETATM 888  O  O   . MSE A 1 124 ? -4.142  -17.010 5.677   1.00 35.78 ? 382  MSE A O   1 
HETATM 889  C  CB  . MSE A 1 124 ? -6.596  -16.858 7.560   1.00 34.65 ? 382  MSE A CB  1 
HETATM 890  C  CG  . MSE A 1 124 ? -7.982  -16.509 8.073   1.00 31.54 ? 382  MSE A CG  1 
HETATM 891  SE SE  . MSE A 1 124 ? -8.010  -15.193 9.490   1.00 32.34 ? 382  MSE A SE  1 
HETATM 892  C  CE  . MSE A 1 124 ? -6.457  -15.711 10.519  1.00 25.86 ? 382  MSE A CE  1 
ATOM   893  N  N   . VAL A 1 125 ? -3.496  -15.723 7.400   1.00 36.69 ? 383  VAL A N   1 
ATOM   894  C  CA  . VAL A 1 125 ? -2.100  -16.135 7.322   1.00 38.94 ? 383  VAL A CA  1 
ATOM   895  C  C   . VAL A 1 125 ? -1.623  -16.400 8.744   1.00 40.81 ? 383  VAL A C   1 
ATOM   896  O  O   . VAL A 1 125 ? -2.319  -16.078 9.708   1.00 39.71 ? 383  VAL A O   1 
ATOM   897  C  CB  . VAL A 1 125 ? -1.197  -15.056 6.665   1.00 40.05 ? 383  VAL A CB  1 
ATOM   898  C  CG1 . VAL A 1 125 ? -1.696  -14.749 5.261   1.00 37.60 ? 383  VAL A CG1 1 
ATOM   899  C  CG2 . VAL A 1 125 ? -1.160  -13.798 7.520   1.00 38.58 ? 383  VAL A CG2 1 
ATOM   900  N  N   . GLU A 1 126 ? -0.438  -16.986 8.872   1.00 41.34 ? 384  GLU A N   1 
ATOM   901  C  CA  . GLU A 1 126 ? 0.122   -17.308 10.177  1.00 42.88 ? 384  GLU A CA  1 
ATOM   902  C  C   . GLU A 1 126 ? 0.204   -16.090 11.101  1.00 42.50 ? 384  GLU A C   1 
ATOM   903  O  O   . GLU A 1 126 ? -0.055  -16.198 12.303  1.00 42.80 ? 384  GLU A O   1 
ATOM   904  C  CB  . GLU A 1 126 ? 1.513   -17.930 9.996   1.00 47.24 ? 384  GLU A CB  1 
ATOM   905  C  CG  . GLU A 1 126 ? 2.088   -18.614 11.231  1.00 51.59 ? 384  GLU A CG  1 
ATOM   906  C  CD  . GLU A 1 126 ? 2.417   -17.644 12.347  1.00 54.60 ? 384  GLU A CD  1 
ATOM   907  O  OE1 . GLU A 1 126 ? 3.198   -16.696 12.104  1.00 56.65 ? 384  GLU A OE1 1 
ATOM   908  O  OE2 . GLU A 1 126 ? 1.898   -17.830 13.468  1.00 57.71 ? 384  GLU A OE2 1 
ATOM   909  N  N   . GLN A 1 127 ? 0.555   -14.931 10.548  1.00 41.17 ? 385  GLN A N   1 
ATOM   910  C  CA  . GLN A 1 127 ? 0.676   -13.721 11.360  1.00 39.96 ? 385  GLN A CA  1 
ATOM   911  C  C   . GLN A 1 127 ? -0.661  -13.106 11.768  1.00 37.62 ? 385  GLN A C   1 
ATOM   912  O  O   . GLN A 1 127 ? -0.709  -12.251 12.656  1.00 38.31 ? 385  GLN A O   1 
ATOM   913  C  CB  . GLN A 1 127 ? 1.524   -12.668 10.638  1.00 41.44 ? 385  GLN A CB  1 
ATOM   914  C  CG  . GLN A 1 127 ? 2.952   -13.110 10.356  1.00 44.04 ? 385  GLN A CG  1 
ATOM   915  C  CD  . GLN A 1 127 ? 3.126   -13.678 8.962   1.00 44.57 ? 385  GLN A CD  1 
ATOM   916  O  OE1 . GLN A 1 127 ? 2.330   -14.500 8.508   1.00 45.74 ? 385  GLN A OE1 1 
ATOM   917  N  NE2 . GLN A 1 127 ? 4.177   -13.246 8.276   1.00 46.51 ? 385  GLN A NE2 1 
ATOM   918  N  N   . GLY A 1 128 ? -1.742  -13.534 11.121  1.00 36.26 ? 386  GLY A N   1 
ATOM   919  C  CA  . GLY A 1 128 ? -3.052  -13.003 11.460  1.00 32.03 ? 386  GLY A CA  1 
ATOM   920  C  C   . GLY A 1 128 ? -3.987  -12.812 10.278  1.00 28.78 ? 386  GLY A C   1 
ATOM   921  O  O   . GLY A 1 128 ? -3.719  -13.302 9.178   1.00 27.26 ? 386  GLY A O   1 
ATOM   922  N  N   . PRO A 1 129 ? -5.118  -12.117 10.489  1.00 26.33 ? 387  PRO A N   1 
ATOM   923  C  CA  . PRO A 1 129 ? -6.092  -11.865 9.425   1.00 24.04 ? 387  PRO A CA  1 
ATOM   924  C  C   . PRO A 1 129 ? -5.561  -10.811 8.460   1.00 23.25 ? 387  PRO A C   1 
ATOM   925  O  O   . PRO A 1 129 ? -4.964  -9.824  8.881   1.00 22.78 ? 387  PRO A O   1 
ATOM   926  C  CB  . PRO A 1 129 ? -7.325  -11.392 10.189  1.00 24.38 ? 387  PRO A CB  1 
ATOM   927  C  CG  . PRO A 1 129 ? -6.735  -10.697 11.370  1.00 26.39 ? 387  PRO A CG  1 
ATOM   928  C  CD  . PRO A 1 129 ? -5.623  -11.631 11.787  1.00 25.59 ? 387  PRO A CD  1 
ATOM   929  N  N   . VAL A 1 130 ? -5.782  -11.027 7.167   1.00 22.07 ? 388  VAL A N   1 
ATOM   930  C  CA  . VAL A 1 130 ? -5.306  -10.095 6.147   1.00 21.08 ? 388  VAL A CA  1 
ATOM   931  C  C   . VAL A 1 130 ? -6.431  -9.497  5.307   1.00 20.51 ? 388  VAL A C   1 
ATOM   932  O  O   . VAL A 1 130 ? -7.341  -10.203 4.875   1.00 19.39 ? 388  VAL A O   1 
ATOM   933  C  CB  . VAL A 1 130 ? -4.317  -10.790 5.179   1.00 23.47 ? 388  VAL A CB  1 
ATOM   934  C  CG1 . VAL A 1 130 ? -3.935  -9.843  4.051   1.00 23.61 ? 388  VAL A CG1 1 
ATOM   935  C  CG2 . VAL A 1 130 ? -3.075  -11.247 5.935   1.00 22.82 ? 388  VAL A CG2 1 
ATOM   936  N  N   . LEU A 1 131 ? -6.353  -8.189  5.094   1.00 19.62 ? 389  LEU A N   1 
ATOM   937  C  CA  . LEU A 1 131 ? -7.317  -7.464  4.273   1.00 20.20 ? 389  LEU A CA  1 
ATOM   938  C  C   . LEU A 1 131 ? -6.491  -6.889  3.113   1.00 20.69 ? 389  LEU A C   1 
ATOM   939  O  O   . LEU A 1 131 ? -5.491  -6.205  3.335   1.00 19.80 ? 389  LEU A O   1 
ATOM   940  C  CB  . LEU A 1 131 ? -7.963  -6.334  5.091   1.00 20.88 ? 389  LEU A CB  1 
ATOM   941  C  CG  . LEU A 1 131 ? -9.449  -6.395  5.486   1.00 27.22 ? 389  LEU A CG  1 
ATOM   942  C  CD1 . LEU A 1 131 ? -9.930  -7.820  5.662   1.00 21.68 ? 389  LEU A CD1 1 
ATOM   943  C  CD2 . LEU A 1 131 ? -9.664  -5.583  6.759   1.00 23.75 ? 389  LEU A CD2 1 
ATOM   944  N  N   . ILE A 1 132 ? -6.895  -7.190  1.884   1.00 19.71 ? 390  ILE A N   1 
ATOM   945  C  CA  . ILE A 1 132 ? -6.183  -6.708  0.706   1.00 19.84 ? 390  ILE A CA  1 
ATOM   946  C  C   . ILE A 1 132 ? -6.928  -5.536  0.073   1.00 19.67 ? 390  ILE A C   1 
ATOM   947  O  O   . ILE A 1 132 ? -8.076  -5.668  -0.347  1.00 19.79 ? 390  ILE A O   1 
ATOM   948  C  CB  . ILE A 1 132 ? -6.004  -7.847  -0.323  1.00 21.12 ? 390  ILE A CB  1 
ATOM   949  C  CG1 . ILE A 1 132 ? -5.093  -8.929  0.284   1.00 24.03 ? 390  ILE A CG1 1 
ATOM   950  C  CG2 . ILE A 1 132 ? -5.429  -7.302  -1.627  1.00 20.52 ? 390  ILE A CG2 1 
ATOM   951  C  CD1 . ILE A 1 132 ? -4.834  -10.114 -0.611  1.00 29.90 ? 390  ILE A CD1 1 
ATOM   952  N  N   . ILE A 1 133 ? -6.269  -4.384  0.017   1.00 19.13 ? 391  ILE A N   1 
ATOM   953  C  CA  . ILE A 1 133 ? -6.879  -3.190  -0.556  1.00 21.16 ? 391  ILE A CA  1 
ATOM   954  C  C   . ILE A 1 133 ? -6.161  -2.775  -1.832  1.00 22.75 ? 391  ILE A C   1 
ATOM   955  O  O   . ILE A 1 133 ? -5.076  -3.275  -2.138  1.00 20.46 ? 391  ILE A O   1 
ATOM   956  C  CB  . ILE A 1 133 ? -6.809  -1.992  0.425   1.00 20.64 ? 391  ILE A CB  1 
ATOM   957  C  CG1 . ILE A 1 133 ? -5.345  -1.614  0.681   1.00 21.08 ? 391  ILE A CG1 1 
ATOM   958  C  CG2 . ILE A 1 133 ? -7.479  -2.351  1.747   1.00 21.83 ? 391  ILE A CG2 1 
ATOM   959  C  CD1 . ILE A 1 133 ? -5.159  -0.277  1.388   1.00 22.52 ? 391  ILE A CD1 1 
ATOM   960  N  N   . THR A 1 134 ? -6.780  -1.862  -2.578  1.00 23.58 ? 392  THR A N   1 
ATOM   961  C  CA  . THR A 1 134 ? -6.177  -1.332  -3.795  1.00 23.54 ? 392  THR A CA  1 
ATOM   962  C  C   . THR A 1 134 ? -6.429  0.172   -3.807  1.00 25.42 ? 392  THR A C   1 
ATOM   963  O  O   . THR A 1 134 ? -7.329  0.668   -3.121  1.00 24.90 ? 392  THR A O   1 
ATOM   964  C  CB  . THR A 1 134 ? -6.791  -1.931  -5.085  1.00 25.21 ? 392  THR A CB  1 
ATOM   965  O  OG1 . THR A 1 134 ? -8.136  -1.464  -5.246  1.00 28.04 ? 392  THR A OG1 1 
ATOM   966  C  CG2 . THR A 1 134 ? -6.792  -3.451  -5.028  1.00 28.75 ? 392  THR A CG2 1 
ATOM   967  N  N   . PHE A 1 135 ? -5.614  0.895   -4.563  1.00 23.60 ? 393  PHE A N   1 
ATOM   968  C  CA  . PHE A 1 135 ? -5.767  2.336   -4.693  1.00 24.62 ? 393  PHE A CA  1 
ATOM   969  C  C   . PHE A 1 135 ? -4.931  2.800   -5.875  1.00 25.31 ? 393  PHE A C   1 
ATOM   970  O  O   . PHE A 1 135 ? -4.062  2.070   -6.350  1.00 23.77 ? 393  PHE A O   1 
ATOM   971  C  CB  . PHE A 1 135 ? -5.338  3.050   -3.399  1.00 23.40 ? 393  PHE A CB  1 
ATOM   972  C  CG  . PHE A 1 135 ? -3.859  2.975   -3.102  1.00 24.16 ? 393  PHE A CG  1 
ATOM   973  C  CD1 . PHE A 1 135 ? -2.978  3.913   -3.637  1.00 21.26 ? 393  PHE A CD1 1 
ATOM   974  C  CD2 . PHE A 1 135 ? -3.353  1.985   -2.261  1.00 24.13 ? 393  PHE A CD2 1 
ATOM   975  C  CE1 . PHE A 1 135 ? -1.615  3.872   -3.336  1.00 23.78 ? 393  PHE A CE1 1 
ATOM   976  C  CE2 . PHE A 1 135 ? -1.989  1.933   -1.951  1.00 23.27 ? 393  PHE A CE2 1 
ATOM   977  C  CZ  . PHE A 1 135 ? -1.117  2.876   -2.487  1.00 24.10 ? 393  PHE A CZ  1 
ATOM   978  N  N   . GLN A 1 136 ? -5.215  4.003   -6.364  1.00 24.87 ? 394  GLN A N   1 
ATOM   979  C  CA  . GLN A 1 136 ? -4.470  4.567   -7.478  1.00 24.23 ? 394  GLN A CA  1 
ATOM   980  C  C   . GLN A 1 136 ? -3.704  5.776   -6.960  1.00 25.81 ? 394  GLN A C   1 
ATOM   981  O  O   . GLN A 1 136 ? -4.187  6.498   -6.087  1.00 25.40 ? 394  GLN A O   1 
ATOM   982  C  CB  . GLN A 1 136 ? -5.418  4.988   -8.604  1.00 26.15 ? 394  GLN A CB  1 
ATOM   983  C  CG  . GLN A 1 136 ? -6.076  3.820   -9.318  1.00 28.89 ? 394  GLN A CG  1 
ATOM   984  C  CD  . GLN A 1 136 ? -6.958  4.262   -10.471 1.00 30.43 ? 394  GLN A CD  1 
ATOM   985  O  OE1 . GLN A 1 136 ? -6.525  5.016   -11.343 1.00 31.63 ? 394  GLN A OE1 1 
ATOM   986  N  NE2 . GLN A 1 136 ? -8.199  3.787   -10.486 1.00 29.42 ? 394  GLN A NE2 1 
ATOM   987  N  N   . ALA A 1 137 ? -2.505  5.992   -7.486  1.00 25.38 ? 395  ALA A N   1 
ATOM   988  C  CA  . ALA A 1 137 ? -1.695  7.118   -7.048  1.00 27.10 ? 395  ALA A CA  1 
ATOM   989  C  C   . ALA A 1 137 ? -0.861  7.707   -8.176  1.00 28.29 ? 395  ALA A C   1 
ATOM   990  O  O   . ALA A 1 137 ? -0.426  6.994   -9.081  1.00 29.84 ? 395  ALA A O   1 
ATOM   991  C  CB  . ALA A 1 137 ? -0.781  6.682   -5.908  1.00 25.88 ? 395  ALA A CB  1 
ATOM   992  N  N   . GLN A 1 138 ? -0.660  9.018   -8.124  1.00 27.49 ? 396  GLN A N   1 
ATOM   993  C  CA  . GLN A 1 138 ? 0.162   9.711   -9.107  1.00 28.13 ? 396  GLN A CA  1 
ATOM   994  C  C   . GLN A 1 138 ? 1.446   10.083  -8.375  1.00 27.63 ? 396  GLN A C   1 
ATOM   995  O  O   . GLN A 1 138 ? 1.405   10.717  -7.315  1.00 27.82 ? 396  GLN A O   1 
ATOM   996  C  CB  . GLN A 1 138 ? -0.563  10.950  -9.637  1.00 29.53 ? 396  GLN A CB  1 
ATOM   997  C  CG  . GLN A 1 138 ? -1.628  10.619  -10.675 1.00 32.56 ? 396  GLN A CG  1 
ATOM   998  C  CD  . GLN A 1 138 ? -2.351  11.849  -11.202 1.00 35.39 ? 396  GLN A CD  1 
ATOM   999  O  OE1 . GLN A 1 138 ? -3.198  12.425  -10.519 1.00 37.86 ? 396  GLN A OE1 1 
ATOM   1000 N  NE2 . GLN A 1 138 ? -2.014  12.258  -12.420 1.00 35.43 ? 396  GLN A NE2 1 
ATOM   1001 N  N   . LEU A 1 139 ? 2.581   9.673   -8.938  1.00 27.09 ? 397  LEU A N   1 
ATOM   1002 C  CA  . LEU A 1 139 ? 3.890   9.902   -8.335  1.00 28.60 ? 397  LEU A CA  1 
ATOM   1003 C  C   . LEU A 1 139 ? 4.924   10.488  -9.284  1.00 27.15 ? 397  LEU A C   1 
ATOM   1004 O  O   . LEU A 1 139 ? 4.842   10.315  -10.497 1.00 28.31 ? 397  LEU A O   1 
ATOM   1005 C  CB  . LEU A 1 139 ? 4.463   8.578   -7.813  1.00 31.92 ? 397  LEU A CB  1 
ATOM   1006 C  CG  . LEU A 1 139 ? 3.737   7.751   -6.758  1.00 34.33 ? 397  LEU A CG  1 
ATOM   1007 C  CD1 . LEU A 1 139 ? 4.456   6.421   -6.582  1.00 35.85 ? 397  LEU A CD1 1 
ATOM   1008 C  CD2 . LEU A 1 139 ? 3.702   8.513   -5.447  1.00 38.21 ? 397  LEU A CD2 1 
ATOM   1009 N  N   . VAL A 1 140 ? 5.913   11.159  -8.706  1.00 27.54 ? 398  VAL A N   1 
ATOM   1010 C  CA  . VAL A 1 140 ? 7.020   11.740  -9.460  1.00 29.84 ? 398  VAL A CA  1 
ATOM   1011 C  C   . VAL A 1 140 ? 8.273   11.129  -8.848  1.00 30.26 ? 398  VAL A C   1 
ATOM   1012 O  O   . VAL A 1 140 ? 8.685   11.504  -7.750  1.00 30.65 ? 398  VAL A O   1 
ATOM   1013 C  CB  . VAL A 1 140 ? 7.070   13.278  -9.320  1.00 30.80 ? 398  VAL A CB  1 
ATOM   1014 C  CG1 . VAL A 1 140 ? 8.305   13.830  -10.029 1.00 34.15 ? 398  VAL A CG1 1 
ATOM   1015 C  CG2 . VAL A 1 140 ? 5.814   13.892  -9.918  1.00 31.84 ? 398  VAL A CG2 1 
HETATM 1016 N  N   . MSE A 1 141 ? 8.862   10.167  -9.554  1.00 31.18 ? 399  MSE A N   1 
HETATM 1017 C  CA  . MSE A 1 141 ? 10.052  9.474   -9.069  1.00 32.67 ? 399  MSE A CA  1 
HETATM 1018 C  C   . MSE A 1 141 ? 11.342  10.086  -9.597  1.00 34.22 ? 399  MSE A C   1 
HETATM 1019 O  O   . MSE A 1 141 ? 11.464  10.368  -10.788 1.00 35.64 ? 399  MSE A O   1 
HETATM 1020 C  CB  . MSE A 1 141 ? 10.009  7.997   -9.480  1.00 33.90 ? 399  MSE A CB  1 
HETATM 1021 C  CG  . MSE A 1 141 ? 8.761   7.246   -9.044  1.00 35.44 ? 399  MSE A CG  1 
HETATM 1022 SE SE  . MSE A 1 141 ? 8.529   7.234   -7.129  1.00 36.98 ? 399  MSE A SE  1 
HETATM 1023 C  CE  . MSE A 1 141 ? 10.164  6.317   -6.635  1.00 37.23 ? 399  MSE A CE  1 
ATOM   1024 N  N   . VAL A 1 142 ? 12.305  10.278  -8.702  1.00 34.31 ? 400  VAL A N   1 
ATOM   1025 C  CA  . VAL A 1 142 ? 13.595  10.839  -9.079  1.00 35.95 ? 400  VAL A CA  1 
ATOM   1026 C  C   . VAL A 1 142 ? 14.645  10.667  -7.988  1.00 35.24 ? 400  VAL A C   1 
ATOM   1027 O  O   . VAL A 1 142 ? 14.434  11.055  -6.838  1.00 34.98 ? 400  VAL A O   1 
ATOM   1028 C  CB  . VAL A 1 142 ? 13.475  12.346  -9.437  1.00 36.19 ? 400  VAL A CB  1 
ATOM   1029 C  CG1 . VAL A 1 142 ? 12.693  13.083  -8.363  1.00 36.23 ? 400  VAL A CG1 1 
ATOM   1030 C  CG2 . VAL A 1 142 ? 14.862  12.956  -9.593  1.00 36.78 ? 400  VAL A CG2 1 
ATOM   1031 N  N   . VAL A 1 143 ? 15.774  10.070  -8.364  1.00 34.02 ? 401  VAL A N   1 
ATOM   1032 C  CA  . VAL A 1 143 ? 16.896  9.845   -7.459  1.00 34.30 ? 401  VAL A CA  1 
ATOM   1033 C  C   . VAL A 1 143 ? 18.118  10.541  -8.069  1.00 34.55 ? 401  VAL A C   1 
ATOM   1034 O  O   . VAL A 1 143 ? 18.373  10.417  -9.268  1.00 32.97 ? 401  VAL A O   1 
ATOM   1035 C  CB  . VAL A 1 143 ? 17.192  8.329   -7.294  1.00 36.25 ? 401  VAL A CB  1 
ATOM   1036 C  CG1 . VAL A 1 143 ? 18.409  8.124   -6.397  1.00 35.63 ? 401  VAL A CG1 1 
ATOM   1037 C  CG2 . VAL A 1 143 ? 15.978  7.624   -6.697  1.00 36.33 ? 401  VAL A CG2 1 
ATOM   1038 N  N   . ARG A 1 144 ? 18.861  11.272  -7.244  1.00 34.83 ? 402  ARG A N   1 
ATOM   1039 C  CA  . ARG A 1 144 ? 20.035  12.010  -7.709  1.00 36.96 ? 402  ARG A CA  1 
ATOM   1040 C  C   . ARG A 1 144 ? 21.312  11.627  -6.963  1.00 38.06 ? 402  ARG A C   1 
ATOM   1041 O  O   . ARG A 1 144 ? 21.264  11.166  -5.823  1.00 36.89 ? 402  ARG A O   1 
ATOM   1042 C  CB  . ARG A 1 144 ? 19.804  13.517  -7.538  1.00 36.68 ? 402  ARG A CB  1 
ATOM   1043 C  CG  . ARG A 1 144 ? 18.631  14.090  -8.321  1.00 37.63 ? 402  ARG A CG  1 
ATOM   1044 C  CD  . ARG A 1 144 ? 18.368  15.537  -7.909  1.00 40.03 ? 402  ARG A CD  1 
ATOM   1045 N  NE  . ARG A 1 144 ? 17.215  16.116  -8.596  1.00 41.57 ? 402  ARG A NE  1 
ATOM   1046 C  CZ  . ARG A 1 144 ? 17.226  16.539  -9.855  1.00 42.10 ? 402  ARG A CZ  1 
ATOM   1047 N  NH1 . ARG A 1 144 ? 18.335  16.452  -10.577 1.00 45.51 ? 402  ARG A NH1 1 
ATOM   1048 N  NH2 . ARG A 1 144 ? 16.127  17.047  -10.396 1.00 42.43 ? 402  ARG A NH2 1 
ATOM   1049 N  N   . ASN A 1 145 ? 22.458  11.826  -7.612  1.00 40.19 ? 403  ASN A N   1 
ATOM   1050 C  CA  . ASN A 1 145 ? 23.742  11.525  -6.990  1.00 42.53 ? 403  ASN A CA  1 
ATOM   1051 C  C   . ASN A 1 145 ? 24.243  12.794  -6.302  1.00 44.43 ? 403  ASN A C   1 
ATOM   1052 O  O   . ASN A 1 145 ? 23.634  13.857  -6.435  1.00 43.53 ? 403  ASN A O   1 
ATOM   1053 C  CB  . ASN A 1 145 ? 24.758  11.046  -8.039  1.00 43.72 ? 403  ASN A CB  1 
ATOM   1054 C  CG  . ASN A 1 145 ? 25.010  12.070  -9.131  1.00 44.34 ? 403  ASN A CG  1 
ATOM   1055 O  OD1 . ASN A 1 145 ? 25.093  13.270  -8.868  1.00 43.65 ? 403  ASN A OD1 1 
ATOM   1056 N  ND2 . ASN A 1 145 ? 25.152  11.595  -10.364 1.00 45.84 ? 403  ASN A ND2 1 
ATOM   1057 N  N   . PRO A 1 146 ? 25.353  12.702  -5.547  1.00 46.15 ? 404  PRO A N   1 
ATOM   1058 C  CA  . PRO A 1 146 ? 25.907  13.867  -4.848  1.00 47.50 ? 404  PRO A CA  1 
ATOM   1059 C  C   . PRO A 1 146 ? 26.121  15.095  -5.735  1.00 48.54 ? 404  PRO A C   1 
ATOM   1060 O  O   . PRO A 1 146 ? 26.135  16.224  -5.244  1.00 49.61 ? 404  PRO A O   1 
ATOM   1061 C  CB  . PRO A 1 146 ? 27.213  13.329  -4.273  1.00 47.59 ? 404  PRO A CB  1 
ATOM   1062 C  CG  . PRO A 1 146 ? 26.867  11.910  -3.965  1.00 46.93 ? 404  PRO A CG  1 
ATOM   1063 C  CD  . PRO A 1 146 ? 26.116  11.485  -5.210  1.00 46.52 ? 404  PRO A CD  1 
ATOM   1064 N  N   . LYS A 1 147 ? 26.286  14.873  -7.034  1.00 49.83 ? 405  LYS A N   1 
ATOM   1065 C  CA  . LYS A 1 147 ? 26.494  15.968  -7.980  1.00 51.68 ? 405  LYS A CA  1 
ATOM   1066 C  C   . LYS A 1 147 ? 25.190  16.669  -8.348  1.00 51.09 ? 405  LYS A C   1 
ATOM   1067 O  O   . LYS A 1 147 ? 25.205  17.748  -8.942  1.00 51.25 ? 405  LYS A O   1 
ATOM   1068 C  CB  . LYS A 1 147 ? 27.155  15.455  -9.263  1.00 53.24 ? 405  LYS A CB  1 
ATOM   1069 C  CG  . LYS A 1 147 ? 28.667  15.333  -9.199  1.00 56.73 ? 405  LYS A CG  1 
ATOM   1070 C  CD  . LYS A 1 147 ? 29.218  14.871  -10.544 1.00 59.38 ? 405  LYS A CD  1 
ATOM   1071 C  CE  . LYS A 1 147 ? 30.729  15.020  -10.610 1.00 61.58 ? 405  LYS A CE  1 
ATOM   1072 N  NZ  . LYS A 1 147 ? 31.143  16.448  -10.498 1.00 62.61 ? 405  LYS A NZ  1 
ATOM   1073 N  N   . GLY A 1 148 ? 24.067  16.051  -8.003  1.00 49.82 ? 406  GLY A N   1 
ATOM   1074 C  CA  . GLY A 1 148 ? 22.779  16.639  -8.320  1.00 49.01 ? 406  GLY A CA  1 
ATOM   1075 C  C   . GLY A 1 148 ? 22.227  16.104  -9.625  1.00 47.95 ? 406  GLY A C   1 
ATOM   1076 O  O   . GLY A 1 148 ? 21.173  16.536  -10.090 1.00 47.90 ? 406  GLY A O   1 
ATOM   1077 N  N   . GLU A 1 149 ? 22.944  15.155  -10.218 1.00 47.59 ? 407  GLU A N   1 
ATOM   1078 C  CA  . GLU A 1 149 ? 22.528  14.551  -11.477 1.00 47.38 ? 407  GLU A CA  1 
ATOM   1079 C  C   . GLU A 1 149 ? 21.506  13.444  -11.230 1.00 46.14 ? 407  GLU A C   1 
ATOM   1080 O  O   . GLU A 1 149 ? 21.579  12.736  -10.226 1.00 45.14 ? 407  GLU A O   1 
ATOM   1081 C  CB  . GLU A 1 149 ? 23.742  13.967  -12.201 1.00 50.20 ? 407  GLU A CB  1 
ATOM   1082 C  CG  . GLU A 1 149 ? 24.869  14.961  -12.433 1.00 53.79 ? 407  GLU A CG  1 
ATOM   1083 C  CD  . GLU A 1 149 ? 26.107  14.309  -13.022 1.00 55.48 ? 407  GLU A CD  1 
ATOM   1084 O  OE1 . GLU A 1 149 ? 26.671  13.404  -12.369 1.00 56.48 ? 407  GLU A OE1 1 
ATOM   1085 O  OE2 . GLU A 1 149 ? 26.515  14.698  -14.137 1.00 56.64 ? 407  GLU A OE2 1 
ATOM   1086 N  N   . VAL A 1 150 ? 20.559  13.300  -12.148 1.00 45.11 ? 408  VAL A N   1 
ATOM   1087 C  CA  . VAL A 1 150 ? 19.531  12.271  -12.040 1.00 45.89 ? 408  VAL A CA  1 
ATOM   1088 C  C   . VAL A 1 150 ? 20.114  10.936  -12.495 1.00 46.88 ? 408  VAL A C   1 
ATOM   1089 O  O   . VAL A 1 150 ? 20.630  10.825  -13.608 1.00 47.47 ? 408  VAL A O   1 
ATOM   1090 C  CB  . VAL A 1 150 ? 18.306  12.608  -12.919 1.00 45.62 ? 408  VAL A CB  1 
ATOM   1091 C  CG1 . VAL A 1 150 ? 17.297  11.473  -12.870 1.00 46.21 ? 408  VAL A CG1 1 
ATOM   1092 C  CG2 . VAL A 1 150 ? 17.665  13.902  -12.442 1.00 45.71 ? 408  VAL A CG2 1 
ATOM   1093 N  N   . VAL A 1 151 ? 20.039  9.928   -11.632 1.00 45.90 ? 409  VAL A N   1 
ATOM   1094 C  CA  . VAL A 1 151 ? 20.562  8.607   -11.958 1.00 45.66 ? 409  VAL A CA  1 
ATOM   1095 C  C   . VAL A 1 151 ? 19.452  7.562   -11.970 1.00 46.03 ? 409  VAL A C   1 
ATOM   1096 O  O   . VAL A 1 151 ? 19.687  6.391   -12.271 1.00 46.37 ? 409  VAL A O   1 
ATOM   1097 C  CB  . VAL A 1 151 ? 21.643  8.167   -10.944 1.00 45.55 ? 409  VAL A CB  1 
ATOM   1098 C  CG1 . VAL A 1 151 ? 22.802  9.149   -10.963 1.00 45.67 ? 409  VAL A CG1 1 
ATOM   1099 C  CG2 . VAL A 1 151 ? 21.046  8.078   -9.550  1.00 45.20 ? 409  VAL A CG2 1 
ATOM   1100 N  N   . GLU A 1 152 ? 18.238  7.992   -11.647 1.00 44.78 ? 410  GLU A N   1 
ATOM   1101 C  CA  . GLU A 1 152 ? 17.099  7.090   -11.613 1.00 45.22 ? 410  GLU A CA  1 
ATOM   1102 C  C   . GLU A 1 152 ? 15.803  7.894   -11.634 1.00 43.88 ? 410  GLU A C   1 
ATOM   1103 O  O   . GLU A 1 152 ? 15.686  8.911   -10.952 1.00 43.67 ? 410  GLU A O   1 
ATOM   1104 C  CB  . GLU A 1 152 ? 17.169  6.235   -10.349 1.00 46.99 ? 410  GLU A CB  1 
ATOM   1105 C  CG  . GLU A 1 152 ? 16.277  5.017   -10.351 1.00 50.77 ? 410  GLU A CG  1 
ATOM   1106 C  CD  . GLU A 1 152 ? 16.388  4.230   -9.060  1.00 53.96 ? 410  GLU A CD  1 
ATOM   1107 O  OE1 . GLU A 1 152 ? 17.528  3.927   -8.645  1.00 55.43 ? 410  GLU A OE1 1 
ATOM   1108 O  OE2 . GLU A 1 152 ? 15.339  3.913   -8.461  1.00 55.78 ? 410  GLU A OE2 1 
ATOM   1109 N  N   . GLY A 1 153 ? 14.836  7.443   -12.425 1.00 42.55 ? 411  GLY A N   1 
ATOM   1110 C  CA  . GLY A 1 153 ? 13.566  8.141   -12.507 1.00 41.83 ? 411  GLY A CA  1 
ATOM   1111 C  C   . GLY A 1 153 ? 13.553  9.279   -13.510 1.00 41.38 ? 411  GLY A C   1 
ATOM   1112 O  O   . GLY A 1 153 ? 14.378  9.326   -14.421 1.00 40.93 ? 411  GLY A O   1 
ATOM   1113 N  N   . ASP A 1 154 ? 12.613  10.202  -13.336 1.00 40.20 ? 412  ASP A N   1 
ATOM   1114 C  CA  . ASP A 1 154 ? 12.464  11.353  -14.226 1.00 39.69 ? 412  ASP A CA  1 
ATOM   1115 C  C   . ASP A 1 154 ? 11.707  12.450  -13.473 1.00 38.19 ? 412  ASP A C   1 
ATOM   1116 O  O   . ASP A 1 154 ? 10.500  12.347  -13.264 1.00 36.37 ? 412  ASP A O   1 
ATOM   1117 C  CB  . ASP A 1 154 ? 11.671  10.946  -15.470 1.00 40.45 ? 412  ASP A CB  1 
ATOM   1118 C  CG  . ASP A 1 154 ? 11.640  12.032  -16.530 1.00 42.49 ? 412  ASP A CG  1 
ATOM   1119 O  OD1 . ASP A 1 154 ? 11.618  13.228  -16.168 1.00 41.60 ? 412  ASP A OD1 1 
ATOM   1120 O  OD2 . ASP A 1 154 ? 11.623  11.684  -17.731 1.00 43.92 ? 412  ASP A OD2 1 
ATOM   1121 N  N   . PRO A 1 155 ? 12.407  13.522  -13.070 1.00 37.83 ? 413  PRO A N   1 
ATOM   1122 C  CA  . PRO A 1 155 ? 11.795  14.636  -12.333 1.00 37.63 ? 413  PRO A CA  1 
ATOM   1123 C  C   . PRO A 1 155 ? 10.674  15.402  -13.044 1.00 37.49 ? 413  PRO A C   1 
ATOM   1124 O  O   . PRO A 1 155 ? 9.956   16.177  -12.409 1.00 36.56 ? 413  PRO A O   1 
ATOM   1125 C  CB  . PRO A 1 155 ? 12.990  15.531  -12.013 1.00 37.95 ? 413  PRO A CB  1 
ATOM   1126 C  CG  . PRO A 1 155 ? 13.892  15.309  -13.193 1.00 37.74 ? 413  PRO A CG  1 
ATOM   1127 C  CD  . PRO A 1 155 ? 13.826  13.804  -13.354 1.00 38.31 ? 413  PRO A CD  1 
ATOM   1128 N  N   . ASP A 1 156 ? 10.516  15.186  -14.348 1.00 37.93 ? 414  ASP A N   1 
ATOM   1129 C  CA  . ASP A 1 156 ? 9.486   15.890  -15.108 1.00 38.27 ? 414  ASP A CA  1 
ATOM   1130 C  C   . ASP A 1 156 ? 8.323   15.010  -15.559 1.00 37.96 ? 414  ASP A C   1 
ATOM   1131 O  O   . ASP A 1 156 ? 7.431   15.478  -16.269 1.00 36.92 ? 414  ASP A O   1 
ATOM   1132 C  CB  . ASP A 1 156 ? 10.105  16.552  -16.342 1.00 42.40 ? 414  ASP A CB  1 
ATOM   1133 C  CG  . ASP A 1 156 ? 11.323  17.391  -16.009 1.00 44.65 ? 414  ASP A CG  1 
ATOM   1134 O  OD1 . ASP A 1 156 ? 11.234  18.246  -15.102 1.00 46.49 ? 414  ASP A OD1 1 
ATOM   1135 O  OD2 . ASP A 1 156 ? 12.369  17.194  -16.662 1.00 47.02 ? 414  ASP A OD2 1 
ATOM   1136 N  N   . LYS A 1 157 ? 8.324   13.745  -15.151 1.00 37.39 ? 415  LYS A N   1 
ATOM   1137 C  CA  . LYS A 1 157 ? 7.266   12.824  -15.554 1.00 36.74 ? 415  LYS A CA  1 
ATOM   1138 C  C   . LYS A 1 157 ? 6.387   12.342  -14.400 1.00 35.42 ? 415  LYS A C   1 
ATOM   1139 O  O   . LYS A 1 157 ? 6.886   11.976  -13.338 1.00 35.26 ? 415  LYS A O   1 
ATOM   1140 C  CB  . LYS A 1 157 ? 7.873   11.609  -16.264 1.00 39.65 ? 415  LYS A CB  1 
ATOM   1141 C  CG  . LYS A 1 157 ? 6.841   10.587  -16.730 1.00 43.90 ? 415  LYS A CG  1 
ATOM   1142 C  CD  . LYS A 1 157 ? 7.495   9.301   -17.219 1.00 46.93 ? 415  LYS A CD  1 
ATOM   1143 C  CE  . LYS A 1 157 ? 6.443   8.265   -17.601 1.00 49.51 ? 415  LYS A CE  1 
ATOM   1144 N  NZ  . LYS A 1 157 ? 7.042   6.941   -17.944 1.00 50.29 ? 415  LYS A NZ  1 
ATOM   1145 N  N   . VAL A 1 158 ? 5.076   12.336  -14.625 1.00 34.16 ? 416  VAL A N   1 
ATOM   1146 C  CA  . VAL A 1 158 ? 4.118   11.881  -13.620 1.00 34.50 ? 416  VAL A CA  1 
ATOM   1147 C  C   . VAL A 1 158 ? 3.728   10.432  -13.908 1.00 34.19 ? 416  VAL A C   1 
ATOM   1148 O  O   . VAL A 1 158 ? 3.244   10.124  -14.998 1.00 34.03 ? 416  VAL A O   1 
ATOM   1149 C  CB  . VAL A 1 158 ? 2.826   12.728  -13.642 1.00 34.81 ? 416  VAL A CB  1 
ATOM   1150 C  CG1 . VAL A 1 158 ? 1.845   12.208  -12.599 1.00 35.44 ? 416  VAL A CG1 1 
ATOM   1151 C  CG2 . VAL A 1 158 ? 3.153   14.189  -13.387 1.00 36.45 ? 416  VAL A CG2 1 
ATOM   1152 N  N   . LEU A 1 159 ? 3.946   9.549   -12.938 1.00 32.81 ? 417  LEU A N   1 
ATOM   1153 C  CA  . LEU A 1 159 ? 3.596   8.136   -13.098 1.00 33.96 ? 417  LEU A CA  1 
ATOM   1154 C  C   . LEU A 1 159 ? 2.238   7.865   -12.453 1.00 33.87 ? 417  LEU A C   1 
ATOM   1155 O  O   . LEU A 1 159 ? 2.005   8.259   -11.310 1.00 33.20 ? 417  LEU A O   1 
ATOM   1156 C  CB  . LEU A 1 159 ? 4.643   7.241   -12.428 1.00 35.34 ? 417  LEU A CB  1 
ATOM   1157 C  CG  . LEU A 1 159 ? 6.102   7.329   -12.877 1.00 37.82 ? 417  LEU A CG  1 
ATOM   1158 C  CD1 . LEU A 1 159 ? 6.950   6.398   -12.020 1.00 39.24 ? 417  LEU A CD1 1 
ATOM   1159 C  CD2 . LEU A 1 159 ? 6.216   6.954   -14.346 1.00 39.90 ? 417  LEU A CD2 1 
ATOM   1160 N  N   . ARG A 1 160 ? 1.341   7.208   -13.186 1.00 32.25 ? 418  ARG A N   1 
ATOM   1161 C  CA  . ARG A 1 160 ? 0.024   6.870   -12.651 1.00 33.53 ? 418  ARG A CA  1 
ATOM   1162 C  C   . ARG A 1 160 ? 0.072   5.376   -12.335 1.00 33.02 ? 418  ARG A C   1 
ATOM   1163 O  O   . ARG A 1 160 ? 0.185   4.543   -13.240 1.00 31.93 ? 418  ARG A O   1 
ATOM   1164 C  CB  . ARG A 1 160 ? -1.077  7.164   -13.675 1.00 36.08 ? 418  ARG A CB  1 
ATOM   1165 C  CG  . ARG A 1 160 ? -2.493  7.069   -13.101 1.00 41.10 ? 418  ARG A CG  1 
ATOM   1166 C  CD  . ARG A 1 160 ? -3.555  7.253   -14.182 1.00 46.27 ? 418  ARG A CD  1 
ATOM   1167 N  NE  . ARG A 1 160 ? -3.565  8.604   -14.743 1.00 49.21 ? 418  ARG A NE  1 
ATOM   1168 C  CZ  . ARG A 1 160 ? -4.067  9.671   -14.127 1.00 51.33 ? 418  ARG A CZ  1 
ATOM   1169 N  NH1 . ARG A 1 160 ? -4.611  9.555   -12.921 1.00 51.35 ? 418  ARG A NH1 1 
ATOM   1170 N  NH2 . ARG A 1 160 ? -4.024  10.858  -14.717 1.00 50.91 ? 418  ARG A NH2 1 
HETATM 1171 N  N   . MSE A 1 161 ? -0.013  5.050   -11.049 1.00 30.23 ? 419  MSE A N   1 
HETATM 1172 C  CA  . MSE A 1 161 ? 0.082   3.667   -10.582 1.00 29.55 ? 419  MSE A CA  1 
HETATM 1173 C  C   . MSE A 1 161 ? -1.200  3.080   -9.993  1.00 27.59 ? 419  MSE A C   1 
HETATM 1174 O  O   . MSE A 1 161 ? -2.075  3.806   -9.518  1.00 26.28 ? 419  MSE A O   1 
HETATM 1175 C  CB  . MSE A 1 161 ? 1.168   3.566   -9.505  1.00 29.74 ? 419  MSE A CB  1 
HETATM 1176 C  CG  . MSE A 1 161 ? 2.512   4.192   -9.851  1.00 33.60 ? 419  MSE A CG  1 
HETATM 1177 SE SE  . MSE A 1 161 ? 3.525   3.134   -11.095 1.00 38.51 ? 419  MSE A SE  1 
HETATM 1178 C  CE  . MSE A 1 161 ? 3.911   1.640   -9.938  1.00 34.62 ? 419  MSE A CE  1 
ATOM   1179 N  N   . LEU A 1 162 ? -1.293  1.753   -10.035 1.00 24.82 ? 420  LEU A N   1 
ATOM   1180 C  CA  . LEU A 1 162 ? -2.416  1.020   -9.447  1.00 23.89 ? 420  LEU A CA  1 
ATOM   1181 C  C   . LEU A 1 162 ? -1.711  0.078   -8.472  1.00 22.55 ? 420  LEU A C   1 
ATOM   1182 O  O   . LEU A 1 162 ? -0.910  -0.759  -8.891  1.00 21.50 ? 420  LEU A O   1 
ATOM   1183 C  CB  . LEU A 1 162 ? -3.175  0.205   -10.504 1.00 28.05 ? 420  LEU A CB  1 
ATOM   1184 C  CG  . LEU A 1 162 ? -4.511  -0.479  -10.141 1.00 31.40 ? 420  LEU A CG  1 
ATOM   1185 C  CD1 . LEU A 1 162 ? -4.358  -1.388  -8.925  1.00 32.04 ? 420  LEU A CD1 1 
ATOM   1186 C  CD2 . LEU A 1 162 ? -5.560  0.573   -9.857  1.00 35.19 ? 420  LEU A CD2 1 
ATOM   1187 N  N   . TYR A 1 163 ? -1.998  0.236   -7.182  1.00 21.25 ? 421  TYR A N   1 
ATOM   1188 C  CA  . TYR A 1 163 ? -1.383  -0.571  -6.128  1.00 20.97 ? 421  TYR A CA  1 
ATOM   1189 C  C   . TYR A 1 163 ? -2.332  -1.587  -5.488  1.00 21.64 ? 421  TYR A C   1 
ATOM   1190 O  O   . TYR A 1 163 ? -3.539  -1.356  -5.399  1.00 19.54 ? 421  TYR A O   1 
ATOM   1191 C  CB  . TYR A 1 163 ? -0.873  0.341   -5.004  1.00 22.01 ? 421  TYR A CB  1 
ATOM   1192 C  CG  . TYR A 1 163 ? 0.446   1.034   -5.259  1.00 23.12 ? 421  TYR A CG  1 
ATOM   1193 C  CD1 . TYR A 1 163 ? 1.654   0.365   -5.071  1.00 23.46 ? 421  TYR A CD1 1 
ATOM   1194 C  CD2 . TYR A 1 163 ? 0.486   2.368   -5.683  1.00 23.87 ? 421  TYR A CD2 1 
ATOM   1195 C  CE1 . TYR A 1 163 ? 2.876   1.007   -5.295  1.00 24.80 ? 421  TYR A CE1 1 
ATOM   1196 C  CE2 . TYR A 1 163 ? 1.701   3.017   -5.912  1.00 24.86 ? 421  TYR A CE2 1 
ATOM   1197 C  CZ  . TYR A 1 163 ? 2.890   2.329   -5.716  1.00 26.07 ? 421  TYR A CZ  1 
ATOM   1198 O  OH  . TYR A 1 163 ? 4.090   2.962   -5.948  1.00 29.31 ? 421  TYR A OH  1 
ATOM   1199 N  N   . VAL A 1 164 ? -1.766  -2.703  -5.031  1.00 20.15 ? 422  VAL A N   1 
ATOM   1200 C  CA  . VAL A 1 164 ? -2.520  -3.736  -4.320  1.00 18.59 ? 422  VAL A CA  1 
ATOM   1201 C  C   . VAL A 1 164 ? -1.680  -3.979  -3.063  1.00 20.00 ? 422  VAL A C   1 
ATOM   1202 O  O   . VAL A 1 164 ? -0.523  -4.387  -3.165  1.00 19.45 ? 422  VAL A O   1 
ATOM   1203 C  CB  . VAL A 1 164 ? -2.628  -5.056  -5.127  1.00 20.35 ? 422  VAL A CB  1 
ATOM   1204 C  CG1 . VAL A 1 164 ? -3.441  -6.081  -4.325  1.00 19.84 ? 422  VAL A CG1 1 
ATOM   1205 C  CG2 . VAL A 1 164 ? -3.292  -4.799  -6.480  1.00 20.24 ? 422  VAL A CG2 1 
ATOM   1206 N  N   . TRP A 1 165 ? -2.253  -3.709  -1.889  1.00 19.76 ? 423  TRP A N   1 
ATOM   1207 C  CA  . TRP A 1 165 ? -1.546  -3.861  -0.612  1.00 20.03 ? 423  TRP A CA  1 
ATOM   1208 C  C   . TRP A 1 165 ? -2.210  -4.875  0.326   1.00 21.37 ? 423  TRP A C   1 
ATOM   1209 O  O   . TRP A 1 165 ? -3.425  -4.849  0.512   1.00 20.36 ? 423  TRP A O   1 
ATOM   1210 C  CB  . TRP A 1 165 ? -1.505  -2.518  0.136   1.00 20.90 ? 423  TRP A CB  1 
ATOM   1211 C  CG  . TRP A 1 165 ? -0.509  -1.493  -0.356  1.00 20.13 ? 423  TRP A CG  1 
ATOM   1212 C  CD1 . TRP A 1 165 ? 0.086   -1.434  -1.585  1.00 19.82 ? 423  TRP A CD1 1 
ATOM   1213 C  CD2 . TRP A 1 165 ? -0.030  -0.353  0.379   1.00 20.14 ? 423  TRP A CD2 1 
ATOM   1214 N  NE1 . TRP A 1 165 ? 0.906   -0.326  -1.662  1.00 20.71 ? 423  TRP A NE1 1 
ATOM   1215 C  CE2 . TRP A 1 165 ? 0.853   0.353   -0.473  1.00 19.80 ? 423  TRP A CE2 1 
ATOM   1216 C  CE3 . TRP A 1 165 ? -0.263  0.139   1.675   1.00 19.60 ? 423  TRP A CE3 1 
ATOM   1217 C  CZ2 . TRP A 1 165 ? 1.508   1.527   -0.071  1.00 20.48 ? 423  TRP A CZ2 1 
ATOM   1218 C  CZ3 . TRP A 1 165 ? 0.387   1.308   2.078   1.00 20.87 ? 423  TRP A CZ3 1 
ATOM   1219 C  CH2 . TRP A 1 165 ? 1.265   1.990   1.202   1.00 22.33 ? 423  TRP A CH2 1 
ATOM   1220 N  N   . ALA A 1 166 ? -1.407  -5.753  0.922   1.00 19.49 ? 424  ALA A N   1 
ATOM   1221 C  CA  . ALA A 1 166 ? -1.924  -6.725  1.877   1.00 20.09 ? 424  ALA A CA  1 
ATOM   1222 C  C   . ALA A 1 166 ? -1.562  -6.193  3.266   1.00 19.82 ? 424  ALA A C   1 
ATOM   1223 O  O   . ALA A 1 166 ? -0.383  -6.014  3.581   1.00 19.73 ? 424  ALA A O   1 
ATOM   1224 C  CB  . ALA A 1 166 ? -1.288  -8.106  1.644   1.00 20.10 ? 424  ALA A CB  1 
ATOM   1225 N  N   . LEU A 1 167 ? -2.577  -5.911  4.076   1.00 19.28 ? 425  LEU A N   1 
ATOM   1226 C  CA  . LEU A 1 167 ? -2.378  -5.398  5.435   1.00 20.66 ? 425  LEU A CA  1 
ATOM   1227 C  C   . LEU A 1 167 ? -2.761  -6.506  6.423   1.00 21.48 ? 425  LEU A C   1 
ATOM   1228 O  O   . LEU A 1 167 ? -3.815  -7.119  6.291   1.00 20.91 ? 425  LEU A O   1 
ATOM   1229 C  CB  . LEU A 1 167 ? -3.251  -4.153  5.663   1.00 20.01 ? 425  LEU A CB  1 
ATOM   1230 C  CG  . LEU A 1 167 ? -2.940  -2.938  4.773   1.00 21.25 ? 425  LEU A CG  1 
ATOM   1231 C  CD1 . LEU A 1 167 ? -4.036  -1.874  4.913   1.00 21.12 ? 425  LEU A CD1 1 
ATOM   1232 C  CD2 . LEU A 1 167 ? -1.583  -2.359  5.166   1.00 20.73 ? 425  LEU A CD2 1 
ATOM   1233 N  N   . CYS A 1 168 ? -1.899  -6.759  7.405   1.00 21.16 ? 426  CYS A N   1 
ATOM   1234 C  CA  . CYS A 1 168 ? -2.133  -7.815  8.388   1.00 21.62 ? 426  CYS A CA  1 
ATOM   1235 C  C   . CYS A 1 168 ? -2.334  -7.216  9.780   1.00 22.23 ? 426  CYS A C   1 
ATOM   1236 O  O   . CYS A 1 168 ? -1.678  -6.240  10.143  1.00 21.40 ? 426  CYS A O   1 
ATOM   1237 C  CB  . CYS A 1 168 ? -0.940  -8.781  8.385   1.00 23.70 ? 426  CYS A CB  1 
ATOM   1238 S  SG  . CYS A 1 168 ? -1.155  -10.322 9.322   1.00 26.67 ? 426  CYS A SG  1 
ATOM   1239 N  N   . ARG A 1 169 ? -3.240  -7.809  10.556  1.00 22.40 ? 427  ARG A N   1 
ATOM   1240 C  CA  . ARG A 1 169 ? -3.543  -7.314  11.897  1.00 23.03 ? 427  ARG A CA  1 
ATOM   1241 C  C   . ARG A 1 169 ? -2.874  -8.093  13.033  1.00 23.56 ? 427  ARG A C   1 
ATOM   1242 O  O   . ARG A 1 169 ? -2.853  -9.323  13.031  1.00 23.83 ? 427  ARG A O   1 
ATOM   1243 C  CB  . ARG A 1 169 ? -5.062  -7.326  12.111  1.00 24.32 ? 427  ARG A CB  1 
ATOM   1244 C  CG  . ARG A 1 169 ? -5.546  -6.488  13.281  1.00 22.18 ? 427  ARG A CG  1 
ATOM   1245 C  CD  . ARG A 1 169 ? -7.065  -6.555  13.430  1.00 25.02 ? 427  ARG A CD  1 
ATOM   1246 N  NE  . ARG A 1 169 ? -7.561  -5.575  14.393  1.00 27.21 ? 427  ARG A NE  1 
ATOM   1247 C  CZ  . ARG A 1 169 ? -7.311  -5.609  15.698  1.00 27.56 ? 427  ARG A CZ  1 
ATOM   1248 N  NH1 . ARG A 1 169 ? -7.803  -4.667  16.492  1.00 28.27 ? 427  ARG A NH1 1 
ATOM   1249 N  NH2 . ARG A 1 169 ? -6.577  -6.585  16.215  1.00 27.18 ? 427  ARG A NH2 1 
ATOM   1250 N  N   . ASP A 1 170 ? -2.334  -7.356  14.001  1.00 24.06 ? 428  ASP A N   1 
ATOM   1251 C  CA  . ASP A 1 170 ? -1.692  -7.940  15.178  1.00 25.82 ? 428  ASP A CA  1 
ATOM   1252 C  C   . ASP A 1 170 ? -2.822  -8.169  16.184  1.00 25.16 ? 428  ASP A C   1 
ATOM   1253 O  O   . ASP A 1 170 ? -3.308  -7.223  16.804  1.00 25.40 ? 428  ASP A O   1 
ATOM   1254 C  CB  . ASP A 1 170 ? -0.663  -6.957  15.750  1.00 28.04 ? 428  ASP A CB  1 
ATOM   1255 C  CG  . ASP A 1 170 ? -0.075  -7.419  17.079  1.00 32.23 ? 428  ASP A CG  1 
ATOM   1256 O  OD1 . ASP A 1 170 ? 0.687   -6.639  17.692  1.00 32.33 ? 428  ASP A OD1 1 
ATOM   1257 O  OD2 . ASP A 1 170 ? -0.370  -8.554  17.512  1.00 30.82 ? 428  ASP A OD2 1 
ATOM   1258 N  N   . GLN A 1 171 ? -3.246  -9.422  16.330  1.00 26.03 ? 429  GLN A N   1 
ATOM   1259 C  CA  . GLN A 1 171 ? -4.344  -9.769  17.230  1.00 27.58 ? 429  GLN A CA  1 
ATOM   1260 C  C   . GLN A 1 171 ? -4.060  -9.529  18.719  1.00 30.54 ? 429  GLN A C   1 
ATOM   1261 O  O   . GLN A 1 171 ? -4.942  -9.715  19.559  1.00 30.68 ? 429  GLN A O   1 
ATOM   1262 C  CB  . GLN A 1 171 ? -4.754  -11.226 17.005  1.00 25.99 ? 429  GLN A CB  1 
ATOM   1263 C  CG  . GLN A 1 171 ? -5.332  -11.508 15.616  1.00 25.34 ? 429  GLN A CG  1 
ATOM   1264 C  CD  . GLN A 1 171 ? -6.629  -10.754 15.355  1.00 25.23 ? 429  GLN A CD  1 
ATOM   1265 O  OE1 . GLN A 1 171 ? -6.637  -9.530  15.229  1.00 26.37 ? 429  GLN A OE1 1 
ATOM   1266 N  NE2 . GLN A 1 171 ? -7.734  -11.486 15.285  1.00 23.47 ? 429  GLN A NE2 1 
ATOM   1267 N  N   . ASP A 1 172 ? -2.838  -9.120  19.045  1.00 32.08 ? 430  ASP A N   1 
ATOM   1268 C  CA  . ASP A 1 172 ? -2.486  -8.844  20.436  1.00 35.68 ? 430  ASP A CA  1 
ATOM   1269 C  C   . ASP A 1 172 ? -2.438  -7.348  20.726  1.00 36.02 ? 430  ASP A C   1 
ATOM   1270 O  O   . ASP A 1 172 ? -2.239  -6.940  21.869  1.00 36.48 ? 430  ASP A O   1 
ATOM   1271 C  CB  . ASP A 1 172 ? -1.131  -9.465  20.789  1.00 37.79 ? 430  ASP A CB  1 
ATOM   1272 C  CG  . ASP A 1 172 ? -1.180  -10.975 20.846  1.00 41.41 ? 430  ASP A CG  1 
ATOM   1273 O  OD1 . ASP A 1 172 ? -2.066  -11.514 21.542  1.00 44.03 ? 430  ASP A OD1 1 
ATOM   1274 O  OD2 . ASP A 1 172 ? -0.330  -11.625 20.203  1.00 44.78 ? 430  ASP A OD2 1 
ATOM   1275 N  N   . GLU A 1 173 ? -2.633  -6.532  19.694  1.00 36.08 ? 431  GLU A N   1 
ATOM   1276 C  CA  . GLU A 1 173 ? -2.587  -5.082  19.858  1.00 37.61 ? 431  GLU A CA  1 
ATOM   1277 C  C   . GLU A 1 173 ? -3.811  -4.508  20.576  1.00 39.87 ? 431  GLU A C   1 
ATOM   1278 O  O   . GLU A 1 173 ? -4.947  -4.688  20.140  1.00 38.62 ? 431  GLU A O   1 
ATOM   1279 C  CB  . GLU A 1 173 ? -2.416  -4.397  18.498  1.00 35.95 ? 431  GLU A CB  1 
ATOM   1280 C  CG  . GLU A 1 173 ? -2.546  -2.886  18.568  1.00 36.48 ? 431  GLU A CG  1 
ATOM   1281 C  CD  . GLU A 1 173 ? -1.600  -2.266  19.585  1.00 40.38 ? 431  GLU A CD  1 
ATOM   1282 O  OE1 . GLU A 1 173 ? -2.015  -1.313  20.279  1.00 39.54 ? 431  GLU A OE1 1 
ATOM   1283 O  OE2 . GLU A 1 173 ? -0.442  -2.724  19.685  1.00 40.89 ? 431  GLU A OE2 1 
ATOM   1284 N  N   . LEU A 1 174 ? -3.553  -3.795  21.668  1.00 42.34 ? 432  LEU A N   1 
ATOM   1285 C  CA  . LEU A 1 174 ? -4.606  -3.194  22.480  1.00 44.98 ? 432  LEU A CA  1 
ATOM   1286 C  C   . LEU A 1 174 ? -5.368  -2.069  21.771  1.00 45.78 ? 432  LEU A C   1 
ATOM   1287 O  O   . LEU A 1 174 ? -6.580  -1.931  21.949  1.00 46.04 ? 432  LEU A O   1 
ATOM   1288 C  CB  . LEU A 1 174 ? -4.002  -2.672  23.789  1.00 47.03 ? 432  LEU A CB  1 
ATOM   1289 C  CG  . LEU A 1 174 ? -4.942  -2.484  24.983  1.00 49.05 ? 432  LEU A CG  1 
ATOM   1290 C  CD1 . LEU A 1 174 ? -5.651  -3.798  25.290  1.00 49.69 ? 432  LEU A CD1 1 
ATOM   1291 C  CD2 . LEU A 1 174 ? -4.142  -2.017  26.191  1.00 49.22 ? 432  LEU A CD2 1 
ATOM   1292 N  N   . ASN A 1 175 ? -4.660  -1.272  20.971  1.00 45.39 ? 433  ASN A N   1 
ATOM   1293 C  CA  . ASN A 1 175 ? -5.273  -0.158  20.244  1.00 44.97 ? 433  ASN A CA  1 
ATOM   1294 C  C   . ASN A 1 175 ? -5.548  -0.515  18.778  1.00 44.97 ? 433  ASN A C   1 
ATOM   1295 O  O   . ASN A 1 175 ? -4.624  -0.764  18.003  1.00 44.34 ? 433  ASN A O   1 
ATOM   1296 C  CB  . ASN A 1 175 ? -4.368  1.075   20.332  1.00 44.47 ? 433  ASN A CB  1 
ATOM   1297 C  CG  . ASN A 1 175 ? -4.846  2.220   19.460  1.00 44.76 ? 433  ASN A CG  1 
ATOM   1298 O  OD1 . ASN A 1 175 ? -6.024  2.309   19.116  1.00 44.60 ? 433  ASN A OD1 1 
ATOM   1299 N  ND2 . ASN A 1 175 ? -3.930  3.118   19.111  1.00 43.41 ? 433  ASN A ND2 1 
ATOM   1300 N  N   . PRO A 1 176 ? -6.832  -0.529  18.382  1.00 44.91 ? 434  PRO A N   1 
ATOM   1301 C  CA  . PRO A 1 176 ? -7.262  -0.857  17.017  1.00 44.46 ? 434  PRO A CA  1 
ATOM   1302 C  C   . PRO A 1 176 ? -6.750  0.047   15.895  1.00 43.77 ? 434  PRO A C   1 
ATOM   1303 O  O   . PRO A 1 176 ? -6.687  -0.373  14.739  1.00 43.90 ? 434  PRO A O   1 
ATOM   1304 C  CB  . PRO A 1 176 ? -8.788  -0.839  17.125  1.00 45.44 ? 434  PRO A CB  1 
ATOM   1305 C  CG  . PRO A 1 176 ? -9.035  0.176   18.199  1.00 45.20 ? 434  PRO A CG  1 
ATOM   1306 C  CD  . PRO A 1 176 ? -7.995  -0.195  19.225  1.00 45.34 ? 434  PRO A CD  1 
ATOM   1307 N  N   . TYR A 1 177 ? -6.384  1.280   16.229  1.00 42.31 ? 435  TYR A N   1 
ATOM   1308 C  CA  . TYR A 1 177 ? -5.889  2.214   15.225  1.00 40.79 ? 435  TYR A CA  1 
ATOM   1309 C  C   . TYR A 1 177 ? -4.395  2.045   14.976  1.00 38.03 ? 435  TYR A C   1 
ATOM   1310 O  O   . TYR A 1 177 ? -3.812  2.757   14.159  1.00 38.15 ? 435  TYR A O   1 
ATOM   1311 C  CB  . TYR A 1 177 ? -6.182  3.656   15.656  1.00 44.38 ? 435  TYR A CB  1 
ATOM   1312 C  CG  . TYR A 1 177 ? -7.644  3.907   15.946  1.00 48.16 ? 435  TYR A CG  1 
ATOM   1313 C  CD1 . TYR A 1 177 ? -8.604  3.801   14.938  1.00 49.46 ? 435  TYR A CD1 1 
ATOM   1314 C  CD2 . TYR A 1 177 ? -8.074  4.212   17.238  1.00 49.97 ? 435  TYR A CD2 1 
ATOM   1315 C  CE1 . TYR A 1 177 ? -9.960  3.989   15.211  1.00 51.70 ? 435  TYR A CE1 1 
ATOM   1316 C  CE2 . TYR A 1 177 ? -9.426  4.401   17.522  1.00 52.95 ? 435  TYR A CE2 1 
ATOM   1317 C  CZ  . TYR A 1 177 ? -10.364 4.288   16.504  1.00 52.81 ? 435  TYR A CZ  1 
ATOM   1318 O  OH  . TYR A 1 177 ? -11.701 4.467   16.783  1.00 54.17 ? 435  TYR A OH  1 
ATOM   1319 N  N   . ALA A 1 178 ? -3.777  1.100   15.680  1.00 33.79 ? 436  ALA A N   1 
ATOM   1320 C  CA  . ALA A 1 178 ? -2.347  0.850   15.524  1.00 30.50 ? 436  ALA A CA  1 
ATOM   1321 C  C   . ALA A 1 178 ? -2.061  -0.630  15.294  1.00 29.09 ? 436  ALA A C   1 
ATOM   1322 O  O   . ALA A 1 178 ? -0.907  -1.065  15.332  1.00 26.93 ? 436  ALA A O   1 
ATOM   1323 C  CB  . ALA A 1 178 ? -1.603  1.332   16.763  1.00 31.33 ? 436  ALA A CB  1 
ATOM   1324 N  N   . ALA A 1 179 ? -3.109  -1.403  15.036  1.00 25.92 ? 437  ALA A N   1 
ATOM   1325 C  CA  . ALA A 1 179 ? -2.954  -2.840  14.844  1.00 26.37 ? 437  ALA A CA  1 
ATOM   1326 C  C   . ALA A 1 179 ? -2.557  -3.319  13.446  1.00 23.50 ? 437  ALA A C   1 
ATOM   1327 O  O   . ALA A 1 179 ? -2.093  -4.448  13.303  1.00 23.55 ? 437  ALA A O   1 
ATOM   1328 C  CB  . ALA A 1 179 ? -4.237  -3.548  15.281  1.00 23.74 ? 437  ALA A CB  1 
ATOM   1329 N  N   . TRP A 1 180 ? -2.723  -2.480  12.426  1.00 23.76 ? 438  TRP A N   1 
ATOM   1330 C  CA  . TRP A 1 180 ? -2.409  -2.894  11.049  1.00 23.04 ? 438  TRP A CA  1 
ATOM   1331 C  C   . TRP A 1 180 ? -1.028  -2.501  10.513  1.00 23.20 ? 438  TRP A C   1 
ATOM   1332 O  O   . TRP A 1 180 ? -0.586  -1.366  10.694  1.00 22.82 ? 438  TRP A O   1 
ATOM   1333 C  CB  . TRP A 1 180 ? -3.478  -2.358  10.085  1.00 22.64 ? 438  TRP A CB  1 
ATOM   1334 C  CG  . TRP A 1 180 ? -4.880  -2.835  10.373  1.00 23.40 ? 438  TRP A CG  1 
ATOM   1335 C  CD1 . TRP A 1 180 ? -5.804  -2.236  11.185  1.00 25.13 ? 438  TRP A CD1 1 
ATOM   1336 C  CD2 . TRP A 1 180 ? -5.508  -4.018  9.860   1.00 21.67 ? 438  TRP A CD2 1 
ATOM   1337 N  NE1 . TRP A 1 180 ? -6.965  -2.971  11.209  1.00 24.67 ? 438  TRP A NE1 1 
ATOM   1338 C  CE2 . TRP A 1 180 ? -6.811  -4.070  10.404  1.00 22.20 ? 438  TRP A CE2 1 
ATOM   1339 C  CE3 . TRP A 1 180 ? -5.093  -5.041  8.992   1.00 21.27 ? 438  TRP A CE3 1 
ATOM   1340 C  CZ2 . TRP A 1 180 ? -7.706  -5.104  10.111  1.00 21.40 ? 438  TRP A CZ2 1 
ATOM   1341 C  CZ3 . TRP A 1 180 ? -5.985  -6.072  8.698   1.00 21.60 ? 438  TRP A CZ3 1 
ATOM   1342 C  CH2 . TRP A 1 180 ? -7.279  -6.094  9.260   1.00 21.10 ? 438  TRP A CH2 1 
ATOM   1343 N  N   . ARG A 1 181 ? -0.366  -3.446  9.835   1.00 22.64 ? 439  ARG A N   1 
ATOM   1344 C  CA  . ARG A 1 181 ? 0.960   -3.221  9.242   1.00 22.91 ? 439  ARG A CA  1 
ATOM   1345 C  C   . ARG A 1 181 ? 1.039   -3.821  7.828   1.00 20.86 ? 439  ARG A C   1 
ATOM   1346 O  O   . ARG A 1 181 ? 0.288   -4.734  7.497   1.00 19.08 ? 439  ARG A O   1 
ATOM   1347 C  CB  . ARG A 1 181 ? 2.057   -3.839  10.119  1.00 24.48 ? 439  ARG A CB  1 
ATOM   1348 C  CG  . ARG A 1 181 ? 2.353   -3.055  11.395  1.00 28.18 ? 439  ARG A CG  1 
ATOM   1349 C  CD  . ARG A 1 181 ? 3.447   -3.716  12.225  1.00 32.24 ? 439  ARG A CD  1 
ATOM   1350 N  NE  . ARG A 1 181 ? 3.716   -2.973  13.454  1.00 37.18 ? 439  ARG A NE  1 
ATOM   1351 C  CZ  . ARG A 1 181 ? 2.874   -2.885  14.482  1.00 40.18 ? 439  ARG A CZ  1 
ATOM   1352 N  NH1 . ARG A 1 181 ? 1.697   -3.497  14.440  1.00 38.93 ? 439  ARG A NH1 1 
ATOM   1353 N  NH2 . ARG A 1 181 ? 3.207   -2.174  15.554  1.00 40.30 ? 439  ARG A NH2 1 
ATOM   1354 N  N   . LEU A 1 182 ? 1.955   -3.315  7.005   1.00 19.59 ? 440  LEU A N   1 
ATOM   1355 C  CA  . LEU A 1 182 ? 2.104   -3.814  5.634   1.00 19.60 ? 440  LEU A CA  1 
ATOM   1356 C  C   . LEU A 1 182 ? 2.764   -5.194  5.569   1.00 20.71 ? 440  LEU A C   1 
ATOM   1357 O  O   . LEU A 1 182 ? 3.830   -5.407  6.143   1.00 18.43 ? 440  LEU A O   1 
ATOM   1358 C  CB  . LEU A 1 182 ? 2.927   -2.834  4.789   1.00 19.47 ? 440  LEU A CB  1 
ATOM   1359 C  CG  . LEU A 1 182 ? 3.068   -3.187  3.300   1.00 20.33 ? 440  LEU A CG  1 
ATOM   1360 C  CD1 . LEU A 1 182 ? 1.735   -2.986  2.593   1.00 18.95 ? 440  LEU A CD1 1 
ATOM   1361 C  CD2 . LEU A 1 182 ? 4.139   -2.313  2.656   1.00 23.08 ? 440  LEU A CD2 1 
ATOM   1362 N  N   . LEU A 1 183 ? 2.127   -6.115  4.849   1.00 18.51 ? 441  LEU A N   1 
ATOM   1363 C  CA  . LEU A 1 183 ? 2.644   -7.471  4.693   1.00 19.86 ? 441  LEU A CA  1 
ATOM   1364 C  C   . LEU A 1 183 ? 3.176   -7.717  3.276   1.00 19.68 ? 441  LEU A C   1 
ATOM   1365 O  O   . LEU A 1 183 ? 4.177   -8.414  3.092   1.00 19.14 ? 441  LEU A O   1 
ATOM   1366 C  CB  . LEU A 1 183 ? 1.546   -8.495  5.013   1.00 21.14 ? 441  LEU A CB  1 
ATOM   1367 C  CG  . LEU A 1 183 ? 1.934   -9.977  4.904   1.00 23.23 ? 441  LEU A CG  1 
ATOM   1368 C  CD1 . LEU A 1 183 ? 3.006   -10.306 5.941   1.00 24.33 ? 441  LEU A CD1 1 
ATOM   1369 C  CD2 . LEU A 1 183 ? 0.704   -10.850 5.110   1.00 23.68 ? 441  LEU A CD2 1 
ATOM   1370 N  N   . ASP A 1 184 ? 2.514   -7.143  2.272   1.00 18.56 ? 442  ASP A N   1 
ATOM   1371 C  CA  . ASP A 1 184 ? 2.948   -7.340  0.887   1.00 19.67 ? 442  ASP A CA  1 
ATOM   1372 C  C   . ASP A 1 184 ? 2.410   -6.242  -0.033  1.00 20.57 ? 442  ASP A C   1 
ATOM   1373 O  O   . ASP A 1 184 ? 1.446   -5.548  0.301   1.00 19.42 ? 442  ASP A O   1 
ATOM   1374 C  CB  . ASP A 1 184 ? 2.486   -8.725  0.398   1.00 20.64 ? 442  ASP A CB  1 
ATOM   1375 C  CG  . ASP A 1 184 ? 3.202   -9.186  -0.865  1.00 22.06 ? 442  ASP A CG  1 
ATOM   1376 O  OD1 . ASP A 1 184 ? 4.183   -8.539  -1.288  1.00 19.60 ? 442  ASP A OD1 1 
ATOM   1377 O  OD2 . ASP A 1 184 ? 2.786   -10.216 -1.432  1.00 23.87 ? 442  ASP A OD2 1 
ATOM   1378 N  N   . ILE A 1 185 ? 3.045   -6.092  -1.192  1.00 19.34 ? 443  ILE A N   1 
ATOM   1379 C  CA  . ILE A 1 185 ? 2.648   -5.076  -2.155  1.00 21.92 ? 443  ILE A CA  1 
ATOM   1380 C  C   . ILE A 1 185 ? 3.016   -5.447  -3.589  1.00 21.46 ? 443  ILE A C   1 
ATOM   1381 O  O   . ILE A 1 185 ? 4.063   -6.051  -3.843  1.00 20.91 ? 443  ILE A O   1 
ATOM   1382 C  CB  . ILE A 1 185 ? 3.301   -3.699  -1.792  1.00 24.46 ? 443  ILE A CB  1 
ATOM   1383 C  CG1 . ILE A 1 185 ? 3.234   -2.736  -2.979  1.00 27.38 ? 443  ILE A CG1 1 
ATOM   1384 C  CG2 . ILE A 1 185 ? 4.744   -3.902  -1.356  1.00 28.08 ? 443  ILE A CG2 1 
ATOM   1385 C  CD1 . ILE A 1 185 ? 3.802   -1.358  -2.669  1.00 31.97 ? 443  ILE A CD1 1 
ATOM   1386 N  N   . SER A 1 186 ? 2.128   -5.096  -4.517  1.00 22.10 ? 444  SER A N   1 
ATOM   1387 C  CA  . SER A 1 186 ? 2.340   -5.310  -5.947  1.00 21.41 ? 444  SER A CA  1 
ATOM   1388 C  C   . SER A 1 186 ? 1.801   -4.051  -6.624  1.00 22.52 ? 444  SER A C   1 
ATOM   1389 O  O   . SER A 1 186 ? 1.032   -3.304  -6.016  1.00 20.02 ? 444  SER A O   1 
ATOM   1390 C  CB  . SER A 1 186 ? 1.580   -6.540  -6.453  1.00 21.26 ? 444  SER A CB  1 
ATOM   1391 O  OG  . SER A 1 186 ? 0.183   -6.309  -6.493  1.00 23.34 ? 444  SER A OG  1 
ATOM   1392 N  N   . ALA A 1 187 ? 2.195   -3.810  -7.873  1.00 24.03 ? 445  ALA A N   1 
ATOM   1393 C  CA  . ALA A 1 187 ? 1.735   -2.611  -8.571  1.00 26.58 ? 445  ALA A CA  1 
ATOM   1394 C  C   . ALA A 1 187 ? 1.983   -2.662  -10.066 1.00 28.01 ? 445  ALA A C   1 
ATOM   1395 O  O   . ALA A 1 187 ? 2.679   -3.544  -10.568 1.00 26.35 ? 445  ALA A O   1 
ATOM   1396 C  CB  . ALA A 1 187 ? 2.417   -1.378  -7.987  1.00 25.69 ? 445  ALA A CB  1 
ATOM   1397 N  N   . SER A 1 188 ? 1.409   -1.693  -10.773 1.00 29.14 ? 446  SER A N   1 
ATOM   1398 C  CA  . SER A 1 188 ? 1.567   -1.600  -12.215 1.00 32.12 ? 446  SER A CA  1 
ATOM   1399 C  C   . SER A 1 188 ? 1.157   -0.218  -12.703 1.00 32.63 ? 446  SER A C   1 
ATOM   1400 O  O   . SER A 1 188 ? 0.239   0.390   -12.158 1.00 29.45 ? 446  SER A O   1 
ATOM   1401 C  CB  . SER A 1 188 ? 0.708   -2.657  -12.909 1.00 33.92 ? 446  SER A CB  1 
ATOM   1402 O  OG  . SER A 1 188 ? 0.777   -2.512  -14.318 1.00 38.83 ? 446  SER A OG  1 
ATOM   1403 N  N   . SER A 1 189 ? 1.848   0.280   -13.724 1.00 35.88 ? 447  SER A N   1 
ATOM   1404 C  CA  . SER A 1 189 ? 1.523   1.584   -14.294 1.00 39.43 ? 447  SER A CA  1 
ATOM   1405 C  C   . SER A 1 189 ? 0.233   1.407   -15.082 1.00 41.66 ? 447  SER A C   1 
ATOM   1406 O  O   . SER A 1 189 ? -0.064  0.308   -15.550 1.00 42.39 ? 447  SER A O   1 
ATOM   1407 C  CB  . SER A 1 189 ? 2.645   2.064   -15.218 1.00 40.19 ? 447  SER A CB  1 
ATOM   1408 O  OG  . SER A 1 189 ? 2.820   1.180   -16.308 1.00 43.28 ? 447  SER A OG  1 
ATOM   1409 N  N   . THR A 1 190 ? -0.536  2.478   -15.234 1.00 43.60 ? 448  THR A N   1 
ATOM   1410 C  CA  . THR A 1 190 ? -1.800  2.384   -15.951 1.00 47.30 ? 448  THR A CA  1 
ATOM   1411 C  C   . THR A 1 190 ? -1.803  3.104   -17.293 1.00 51.00 ? 448  THR A C   1 
ATOM   1412 O  O   . THR A 1 190 ? -2.865  3.458   -17.805 1.00 50.86 ? 448  THR A O   1 
ATOM   1413 C  CB  . THR A 1 190 ? -2.959  2.933   -15.093 1.00 46.35 ? 448  THR A CB  1 
ATOM   1414 O  OG1 . THR A 1 190 ? -2.749  4.326   -14.835 1.00 47.76 ? 448  THR A OG1 1 
ATOM   1415 C  CG2 . THR A 1 190 ? -3.034  2.190   -13.767 1.00 46.18 ? 448  THR A CG2 1 
ATOM   1416 N  N   . GLU A 1 191 ? -0.620  3.310   -17.864 1.00 55.27 ? 449  GLU A N   1 
ATOM   1417 C  CA  . GLU A 1 191 ? -0.507  3.991   -19.151 1.00 60.01 ? 449  GLU A CA  1 
ATOM   1418 C  C   . GLU A 1 191 ? -1.463  3.425   -20.199 1.00 62.53 ? 449  GLU A C   1 
ATOM   1419 O  O   . GLU A 1 191 ? -1.532  2.211   -20.408 1.00 62.85 ? 449  GLU A O   1 
ATOM   1420 C  CB  . GLU A 1 191 ? 0.926   3.903   -19.676 1.00 61.44 ? 449  GLU A CB  1 
ATOM   1421 C  CG  . GLU A 1 191 ? 1.937   4.693   -18.866 1.00 64.06 ? 449  GLU A CG  1 
ATOM   1422 C  CD  . GLU A 1 191 ? 3.303   4.724   -19.526 1.00 66.04 ? 449  GLU A CD  1 
ATOM   1423 O  OE1 . GLU A 1 191 ? 4.225   5.360   -18.968 1.00 67.19 ? 449  GLU A OE1 1 
ATOM   1424 O  OE2 . GLU A 1 191 ? 3.454   4.112   -20.605 1.00 66.66 ? 449  GLU A OE2 1 
ATOM   1425 N  N   . GLN A 1 192 ? -2.194  4.324   -20.852 1.00 65.27 ? 450  GLN A N   1 
ATOM   1426 C  CA  . GLN A 1 192 ? -3.159  3.967   -21.889 1.00 67.87 ? 450  GLN A CA  1 
ATOM   1427 C  C   . GLN A 1 192 ? -4.363  3.206   -21.340 1.00 69.10 ? 450  GLN A C   1 
ATOM   1428 O  O   . GLN A 1 192 ? -4.842  2.246   -21.950 1.00 69.02 ? 450  GLN A O   1 
ATOM   1429 C  CB  . GLN A 1 192 ? -2.479  3.146   -22.989 1.00 68.89 ? 450  GLN A CB  1 
ATOM   1430 C  CG  . GLN A 1 192 ? -1.336  3.877   -23.672 1.00 71.01 ? 450  GLN A CG  1 
ATOM   1431 C  CD  . GLN A 1 192 ? -0.822  3.144   -24.894 1.00 72.36 ? 450  GLN A CD  1 
ATOM   1432 O  OE1 . GLN A 1 192 ? -0.421  1.983   -24.815 1.00 73.19 ? 450  GLN A OE1 1 
ATOM   1433 N  NE2 . GLN A 1 192 ? -0.828  3.825   -26.037 1.00 72.77 ? 450  GLN A NE2 1 
ATOM   1434 N  N   . ILE A 1 193 ? -4.845  3.644   -20.179 1.00 70.09 ? 451  ILE A N   1 
ATOM   1435 C  CA  . ILE A 1 193 ? -6.004  3.038   -19.532 1.00 70.71 ? 451  ILE A CA  1 
ATOM   1436 C  C   . ILE A 1 193 ? -6.700  4.114   -18.699 1.00 71.61 ? 451  ILE A C   1 
ATOM   1437 O  O   . ILE A 1 193 ? -6.185  5.255   -18.672 1.00 71.80 ? 451  ILE A O   1 
ATOM   1438 C  CB  . ILE A 1 193 ? -5.596  1.865   -18.599 1.00 70.50 ? 451  ILE A CB  1 
ATOM   1439 C  CG1 . ILE A 1 193 ? -4.727  0.860   -19.359 1.00 70.48 ? 451  ILE A CG1 1 
ATOM   1440 C  CG2 . ILE A 1 193 ? -6.841  1.154   -18.081 1.00 69.92 ? 451  ILE A CG2 1 
ATOM   1441 C  CD1 . ILE A 1 193 ? -4.262  -0.310  -18.517 1.00 69.99 ? 451  ILE A CD1 1 
HETATM 1442 O  OH2 . 1PE B 2 .   ? 8.178   3.194   -6.903  1.00 54.30 ? 1001 1PE A OH2 1 
HETATM 1443 C  C12 . 1PE B 2 .   ? 7.435   3.636   -8.041  1.00 54.59 ? 1001 1PE A C12 1 
HETATM 1444 C  C22 . 1PE B 2 .   ? 8.167   3.210   -9.312  1.00 55.50 ? 1001 1PE A C22 1 
HETATM 1445 O  OH3 . 1PE B 2 .   ? 7.569   2.015   -9.818  1.00 56.44 ? 1001 1PE A OH3 1 
HETATM 1446 C  C13 . 1PE B 2 .   ? 7.702   0.370   -11.603 1.00 57.59 ? 1001 1PE A C13 1 
HETATM 1447 C  C23 . 1PE B 2 .   ? 8.290   1.653   -11.001 1.00 57.31 ? 1001 1PE A C23 1 
HETATM 1448 O  OH4 . 1PE B 2 .   ? 6.972   -0.351  -10.607 1.00 57.37 ? 1001 1PE A OH4 1 
HETATM 1449 C  C14 . 1PE B 2 .   ? 5.658   -2.338  -10.219 1.00 56.19 ? 1001 1PE A C14 1 
HETATM 1450 C  C24 . 1PE B 2 .   ? 6.459   -1.526  -11.237 1.00 56.44 ? 1001 1PE A C24 1 
HETATM 1451 O  OH5 . 1PE B 2 .   ? 6.429   -2.514  -9.025  1.00 53.65 ? 1001 1PE A OH5 1 
HETATM 1452 C  C15 . 1PE B 2 .   ? 6.365   -3.512  -6.818  1.00 52.68 ? 1001 1PE A C15 1 
HETATM 1453 C  C25 . 1PE B 2 .   ? 5.616   -3.270  -8.129  1.00 53.55 ? 1001 1PE A C25 1 
HETATM 1454 O  OH6 . 1PE B 2 .   ? 6.776   -2.274  -6.243  1.00 52.47 ? 1001 1PE A OH6 1 
HETATM 1455 C  C16 . 1PE B 2 .   ? 7.937   -1.317  -4.350  1.00 53.93 ? 1001 1PE A C16 1 
HETATM 1456 C  C26 . 1PE B 2 .   ? 7.462   -2.598  -5.035  1.00 51.92 ? 1001 1PE A C26 1 
HETATM 1457 O  OH7 . 1PE B 2 .   ? 9.366   -1.265  -4.366  1.00 55.07 ? 1001 1PE A OH7 1 
HETATM 1458 O  OH2 . 1PE C 2 .   ? 10.989  -3.320  -8.041  1.00 55.99 ? 1002 1PE A OH2 1 
HETATM 1459 C  C12 . 1PE C 2 .   ? 9.937   -2.849  -8.886  1.00 54.00 ? 1002 1PE A C12 1 
HETATM 1460 C  C22 . 1PE C 2 .   ? 9.482   -3.971  -9.828  1.00 52.74 ? 1002 1PE A C22 1 
HETATM 1461 O  OH3 . 1PE C 2 .   ? 9.003   -5.080  -9.060  1.00 49.94 ? 1002 1PE A OH3 1 
HETATM 1462 C  C13 . 1PE C 2 .   ? 8.068   -7.308  -9.207  1.00 44.77 ? 1002 1PE A C13 1 
HETATM 1463 C  C23 . 1PE C 2 .   ? 8.588   -6.094  -9.988  1.00 47.84 ? 1002 1PE A C23 1 
HETATM 1464 O  OH4 . 1PE C 2 .   ? 9.089   -7.730  -8.301  1.00 43.27 ? 1002 1PE A OH4 1 
HETATM 1465 C  C14 . 1PE C 2 .   ? 9.714   -9.287  -6.606  1.00 39.38 ? 1002 1PE A C14 1 
HETATM 1466 C  C24 . 1PE C 2 .   ? 8.610   -8.854  -7.571  1.00 39.53 ? 1002 1PE A C24 1 
HETATM 1467 O  OH5 . 1PE C 2 .   ? 9.967   -8.227  -5.674  1.00 37.13 ? 1002 1PE A OH5 1 
HETATM 1468 C  C15 . 1PE C 2 .   ? 11.344  -7.600  -3.764  1.00 37.29 ? 1002 1PE A C15 1 
HETATM 1469 C  C25 . 1PE C 2 .   ? 11.010  -8.677  -4.805  1.00 38.18 ? 1002 1PE A C25 1 
HETATM 1470 O  OH6 . 1PE C 2 .   ? 11.325  -6.294  -4.360  1.00 37.27 ? 1002 1PE A OH6 1 
HETATM 1471 C  C16 . 1PE C 2 .   ? 11.651  -3.951  -3.858  1.00 38.72 ? 1002 1PE A C16 1 
HETATM 1472 C  C26 . 1PE C 2 .   ? 11.651  -5.375  -3.314  1.00 38.72 ? 1002 1PE A C26 1 
HETATM 1473 O  OH7 . 1PE C 2 .   ? 10.356  -3.654  -4.373  1.00 40.53 ? 1002 1PE A OH7 1 
HETATM 1474 O  O   . HOH D 3 .   ? -16.489 -17.793 9.938   0.50 18.40 ? 1    HOH A O   1 
HETATM 1475 O  O   . HOH D 3 .   ? -16.214 -10.264 19.764  1.00 21.69 ? 2    HOH A O   1 
HETATM 1476 O  O   . HOH D 3 .   ? -11.403 -17.800 -4.298  1.00 21.78 ? 3    HOH A O   1 
HETATM 1477 O  O   . HOH D 3 .   ? -17.458 -17.491 -2.176  1.00 21.79 ? 4    HOH A O   1 
HETATM 1478 O  O   . HOH D 3 .   ? -17.100 -20.820 -0.841  1.00 23.88 ? 5    HOH A O   1 
HETATM 1479 O  O   . HOH D 3 .   ? 6.022   -6.325  -5.700  1.00 23.50 ? 6    HOH A O   1 
HETATM 1480 O  O   . HOH D 3 .   ? -18.328 -11.875 2.125   1.00 25.86 ? 7    HOH A O   1 
HETATM 1481 O  O   . HOH D 3 .   ? -9.177  -3.171  14.195  1.00 26.64 ? 8    HOH A O   1 
HETATM 1482 O  O   . HOH D 3 .   ? 9.833   -4.428  10.253  1.00 25.76 ? 9    HOH A O   1 
HETATM 1483 O  O   . HOH D 3 .   ? 12.151  -0.604  -1.878  1.00 26.99 ? 10   HOH A O   1 
HETATM 1484 O  O   . HOH D 3 .   ? 5.405   13.179  -1.157  1.00 26.20 ? 11   HOH A O   1 
HETATM 1485 O  O   . HOH D 3 .   ? 0.443   -5.490  12.680  1.00 26.81 ? 12   HOH A O   1 
HETATM 1486 O  O   . HOH D 3 .   ? 12.514  -11.439 3.099   1.00 27.81 ? 13   HOH A O   1 
HETATM 1487 O  O   . HOH D 3 .   ? -18.678 -4.270  13.971  1.00 28.20 ? 14   HOH A O   1 
HETATM 1488 O  O   . HOH D 3 .   ? -13.962 -20.383 2.413   1.00 29.83 ? 15   HOH A O   1 
HETATM 1489 O  O   . HOH D 3 .   ? 8.799   -5.555  -6.161  1.00 32.62 ? 16   HOH A O   1 
HETATM 1490 O  O   . HOH D 3 .   ? 14.804  -6.971  -2.397  1.00 28.83 ? 17   HOH A O   1 
HETATM 1491 O  O   . HOH D 3 .   ? -10.673 6.923   -2.266  1.00 29.64 ? 18   HOH A O   1 
HETATM 1492 O  O   . HOH D 3 .   ? -17.246 -10.018 0.332   1.00 30.60 ? 19   HOH A O   1 
HETATM 1493 O  O   . HOH D 3 .   ? 8.814   10.290  -12.426 1.00 30.82 ? 20   HOH A O   1 
HETATM 1494 O  O   . HOH D 3 .   ? -14.232 -12.679 -10.365 1.00 30.35 ? 21   HOH A O   1 
HETATM 1495 O  O   . HOH D 3 .   ? 6.316   8.669   6.276   1.00 30.21 ? 22   HOH A O   1 
HETATM 1496 O  O   . HOH D 3 .   ? -15.273 -15.009 21.319  1.00 29.68 ? 23   HOH A O   1 
HETATM 1497 O  O   . HOH D 3 .   ? 4.768   7.180   10.579  1.00 32.14 ? 24   HOH A O   1 
HETATM 1498 O  O   . HOH D 3 .   ? -7.984  1.209   -6.735  1.00 30.52 ? 25   HOH A O   1 
HETATM 1499 O  O   . HOH D 3 .   ? -10.477 -14.637 -1.146  1.00 30.34 ? 26   HOH A O   1 
HETATM 1500 O  O   . HOH D 3 .   ? -2.117  0.594   12.026  1.00 32.26 ? 27   HOH A O   1 
HETATM 1501 O  O   . HOH D 3 .   ? -12.186 -12.502 -0.222  1.00 33.52 ? 28   HOH A O   1 
HETATM 1502 O  O   . HOH D 3 .   ? -18.208 -3.657  8.110   1.00 35.04 ? 29   HOH A O   1 
HETATM 1503 O  O   . HOH D 3 .   ? -10.146 -3.978  20.164  1.00 32.35 ? 30   HOH A O   1 
HETATM 1504 O  O   . HOH D 3 .   ? -4.453  8.794   -8.452  1.00 34.77 ? 31   HOH A O   1 
HETATM 1505 O  O   . HOH D 3 .   ? -18.208 -10.439 4.746   1.00 34.83 ? 32   HOH A O   1 
HETATM 1506 O  O   . HOH D 3 .   ? -12.947 -9.261  -5.025  1.00 33.42 ? 33   HOH A O   1 
HETATM 1507 O  O   . HOH D 3 .   ? -1.753  -11.727 15.273  1.00 33.44 ? 34   HOH A O   1 
HETATM 1508 O  O   . HOH D 3 .   ? -8.724  -0.982  12.746  1.00 32.41 ? 35   HOH A O   1 
HETATM 1509 O  O   . HOH D 3 .   ? -6.342  10.952  -0.532  1.00 34.65 ? 36   HOH A O   1 
HETATM 1510 O  O   . HOH D 3 .   ? -13.066 0.175   12.158  1.00 34.61 ? 37   HOH A O   1 
HETATM 1511 O  O   . HOH D 3 .   ? 0.176   7.053   12.109  1.00 34.78 ? 38   HOH A O   1 
HETATM 1512 O  O   . HOH D 3 .   ? -12.402 -17.289 11.111  1.00 33.25 ? 39   HOH A O   1 
HETATM 1513 O  O   . HOH D 3 .   ? -4.239  12.694  -2.094  1.00 36.40 ? 40   HOH A O   1 
HETATM 1514 O  O   . HOH D 3 .   ? 5.385   9.053   8.785   1.00 36.73 ? 41   HOH A O   1 
HETATM 1515 O  O   . HOH D 3 .   ? -12.336 -8.163  22.367  1.00 39.21 ? 42   HOH A O   1 
HETATM 1516 O  O   . HOH D 3 .   ? -10.185 -14.792 -4.106  1.00 38.00 ? 43   HOH A O   1 
HETATM 1517 O  O   . HOH D 3 .   ? 13.380  6.798   9.048   1.00 39.66 ? 44   HOH A O   1 
HETATM 1518 O  O   . HOH D 3 .   ? -11.906 -21.415 1.156   1.00 40.91 ? 45   HOH A O   1 
HETATM 1519 O  O   . HOH D 3 .   ? 15.961  -6.242  -4.517  1.00 37.99 ? 46   HOH A O   1 
HETATM 1520 O  O   . HOH D 3 .   ? 0.865   -10.068 13.817  1.00 38.56 ? 47   HOH A O   1 
HETATM 1521 O  O   . HOH D 3 .   ? 7.220   -3.879  12.898  1.00 39.87 ? 48   HOH A O   1 
HETATM 1522 O  O   . HOH D 3 .   ? -10.293 -16.808 5.010   1.00 36.90 ? 49   HOH A O   1 
HETATM 1523 O  O   . HOH D 3 .   ? 11.825  12.156  -1.308  1.00 36.15 ? 50   HOH A O   1 
HETATM 1524 O  O   . HOH D 3 .   ? 1.318   -4.049  17.168  1.00 40.62 ? 51   HOH A O   1 
HETATM 1525 O  O   . HOH D 3 .   ? 9.955   7.734   -13.668 1.00 40.38 ? 52   HOH A O   1 
HETATM 1526 O  O   . HOH D 3 .   ? -4.815  -15.023 13.643  1.00 44.84 ? 53   HOH A O   1 
HETATM 1527 O  O   . HOH D 3 .   ? 6.352   1.526   -5.609  1.00 41.12 ? 54   HOH A O   1 
HETATM 1528 O  O   . HOH D 3 .   ? -2.998  -14.145 15.387  1.00 38.56 ? 55   HOH A O   1 
HETATM 1529 O  O   . HOH D 3 .   ? 9.849   15.053  -7.126  1.00 37.31 ? 56   HOH A O   1 
HETATM 1530 O  O   . HOH D 3 .   ? -14.557 -10.275 -1.281  1.00 42.04 ? 57   HOH A O   1 
HETATM 1531 O  O   . HOH D 3 .   ? -11.192 5.915   1.908   1.00 41.36 ? 58   HOH A O   1 
HETATM 1532 O  O   . HOH D 3 .   ? -7.992  -17.690 3.948   1.00 40.30 ? 59   HOH A O   1 
HETATM 1533 O  O   . HOH D 3 .   ? 12.332  1.818   13.407  1.00 40.12 ? 60   HOH A O   1 
HETATM 1534 O  O   . HOH D 3 .   ? 7.124   0.213   -7.701  1.00 44.25 ? 61   HOH A O   1 
HETATM 1535 O  O   . HOH D 3 .   ? 12.161  -5.812  10.823  1.00 38.80 ? 62   HOH A O   1 
HETATM 1536 O  O   . HOH D 3 .   ? -2.779  14.682  -13.881 1.00 38.28 ? 63   HOH A O   1 
HETATM 1537 O  O   . HOH D 3 .   ? 17.569  11.168  0.485   1.00 42.52 ? 64   HOH A O   1 
HETATM 1538 O  O   . HOH D 3 .   ? 23.576  1.265   3.062   1.00 43.39 ? 65   HOH A O   1 
HETATM 1539 O  O   . HOH D 3 .   ? -15.039 4.603   3.424   1.00 41.96 ? 66   HOH A O   1 
HETATM 1540 O  O   . HOH D 3 .   ? -7.506  -3.781  19.239  1.00 41.47 ? 67   HOH A O   1 
HETATM 1541 O  O   . HOH D 3 .   ? -0.706  -3.610  23.019  1.00 44.79 ? 68   HOH A O   1 
HETATM 1542 O  O   . HOH D 3 .   ? -9.637  -2.890  -6.778  1.00 43.50 ? 69   HOH A O   1 
HETATM 1543 O  O   . HOH D 3 .   ? 17.825  -2.299  8.647   1.00 46.01 ? 70   HOH A O   1 
HETATM 1544 O  O   . HOH D 3 .   ? -16.544 -7.176  1.499   1.00 46.21 ? 71   HOH A O   1 
HETATM 1545 O  O   . HOH D 3 .   ? -12.718 -0.259  15.279  1.00 41.99 ? 72   HOH A O   1 
HETATM 1546 O  O   . HOH D 3 .   ? 14.638  -4.467  -6.046  1.00 48.06 ? 73   HOH A O   1 
HETATM 1547 O  O   . HOH D 3 .   ? -11.500 5.957   10.102  1.00 41.18 ? 74   HOH A O   1 
HETATM 1548 O  O   . HOH D 3 .   ? -15.746 -11.462 -4.065  1.00 46.21 ? 75   HOH A O   1 
HETATM 1549 O  O   . HOH D 3 .   ? -12.751 4.526   0.269   1.00 50.22 ? 76   HOH A O   1 
HETATM 1550 O  O   . HOH D 3 .   ? 13.580  17.313  -8.547  1.00 42.08 ? 77   HOH A O   1 
HETATM 1551 O  O   . HOH D 3 .   ? -19.861 -11.773 6.567   1.00 43.37 ? 78   HOH A O   1 
HETATM 1552 O  O   . HOH D 3 .   ? -14.272 -3.057  19.698  1.00 43.19 ? 79   HOH A O   1 
HETATM 1553 O  O   . HOH D 3 .   ? -8.389  12.290  -7.470  1.00 45.55 ? 80   HOH A O   1 
HETATM 1554 O  O   . HOH D 3 .   ? 13.576  -7.424  8.775   1.00 39.49 ? 81   HOH A O   1 
HETATM 1555 O  O   . HOH D 3 .   ? -7.834  -16.262 -4.171  1.00 50.07 ? 82   HOH A O   1 
HETATM 1556 O  O   . HOH D 3 .   ? -7.724  12.495  -3.833  1.00 45.84 ? 83   HOH A O   1 
HETATM 1557 O  O   . HOH D 3 .   ? -18.898 -0.411  6.713   1.00 48.87 ? 84   HOH A O   1 
HETATM 1558 O  O   . HOH D 3 .   ? -6.261  7.904   -10.976 1.00 43.30 ? 85   HOH A O   1 
HETATM 1559 O  O   . HOH D 3 .   ? 13.096  -0.172  -4.334  1.00 48.35 ? 86   HOH A O   1 
HETATM 1560 O  O   . HOH D 3 .   ? -11.988 2.673   -17.512 1.00 46.60 ? 87   HOH A O   1 
HETATM 1561 O  O   . HOH D 3 .   ? 2.225   5.946   -15.732 1.00 46.78 ? 88   HOH A O   1 
HETATM 1562 O  O   . HOH D 3 .   ? -17.581 14.830  -17.572 1.00 47.79 ? 89   HOH A O   1 
HETATM 1563 O  O   . HOH D 3 .   ? -11.555 8.317   -5.055  1.00 48.09 ? 90   HOH A O   1 
HETATM 1564 O  O   . HOH D 3 .   ? -1.126  17.578  -4.894  1.00 43.68 ? 91   HOH A O   1 
HETATM 1565 O  O   . HOH D 3 .   ? 2.645   8.364   11.767  1.00 47.73 ? 92   HOH A O   1 
HETATM 1566 O  O   . HOH D 3 .   ? -10.087 1.670   11.555  1.00 50.69 ? 93   HOH A O   1 
HETATM 1567 O  O   . HOH D 3 .   ? -6.181  -9.677  22.072  1.00 46.64 ? 94   HOH A O   1 
HETATM 1568 O  O   . HOH D 3 .   ? -16.819 -20.495 10.237  1.00 48.15 ? 95   HOH A O   1 
HETATM 1569 O  O   . HOH D 3 .   ? -0.620  11.019  -14.720 1.00 44.17 ? 96   HOH A O   1 
HETATM 1570 O  O   . HOH D 3 .   ? 20.665  15.217  -14.470 1.00 52.91 ? 97   HOH A O   1 
HETATM 1571 O  O   . HOH D 3 .   ? 19.163  0.578   -5.336  1.00 45.64 ? 98   HOH A O   1 
HETATM 1572 O  O   . HOH D 3 .   ? 1.333   2.643   18.592  1.00 49.46 ? 99   HOH A O   1 
HETATM 1573 O  O   . HOH D 3 .   ? 15.905  0.554   10.146  1.00 47.00 ? 100  HOH A O   1 
HETATM 1574 O  O   . HOH D 3 .   ? -20.204 -2.593  10.691  1.00 45.65 ? 101  HOH A O   1 
HETATM 1575 O  O   . HOH D 3 .   ? -14.635 -7.205  -1.380  1.00 51.13 ? 102  HOH A O   1 
HETATM 1576 O  O   . HOH D 3 .   ? 12.740  -5.573  -7.534  1.00 52.63 ? 103  HOH A O   1 
HETATM 1577 O  O   . HOH D 3 .   ? 0.893   -18.379 6.680   1.00 43.54 ? 104  HOH A O   1 
HETATM 1578 O  O   . HOH D 3 .   ? 1.580   -6.806  20.411  1.00 54.66 ? 105  HOH A O   1 
HETATM 1579 O  O   . HOH D 3 .   ? 14.735  4.820   -13.979 1.00 50.68 ? 106  HOH A O   1 
HETATM 1580 O  O   . HOH D 3 .   ? 10.199  17.560  -5.805  1.00 47.28 ? 107  HOH A O   1 
HETATM 1581 O  O   . HOH D 3 .   ? -12.890 3.780   -6.565  1.00 46.59 ? 108  HOH A O   1 
HETATM 1582 O  O   . HOH D 3 .   ? -9.361  8.259   9.523   1.00 50.04 ? 109  HOH A O   1 
HETATM 1583 O  O   . HOH D 3 .   ? -17.426 3.870   -13.206 1.00 52.19 ? 110  HOH A O   1 
HETATM 1584 O  O   . HOH D 3 .   ? 6.851   11.052  10.251  1.00 49.30 ? 111  HOH A O   1 
HETATM 1585 O  O   . HOH D 3 .   ? -15.385 -21.608 8.379   1.00 52.90 ? 112  HOH A O   1 
HETATM 1586 O  O   . HOH D 3 .   ? 21.296  2.074   4.862   1.00 47.54 ? 113  HOH A O   1 
HETATM 1587 O  O   . HOH D 3 .   ? -13.208 1.029   17.424  1.00 59.38 ? 114  HOH A O   1 
HETATM 1588 O  O   . HOH D 3 .   ? -4.405  10.098  0.957   1.00 50.30 ? 115  HOH A O   1 
HETATM 1589 O  O   . HOH D 3 .   ? 17.201  18.003  -13.040 1.00 58.91 ? 116  HOH A O   1 
HETATM 1590 O  O   . HOH D 3 .   ? 25.498  -0.637  -3.189  1.00 53.96 ? 117  HOH A O   1 
HETATM 1591 O  O   . HOH D 3 .   ? -1.155  2.971   20.452  1.00 49.79 ? 118  HOH A O   1 
HETATM 1592 O  O   . HOH D 3 .   ? 1.649   12.109  4.998   1.00 50.98 ? 119  HOH A O   1 
HETATM 1593 O  O   . HOH D 3 .   ? 23.242  8.146   1.792   1.00 53.49 ? 120  HOH A O   1 
HETATM 1594 O  O   . HOH D 3 .   ? -10.132 10.381  -2.875  1.00 54.33 ? 121  HOH A O   1 
HETATM 1595 O  O   . HOH D 3 .   ? 5.757   16.019  -1.050  1.00 52.50 ? 122  HOH A O   1 
HETATM 1596 O  O   . HOH D 3 .   ? 3.961   -1.645  -14.820 1.00 54.56 ? 123  HOH A O   1 
HETATM 1597 O  O   . HOH D 3 .   ? 13.920  -12.576 4.918   1.00 52.80 ? 124  HOH A O   1 
HETATM 1598 O  O   . HOH D 3 .   ? 11.297  15.374  -1.195  1.00 54.13 ? 125  HOH A O   1 
HETATM 1599 O  O   . HOH D 3 .   ? 26.840  8.713   -10.116 1.00 60.22 ? 126  HOH A O   1 
HETATM 1600 O  O   . HOH D 3 .   ? 4.141   11.426  5.519   1.00 56.35 ? 127  HOH A O   1 
HETATM 1601 O  O   . HOH D 3 .   ? 12.348  -8.195  -8.806  1.00 57.58 ? 128  HOH A O   1 
HETATM 1602 O  O   . HOH D 3 .   ? 0.321   -11.298 17.174  1.00 58.74 ? 129  HOH A O   1 
HETATM 1603 O  O   . HOH D 3 .   ? 6.565   7.277   12.528  1.00 58.04 ? 130  HOH A O   1 
HETATM 1604 O  O   . HOH D 3 .   ? 12.817  7.696   -4.764  1.00 56.58 ? 131  HOH A O   1 
HETATM 1605 O  O   . HOH D 3 .   ? -13.765 14.679  -18.012 1.00 56.07 ? 132  HOH A O   1 
HETATM 1606 O  O   . HOH D 3 .   ? 11.118  9.201   -18.423 1.00 45.04 ? 133  HOH A O   1 
HETATM 1607 O  O   . HOH D 3 .   ? 18.564  -6.400  -4.968  1.00 68.19 ? 134  HOH A O   1 
HETATM 1608 O  O   . HOH D 3 .   ? -16.133 -4.950  -8.510  1.00 56.94 ? 135  HOH A O   1 
HETATM 1609 O  O   . HOH D 3 .   ? 20.540  3.451   -8.853  1.00 63.35 ? 136  HOH A O   1 
HETATM 1610 O  O   . HOH D 3 .   ? 16.024  14.817  -0.390  1.00 70.36 ? 137  HOH A O   1 
HETATM 1611 O  O   . HOH D 3 .   ? 9.743   18.866  1.625   1.00 59.86 ? 138  HOH A O   1 
HETATM 1612 O  O   . HOH D 3 .   ? -20.029 11.675  -13.457 1.00 64.01 ? 139  HOH A O   1 
HETATM 1613 O  O   . HOH D 3 .   ? -17.966 12.297  -11.174 1.00 66.69 ? 140  HOH A O   1 
HETATM 1614 O  O   . HOH D 3 .   ? 3.063   11.551  9.546   1.00 48.66 ? 141  HOH A O   1 
HETATM 1615 O  O   . HOH D 3 .   ? 0.174   11.875  6.955   1.00 58.75 ? 142  HOH A O   1 
HETATM 1616 O  O   . HOH D 3 .   ? -4.063  15.231  -3.293  1.00 47.51 ? 143  HOH A O   1 
HETATM 1617 O  O   . HOH D 3 .   ? -5.099  11.202  -9.220  1.00 44.37 ? 144  HOH A O   1 
HETATM 1618 O  O   . HOH D 3 .   ? -6.870  5.700   -14.694 1.00 49.64 ? 145  HOH A O   1 
HETATM 1619 O  O   . HOH D 3 .   ? 17.052  -6.762  6.364   1.00 48.52 ? 147  HOH A O   1 
HETATM 1620 O  O   . HOH D 3 .   ? 8.442   5.362   13.274  1.00 50.44 ? 148  HOH A O   1 
HETATM 1621 O  O   . HOH D 3 .   ? 20.469  0.079   6.889   1.00 53.44 ? 149  HOH A O   1 
HETATM 1622 O  O   . HOH D 3 .   ? 14.567  11.659  1.331   1.00 45.74 ? 150  HOH A O   1 
HETATM 1623 O  O   . HOH D 3 .   ? 24.784  12.349  -0.853  1.00 48.24 ? 151  HOH A O   1 
HETATM 1624 O  O   . HOH D 3 .   ? 16.455  7.666   -15.471 1.00 42.64 ? 152  HOH A O   1 
# 
